data_7VKX
#
_entry.id   7VKX
#
_cell.length_a   163.430
_cell.length_b   71.660
_cell.length_c   130.150
_cell.angle_alpha   90.000
_cell.angle_beta   106.000
_cell.angle_gamma   90.000
#
_symmetry.space_group_name_H-M   'C 1 2 1'
#
loop_
_entity.id
_entity.type
_entity.pdbx_description
1 polymer beta-1,2-glucosyltransferase
2 non-polymer beta-D-glucopyranose
3 non-polymer 'CALCIUM ION'
4 water water
#
_entity_poly.entity_id   1
_entity_poly.type   'polypeptide(L)'
_entity_poly.pdbx_seq_one_letter_code
;SEKYFVKNGQPHFLISGEVHYFRINPKLWRNHLQLLKQTGADTVSTYIPWDWHEIEEDDFDFEGKTHPARNLIRFIKLCK
EENLDLIVKPGPYILAEYENQGLPSWLLKKLSKNAFALDENGNVISPDLVSYLSDEFLEYTFKWYDKVMPIISKHQKEHY
GPITMMQLCNEIGVFQWLSGKSDYNPKVINLYKEFIIQRYKTIEKLNSVYSTNYNSFDDLKAPSGKIKLRSDYCAYFDFH
LFFREYYNKYISILKNKIRSFGINIKLTHNIPGWIYGNASELPMLISTYSEIMKNHPDIIFGLDHIPEFVSFRNAHSDLA
CNKILEAMQPEAPVWAAEFQAGTREHHVKAYAKDLETFYIASLAHGIKGFNYYMFSQGINPEGKGFYGKTFYFQTALDAA
SNKLALYDSIKKVNRFIRKEQKDLLRTNVNSEICVGFYKPYFFTELISSQLLKEKKLNVEELGLYIDPRFLREEILFNGL
LRGLQTLNYNYDVVDLENCDLKSLTAYKQLWITSAEFMDAETQNLLSEFVLNGGNLILYPAVPTLDNYLNRCEILKNNFG
IEFITKDSSHKVSAFGIEDVFTAFSKKQIYNDTNSKPIAFTQENEICGIRKKIGKGELTILGFAFGYTSDEHLELIDKLV
KLNKIKRELFVSDKDIQFVVRENNKSRYIFFLNYHNERKTFNYRKSSELKKKKSEEISIAPFSYKVIKENK
;
_entity_poly.pdbx_strand_id   A,B
#
# COMPACT_ATOMS: atom_id res chain seq x y z
N SER A 1 36.02 -12.06 -11.45
CA SER A 1 35.09 -10.95 -11.87
C SER A 1 34.01 -10.71 -10.80
N GLU A 2 33.43 -11.75 -10.18
CA GLU A 2 32.45 -11.55 -9.08
C GLU A 2 33.12 -11.00 -7.82
N LYS A 3 32.31 -10.31 -7.01
CA LYS A 3 32.72 -9.74 -5.71
C LYS A 3 32.07 -10.59 -4.63
N TYR A 4 32.87 -11.08 -3.70
CA TYR A 4 32.34 -11.97 -2.63
C TYR A 4 33.26 -11.89 -1.42
N PHE A 5 32.70 -12.22 -0.28
CA PHE A 5 33.43 -12.32 0.99
C PHE A 5 34.33 -13.54 0.87
N VAL A 6 35.40 -13.50 1.67
CA VAL A 6 36.47 -14.53 1.66
C VAL A 6 36.69 -14.98 3.11
N LYS A 7 36.86 -16.26 3.28
CA LYS A 7 37.27 -16.81 4.60
C LYS A 7 38.24 -17.95 4.27
N ASN A 8 39.34 -17.99 5.02
CA ASN A 8 40.39 -19.03 4.83
C ASN A 8 40.77 -19.09 3.35
N GLY A 9 40.87 -17.94 2.69
CA GLY A 9 41.31 -17.81 1.28
C GLY A 9 40.38 -18.47 0.27
N GLN A 10 39.11 -18.74 0.61
CA GLN A 10 38.11 -19.34 -0.30
C GLN A 10 36.89 -18.42 -0.32
N PRO A 11 36.08 -18.46 -1.38
CA PRO A 11 34.81 -17.72 -1.38
C PRO A 11 34.02 -18.23 -0.17
N HIS A 12 33.42 -17.30 0.54
CA HIS A 12 32.71 -17.57 1.79
C HIS A 12 31.39 -16.80 1.73
N PHE A 13 30.28 -17.50 1.86
CA PHE A 13 28.98 -16.79 1.95
C PHE A 13 28.87 -16.30 3.40
N LEU A 14 28.74 -15.00 3.60
CA LEU A 14 28.55 -14.41 4.93
C LEU A 14 27.15 -14.78 5.42
N ILE A 15 27.07 -15.61 6.44
CA ILE A 15 25.79 -15.99 7.10
C ILE A 15 25.86 -15.51 8.53
N SER A 16 25.16 -14.43 8.78
CA SER A 16 25.11 -13.78 10.10
C SER A 16 23.66 -13.88 10.61
N GLY A 17 23.52 -13.94 11.91
CA GLY A 17 22.22 -13.81 12.58
C GLY A 17 22.25 -12.72 13.60
N GLU A 18 21.22 -11.88 13.65
CA GLU A 18 21.11 -10.79 14.63
C GLU A 18 20.55 -11.34 15.94
N VAL A 19 21.31 -11.10 17.01
CA VAL A 19 20.99 -11.58 18.40
C VAL A 19 21.30 -10.42 19.34
N HIS A 20 20.28 -9.75 19.87
CA HIS A 20 20.47 -8.57 20.72
C HIS A 20 20.70 -9.00 22.16
N TYR A 21 21.96 -9.06 22.58
CA TYR A 21 22.30 -9.49 23.97
C TYR A 21 21.51 -8.67 24.99
N PHE A 22 21.30 -7.39 24.74
CA PHE A 22 20.68 -6.45 25.67
C PHE A 22 19.18 -6.77 25.86
N ARG A 23 18.63 -7.63 25.03
CA ARG A 23 17.19 -7.99 25.05
C ARG A 23 17.03 -9.46 25.36
N ILE A 24 18.07 -10.13 25.82
CA ILE A 24 18.03 -11.59 26.09
C ILE A 24 18.57 -11.85 27.49
N ASN A 25 17.85 -12.70 28.17
CA ASN A 25 18.27 -13.26 29.49
C ASN A 25 19.70 -13.74 29.40
N PRO A 26 20.66 -13.11 30.11
CA PRO A 26 22.06 -13.48 29.93
C PRO A 26 22.39 -14.94 30.23
N LYS A 27 21.56 -15.59 31.05
CA LYS A 27 21.77 -17.00 31.34
C LYS A 27 21.66 -17.81 30.05
N LEU A 28 20.94 -17.28 29.05
CA LEU A 28 20.68 -18.02 27.78
C LEU A 28 21.47 -17.47 26.60
N TRP A 29 22.38 -16.51 26.80
CA TRP A 29 23.26 -16.02 25.69
C TRP A 29 24.00 -17.17 25.02
N ARG A 30 24.65 -18.07 25.78
CA ARG A 30 25.37 -19.20 25.17
C ARG A 30 24.43 -20.06 24.35
N ASN A 31 23.21 -20.31 24.84
CA ASN A 31 22.28 -21.22 24.16
C ASN A 31 21.88 -20.60 22.81
N HIS A 32 21.55 -19.30 22.78
CA HIS A 32 21.24 -18.59 21.50
C HIS A 32 22.42 -18.73 20.54
N LEU A 33 23.64 -18.51 21.03
CA LEU A 33 24.83 -18.53 20.15
C LEU A 33 25.05 -19.95 19.60
N GLN A 34 24.90 -20.95 20.45
CA GLN A 34 25.08 -22.34 20.03
C GLN A 34 24.02 -22.71 18.99
N LEU A 35 22.76 -22.30 19.22
CA LEU A 35 21.68 -22.63 18.26
C LEU A 35 21.90 -21.89 16.93
N LEU A 36 22.43 -20.68 16.97
CA LEU A 36 22.78 -19.93 15.74
C LEU A 36 23.91 -20.67 15.01
N LYS A 37 24.96 -21.01 15.73
CA LYS A 37 26.08 -21.77 15.11
C LYS A 37 25.59 -23.10 14.49
N GLN A 38 24.63 -23.79 15.12
CA GLN A 38 24.15 -25.11 14.69
C GLN A 38 23.32 -25.00 13.41
N THR A 39 22.92 -23.78 13.00
CA THR A 39 22.31 -23.60 11.65
C THR A 39 23.38 -23.50 10.55
N GLY A 40 24.66 -23.46 10.90
CA GLY A 40 25.72 -23.24 9.90
C GLY A 40 26.06 -21.77 9.72
N ALA A 41 25.42 -20.86 10.45
CA ALA A 41 25.80 -19.44 10.50
C ALA A 41 27.24 -19.29 11.05
N ASP A 42 27.99 -18.32 10.53
CA ASP A 42 29.40 -18.07 10.90
C ASP A 42 29.56 -16.83 11.77
N THR A 43 28.59 -15.92 11.76
CA THR A 43 28.69 -14.57 12.35
C THR A 43 27.40 -14.28 13.14
N VAL A 44 27.54 -13.50 14.20
CA VAL A 44 26.39 -12.97 14.98
C VAL A 44 26.53 -11.46 14.96
N SER A 45 25.42 -10.74 14.94
CA SER A 45 25.38 -9.28 14.74
C SER A 45 24.53 -8.65 15.83
N THR A 46 24.97 -7.54 16.36
CA THR A 46 24.23 -6.81 17.41
C THR A 46 24.52 -5.33 17.44
N TYR A 47 23.51 -4.56 17.80
CA TYR A 47 23.74 -3.18 18.27
C TYR A 47 24.42 -3.23 19.64
N ILE A 48 25.12 -2.15 19.95
CA ILE A 48 25.63 -1.84 21.31
C ILE A 48 25.00 -0.51 21.69
N PRO A 49 23.82 -0.53 22.33
CA PRO A 49 23.05 0.70 22.46
C PRO A 49 23.68 1.68 23.45
N TRP A 50 23.90 2.89 22.99
CA TRP A 50 24.41 4.00 23.83
C TRP A 50 23.54 4.19 25.08
N ASP A 51 22.22 4.24 24.93
CA ASP A 51 21.31 4.42 26.10
C ASP A 51 21.51 3.28 27.12
N TRP A 52 21.78 2.07 26.68
CA TRP A 52 21.87 0.87 27.52
C TRP A 52 23.14 0.91 28.36
N HIS A 53 24.22 1.50 27.85
CA HIS A 53 25.57 1.37 28.47
C HIS A 53 26.04 2.67 29.14
N GLU A 54 25.60 3.86 28.68
CA GLU A 54 25.87 5.13 29.43
C GLU A 54 24.60 5.40 30.23
N ILE A 55 24.46 4.74 31.38
CA ILE A 55 23.19 4.64 32.16
C ILE A 55 22.81 6.01 32.78
N GLU A 56 23.82 6.81 33.12
CA GLU A 56 23.71 8.27 33.40
C GLU A 56 24.90 8.95 32.74
N GLU A 57 24.89 10.28 32.70
CA GLU A 57 25.98 11.02 32.04
C GLU A 57 27.28 10.61 32.72
N ASP A 58 28.24 10.12 31.94
CA ASP A 58 29.61 9.72 32.34
C ASP A 58 29.62 8.53 33.30
N ASP A 59 28.55 7.72 33.34
CA ASP A 59 28.47 6.47 34.11
C ASP A 59 28.25 5.32 33.12
N PHE A 60 29.31 4.56 32.87
CA PHE A 60 29.34 3.48 31.84
C PHE A 60 29.36 2.11 32.52
N ASP A 61 28.59 1.19 31.98
CA ASP A 61 28.55 -0.22 32.42
C ASP A 61 28.58 -1.09 31.18
N PHE A 62 29.71 -1.76 30.93
CA PHE A 62 29.88 -2.76 29.83
C PHE A 62 30.13 -4.13 30.44
N GLU A 63 30.01 -4.26 31.78
CA GLU A 63 30.46 -5.48 32.49
C GLU A 63 29.34 -6.09 33.32
N GLY A 64 28.11 -5.58 33.22
CA GLY A 64 26.96 -6.16 33.93
C GLY A 64 26.95 -5.78 35.41
N LYS A 65 27.59 -4.67 35.77
CA LYS A 65 27.68 -4.20 37.18
C LYS A 65 26.29 -3.82 37.67
N THR A 66 25.44 -3.24 36.82
CA THR A 66 24.14 -2.63 37.19
C THR A 66 22.96 -3.45 36.67
N HIS A 67 23.17 -4.31 35.68
CA HIS A 67 22.14 -5.17 35.07
C HIS A 67 22.91 -6.22 34.30
N PRO A 68 22.60 -7.51 34.45
CA PRO A 68 23.46 -8.53 33.89
C PRO A 68 23.56 -8.42 32.36
N ALA A 69 22.52 -7.87 31.73
CA ALA A 69 22.48 -7.79 30.25
C ALA A 69 23.23 -6.57 29.75
N ARG A 70 23.88 -5.81 30.63
CA ARG A 70 24.86 -4.75 30.23
C ARG A 70 26.26 -5.35 30.12
N ASN A 71 26.41 -6.65 30.29
CA ASN A 71 27.71 -7.36 30.23
C ASN A 71 28.10 -7.63 28.76
N LEU A 72 28.39 -6.56 28.02
CA LEU A 72 28.88 -6.62 26.63
C LEU A 72 30.16 -7.46 26.63
N ILE A 73 31.01 -7.31 27.64
CA ILE A 73 32.33 -7.99 27.61
C ILE A 73 32.12 -9.49 27.62
N ARG A 74 31.20 -9.98 28.45
CA ARG A 74 30.89 -11.41 28.51
C ARG A 74 30.28 -11.86 27.19
N PHE A 75 29.45 -11.02 26.56
CA PHE A 75 28.82 -11.46 25.28
C PHE A 75 29.94 -11.68 24.26
N ILE A 76 30.86 -10.73 24.17
CA ILE A 76 32.01 -10.86 23.25
C ILE A 76 32.78 -12.15 23.57
N LYS A 77 33.05 -12.43 24.84
CA LYS A 77 33.77 -13.67 25.26
C LYS A 77 32.99 -14.90 24.77
N LEU A 78 31.65 -14.89 24.90
CA LEU A 78 30.86 -16.06 24.51
C LEU A 78 30.90 -16.25 22.99
N CYS A 79 30.88 -15.18 22.20
CA CYS A 79 30.99 -15.29 20.72
C CYS A 79 32.30 -16.02 20.38
N LYS A 80 33.38 -15.68 21.06
CA LYS A 80 34.71 -16.32 20.83
C LYS A 80 34.65 -17.79 21.24
N GLU A 81 34.08 -18.07 22.42
CA GLU A 81 33.96 -19.45 22.94
C GLU A 81 33.13 -20.29 21.97
N GLU A 82 32.14 -19.69 21.33
CA GLU A 82 31.16 -20.43 20.50
C GLU A 82 31.57 -20.30 19.02
N ASN A 83 32.75 -19.75 18.75
CA ASN A 83 33.37 -19.69 17.40
C ASN A 83 32.45 -19.00 16.38
N LEU A 84 31.91 -17.86 16.79
CA LEU A 84 31.21 -16.92 15.88
C LEU A 84 32.02 -15.64 15.75
N ASP A 85 32.13 -15.16 14.53
CA ASP A 85 32.58 -13.76 14.31
C ASP A 85 31.45 -12.82 14.70
N LEU A 86 31.79 -11.58 14.98
CA LEU A 86 30.82 -10.62 15.55
C LEU A 86 30.83 -9.37 14.69
N ILE A 87 29.62 -8.94 14.32
CA ILE A 87 29.37 -7.59 13.79
C ILE A 87 28.82 -6.72 14.91
N VAL A 88 29.46 -5.58 15.20
CA VAL A 88 28.98 -4.66 16.25
C VAL A 88 28.52 -3.34 15.63
N LYS A 89 27.52 -2.76 16.27
CA LYS A 89 26.83 -1.58 15.71
C LYS A 89 26.55 -0.62 16.86
N PRO A 90 27.54 0.24 17.22
CA PRO A 90 27.41 1.09 18.41
C PRO A 90 26.71 2.44 18.20
N GLY A 91 26.17 2.69 17.00
CA GLY A 91 25.45 3.95 16.77
C GLY A 91 26.34 5.11 16.35
N PRO A 92 25.99 6.35 16.77
CA PRO A 92 25.09 6.58 17.91
C PRO A 92 23.59 6.21 17.82
N TYR A 93 22.98 6.44 16.67
CA TYR A 93 21.63 5.94 16.38
C TYR A 93 21.68 4.45 16.05
N ILE A 94 20.76 3.70 16.61
CA ILE A 94 20.53 2.27 16.25
C ILE A 94 19.13 2.02 15.71
N LEU A 95 18.16 2.91 15.93
CA LEU A 95 16.74 2.61 15.62
C LEU A 95 16.33 1.38 16.42
N ALA A 96 16.29 0.17 15.86
CA ALA A 96 16.15 -1.13 16.58
C ALA A 96 14.90 -1.15 17.46
N GLU A 97 13.87 -0.35 17.15
CA GLU A 97 12.66 -0.19 17.99
C GLU A 97 13.08 -0.06 19.46
N TYR A 98 14.11 0.72 19.70
CA TYR A 98 14.64 1.04 21.04
C TYR A 98 14.21 2.47 21.36
N GLU A 99 13.85 2.73 22.63
CA GLU A 99 13.38 4.08 23.02
C GLU A 99 14.41 5.11 22.57
N ASN A 100 13.93 6.24 22.06
CA ASN A 100 14.78 7.36 21.63
C ASN A 100 15.73 6.89 20.51
N GLN A 101 15.38 5.81 19.81
CA GLN A 101 16.19 5.27 18.69
C GLN A 101 17.59 4.95 19.18
N GLY A 102 17.74 4.71 20.50
CA GLY A 102 19.01 4.29 21.13
C GLY A 102 19.79 5.43 21.81
N LEU A 103 19.36 6.67 21.65
CA LEU A 103 20.04 7.80 22.33
C LEU A 103 19.65 7.78 23.80
N PRO A 104 20.56 8.11 24.73
CA PRO A 104 20.20 8.16 26.15
C PRO A 104 19.12 9.21 26.45
N SER A 105 18.20 8.85 27.35
CA SER A 105 17.16 9.81 27.81
C SER A 105 17.85 11.02 28.45
N TRP A 106 18.91 10.78 29.22
CA TRP A 106 19.59 11.89 29.95
C TRP A 106 20.15 12.87 28.92
N LEU A 107 20.61 12.41 27.74
CA LEU A 107 21.17 13.28 26.67
C LEU A 107 20.07 14.15 26.09
N LEU A 108 18.90 13.56 25.75
CA LEU A 108 17.78 14.27 25.07
C LEU A 108 17.17 15.31 26.02
N LYS A 109 17.25 15.07 27.34
CA LYS A 109 16.67 15.96 28.38
C LYS A 109 17.56 17.20 28.50
N LYS A 110 18.84 17.04 28.20
CA LYS A 110 19.93 18.02 28.45
C LYS A 110 20.22 18.87 27.21
N LEU A 111 19.93 18.39 26.00
CA LEU A 111 20.42 19.08 24.77
C LEU A 111 19.66 20.38 24.60
N SER A 112 20.30 21.42 24.07
CA SER A 112 19.65 22.69 23.64
C SER A 112 18.72 22.46 22.45
N LYS A 113 17.78 23.38 22.25
CA LYS A 113 16.90 23.39 21.05
C LYS A 113 17.76 23.19 19.79
N ASN A 114 18.91 23.87 19.71
CA ASN A 114 19.64 24.00 18.42
C ASN A 114 20.39 22.69 18.15
N ALA A 115 20.22 21.68 19.00
CA ALA A 115 20.78 20.33 18.74
C ALA A 115 19.79 19.53 17.92
N PHE A 116 18.51 19.91 17.85
CA PHE A 116 17.44 19.09 17.25
C PHE A 116 17.27 19.49 15.78
N ALA A 117 16.83 18.54 14.96
CA ALA A 117 16.33 18.80 13.61
C ALA A 117 15.12 19.73 13.73
N LEU A 118 15.10 20.82 12.97
CA LEU A 118 14.00 21.84 13.03
C LEU A 118 13.27 21.89 11.70
N ASP A 119 11.96 22.17 11.72
CA ASP A 119 11.18 22.37 10.45
C ASP A 119 11.37 23.81 9.94
N GLU A 120 10.66 24.18 8.87
CA GLU A 120 10.70 25.53 8.22
C GLU A 120 10.38 26.65 9.22
N ASN A 121 9.57 26.37 10.26
CA ASN A 121 9.14 27.38 11.26
C ASN A 121 10.09 27.39 12.47
N GLY A 122 11.09 26.52 12.50
CA GLY A 122 12.03 26.49 13.64
C GLY A 122 11.50 25.64 14.80
N ASN A 123 10.46 24.84 14.61
CA ASN A 123 9.97 23.89 15.65
C ASN A 123 10.73 22.54 15.57
N VAL A 124 10.88 21.88 16.70
CA VAL A 124 11.51 20.52 16.79
C VAL A 124 10.62 19.53 16.04
N ILE A 125 11.19 18.77 15.12
CA ILE A 125 10.44 17.77 14.31
C ILE A 125 10.08 16.60 15.23
N SER A 126 11.02 16.10 16.03
CA SER A 126 10.81 14.95 16.94
C SER A 126 11.72 15.06 18.15
N PRO A 127 11.23 14.76 19.38
CA PRO A 127 12.07 14.89 20.56
C PRO A 127 13.19 13.84 20.62
N ASP A 128 13.27 12.91 19.70
CA ASP A 128 14.43 11.98 19.61
C ASP A 128 15.24 12.23 18.34
N LEU A 129 14.97 13.32 17.61
CA LEU A 129 15.66 13.53 16.31
C LEU A 129 16.61 14.70 16.40
N VAL A 130 17.90 14.39 16.54
CA VAL A 130 18.97 15.41 16.63
C VAL A 130 19.38 15.77 15.19
N SER A 131 20.02 16.91 15.03
CA SER A 131 20.63 17.30 13.73
C SER A 131 22.03 16.67 13.74
N TYR A 132 22.38 15.90 12.72
CA TYR A 132 23.59 15.03 12.71
C TYR A 132 24.86 15.82 13.03
N LEU A 133 24.97 17.05 12.57
CA LEU A 133 26.23 17.81 12.73
C LEU A 133 26.08 18.80 13.88
N SER A 134 25.09 18.60 14.75
CA SER A 134 24.96 19.37 16.00
C SER A 134 26.28 19.26 16.77
N ASP A 135 26.87 20.39 17.18
CA ASP A 135 28.13 20.33 17.96
C ASP A 135 27.88 19.55 19.26
N GLU A 136 26.75 19.82 19.91
CA GLU A 136 26.43 19.16 21.21
C GLU A 136 26.35 17.65 20.97
N PHE A 137 25.64 17.28 19.91
CA PHE A 137 25.40 15.87 19.56
C PHE A 137 26.76 15.22 19.31
N LEU A 138 27.67 15.84 18.54
CA LEU A 138 28.97 15.20 18.23
C LEU A 138 29.86 15.16 19.47
N GLU A 139 29.77 16.18 20.35
CA GLU A 139 30.52 16.19 21.64
C GLU A 139 30.15 14.89 22.41
N TYR A 140 28.86 14.66 22.61
CA TYR A 140 28.41 13.51 23.43
C TYR A 140 28.67 12.19 22.68
N THR A 141 28.44 12.18 21.35
CA THR A 141 28.75 10.98 20.52
C THR A 141 30.20 10.58 20.74
N PHE A 142 31.11 11.57 20.73
CA PHE A 142 32.56 11.26 20.83
C PHE A 142 32.89 10.70 22.21
N LYS A 143 32.24 11.23 23.24
CA LYS A 143 32.44 10.73 24.63
C LYS A 143 31.92 9.28 24.72
N TRP A 144 30.87 8.94 24.00
CA TRP A 144 30.39 7.53 23.91
C TRP A 144 31.43 6.68 23.19
N TYR A 145 31.90 7.13 22.04
CA TYR A 145 32.94 6.45 21.26
C TYR A 145 34.16 6.26 22.14
N ASP A 146 34.49 7.25 22.98
CA ASP A 146 35.72 7.17 23.82
C ASP A 146 35.66 5.96 24.76
N LYS A 147 34.47 5.51 25.16
CA LYS A 147 34.31 4.34 26.05
C LYS A 147 34.10 3.05 25.26
N VAL A 148 33.29 3.07 24.20
CA VAL A 148 32.95 1.78 23.55
C VAL A 148 34.04 1.41 22.55
N MET A 149 34.69 2.38 21.90
CA MET A 149 35.65 2.04 20.83
C MET A 149 36.89 1.32 21.37
N PRO A 150 37.45 1.65 22.55
CA PRO A 150 38.60 0.87 23.03
C PRO A 150 38.27 -0.62 23.21
N ILE A 151 37.03 -0.90 23.60
CA ILE A 151 36.55 -2.29 23.78
C ILE A 151 36.50 -2.95 22.39
N ILE A 152 35.89 -2.30 21.40
CA ILE A 152 35.82 -2.86 20.02
C ILE A 152 37.23 -3.04 19.49
N SER A 153 38.12 -2.07 19.70
CA SER A 153 39.50 -2.09 19.16
C SER A 153 40.23 -3.31 19.68
N LYS A 154 40.04 -3.64 20.96
CA LYS A 154 40.75 -4.78 21.59
C LYS A 154 40.30 -6.10 20.93
N HIS A 155 39.03 -6.19 20.52
CA HIS A 155 38.39 -7.46 20.10
C HIS A 155 38.21 -7.52 18.58
N GLN A 156 38.84 -6.63 17.84
CA GLN A 156 38.71 -6.58 16.37
C GLN A 156 39.59 -7.67 15.73
N LYS A 157 39.20 -8.07 14.51
CA LYS A 157 39.82 -9.17 13.75
C LYS A 157 41.28 -8.82 13.47
N GLU A 158 41.59 -7.52 13.32
CA GLU A 158 42.99 -7.02 13.16
C GLU A 158 43.86 -7.30 14.42
N HIS A 159 43.25 -7.64 15.58
CA HIS A 159 43.93 -8.16 16.81
C HIS A 159 43.59 -9.65 17.02
N TYR A 160 43.18 -10.35 15.96
CA TYR A 160 42.78 -11.78 15.92
C TYR A 160 41.60 -12.03 16.85
N GLY A 161 40.77 -11.00 17.08
CA GLY A 161 39.53 -11.08 17.89
C GLY A 161 38.37 -11.43 16.98
N PRO A 162 37.16 -11.63 17.54
CA PRO A 162 35.99 -12.01 16.75
C PRO A 162 35.33 -10.88 15.95
N ILE A 163 35.58 -9.60 16.24
CA ILE A 163 34.79 -8.51 15.60
C ILE A 163 35.35 -8.26 14.20
N THR A 164 34.63 -8.67 13.18
CA THR A 164 35.02 -8.56 11.77
C THR A 164 34.52 -7.29 11.08
N MET A 165 33.39 -6.72 11.51
CA MET A 165 32.79 -5.53 10.86
C MET A 165 32.11 -4.68 11.93
N MET A 166 32.00 -3.40 11.65
CA MET A 166 31.34 -2.44 12.53
C MET A 166 30.51 -1.50 11.65
N GLN A 167 29.25 -1.37 12.00
CA GLN A 167 28.36 -0.42 11.31
C GLN A 167 28.45 0.95 11.98
N LEU A 168 28.55 1.99 11.17
CA LEU A 168 28.57 3.39 11.61
C LEU A 168 27.11 3.88 11.65
N CYS A 169 26.63 4.32 12.81
CA CYS A 169 25.26 4.84 12.99
C CYS A 169 24.28 3.79 12.42
N ASN A 170 23.17 4.24 11.83
CA ASN A 170 22.08 3.33 11.39
C ASN A 170 21.25 4.08 10.36
N GLU A 171 21.18 3.57 9.11
CA GLU A 171 20.30 4.11 8.05
C GLU A 171 20.28 5.63 8.12
N ILE A 172 21.39 6.27 7.84
CA ILE A 172 21.49 7.75 7.87
C ILE A 172 20.36 8.35 7.01
N GLY A 173 19.63 9.28 7.60
CA GLY A 173 18.49 9.96 6.95
C GLY A 173 17.16 9.26 7.11
N VAL A 174 17.09 8.08 7.70
CA VAL A 174 15.83 7.29 7.79
C VAL A 174 14.84 8.02 8.67
N PHE A 175 15.30 8.62 9.77
CA PHE A 175 14.40 9.24 10.78
C PHE A 175 13.79 10.46 10.07
N GLN A 176 14.61 11.19 9.31
CA GLN A 176 14.26 12.39 8.52
C GLN A 176 13.14 11.96 7.56
N TRP A 177 13.42 10.93 6.74
CA TRP A 177 12.50 10.35 5.72
C TRP A 177 11.16 9.94 6.38
N LEU A 178 11.18 9.18 7.46
CA LEU A 178 9.93 8.70 8.12
C LEU A 178 9.18 9.86 8.78
N SER A 179 9.86 10.89 9.28
CA SER A 179 9.21 12.11 9.89
C SER A 179 8.37 12.85 8.86
N GLY A 180 8.69 12.71 7.58
CA GLY A 180 7.98 13.43 6.51
C GLY A 180 8.42 14.86 6.38
N LYS A 181 9.45 15.28 7.11
CA LYS A 181 9.96 16.68 7.09
C LYS A 181 11.48 16.68 6.96
N SER A 182 12.06 17.71 6.32
CA SER A 182 13.53 17.88 6.18
C SER A 182 14.10 18.87 7.22
N ASP A 183 15.40 18.77 7.47
CA ASP A 183 16.05 19.51 8.57
C ASP A 183 16.45 20.91 8.10
N TYR A 184 15.93 21.93 8.80
CA TYR A 184 16.25 23.37 8.60
C TYR A 184 16.93 23.93 9.85
N ASN A 185 17.54 23.07 10.67
CA ASN A 185 18.45 23.50 11.76
C ASN A 185 19.39 24.59 11.25
N PRO A 186 19.63 25.66 12.03
CA PRO A 186 20.47 26.77 11.57
C PRO A 186 21.92 26.41 11.24
N LYS A 187 22.51 25.43 11.92
CA LYS A 187 23.88 24.98 11.52
C LYS A 187 23.85 24.32 10.13
N VAL A 188 22.85 23.51 9.86
CA VAL A 188 22.65 22.85 8.55
C VAL A 188 22.51 23.93 7.48
N ILE A 189 21.66 24.93 7.71
CA ILE A 189 21.47 26.08 6.79
C ILE A 189 22.80 26.82 6.56
N ASN A 190 23.61 27.02 7.60
CA ASN A 190 24.90 27.70 7.41
C ASN A 190 25.83 26.84 6.54
N LEU A 191 25.87 25.52 6.76
CA LEU A 191 26.68 24.60 5.91
C LEU A 191 26.19 24.61 4.47
N TYR A 192 24.88 24.72 4.29
CA TYR A 192 24.29 24.80 2.93
C TYR A 192 24.80 26.06 2.20
N LYS A 193 24.82 27.22 2.87
CA LYS A 193 25.33 28.50 2.31
C LYS A 193 26.81 28.32 1.94
N GLU A 194 27.62 27.73 2.82
CA GLU A 194 29.05 27.45 2.54
C GLU A 194 29.19 26.59 1.27
N PHE A 195 28.35 25.56 1.16
CA PHE A 195 28.30 24.61 0.03
C PHE A 195 28.00 25.38 -1.27
N ILE A 196 27.04 26.30 -1.23
CA ILE A 196 26.62 27.06 -2.43
C ILE A 196 27.77 27.99 -2.84
N ILE A 197 28.39 28.68 -1.88
CA ILE A 197 29.52 29.63 -2.19
C ILE A 197 30.67 28.82 -2.81
N GLN A 198 31.00 27.67 -2.22
CA GLN A 198 32.05 26.75 -2.73
C GLN A 198 31.68 26.35 -4.16
N ARG A 199 30.40 26.11 -4.44
CA ARG A 199 30.00 25.50 -5.73
C ARG A 199 30.01 26.57 -6.84
N TYR A 200 29.56 27.79 -6.55
CA TYR A 200 29.33 28.83 -7.58
C TYR A 200 30.41 29.92 -7.53
N LYS A 201 31.09 30.10 -6.39
CA LYS A 201 32.21 31.07 -6.17
C LYS A 201 31.70 32.50 -6.11
N THR A 202 30.88 32.92 -7.08
CA THR A 202 30.36 34.31 -7.19
C THR A 202 28.84 34.27 -7.31
N ILE A 203 28.17 35.31 -6.81
CA ILE A 203 26.70 35.43 -6.90
C ILE A 203 26.26 35.57 -8.37
N GLU A 204 27.07 36.20 -9.22
CA GLU A 204 26.75 36.31 -10.67
C GLU A 204 26.67 34.94 -11.32
N LYS A 205 27.58 34.01 -10.98
CA LYS A 205 27.54 32.63 -11.52
C LYS A 205 26.26 31.92 -11.02
N LEU A 206 25.95 32.01 -9.73
CA LEU A 206 24.67 31.42 -9.20
C LEU A 206 23.48 32.07 -9.90
N ASN A 207 23.46 33.41 -10.02
CA ASN A 207 22.34 34.07 -10.74
C ASN A 207 22.22 33.56 -12.18
N SER A 208 23.31 33.31 -12.91
CA SER A 208 23.22 32.86 -14.33
C SER A 208 22.61 31.46 -14.39
N VAL A 209 22.86 30.62 -13.38
CA VAL A 209 22.30 29.24 -13.40
C VAL A 209 20.84 29.29 -12.96
N TYR A 210 20.50 29.97 -11.86
CA TYR A 210 19.16 29.91 -11.26
C TYR A 210 18.19 30.93 -11.91
N SER A 211 18.72 31.91 -12.64
CA SER A 211 17.99 33.15 -13.07
C SER A 211 17.45 33.89 -11.84
N THR A 212 18.23 33.99 -10.76
CA THR A 212 17.89 34.79 -9.56
C THR A 212 18.49 36.20 -9.70
N ASN A 213 18.21 37.07 -8.73
CA ASN A 213 18.48 38.53 -8.84
C ASN A 213 19.16 38.98 -7.54
N TYR A 214 19.92 38.11 -6.90
CA TYR A 214 20.72 38.48 -5.69
C TYR A 214 21.82 39.48 -6.04
N ASN A 215 22.10 40.35 -5.09
CA ASN A 215 23.26 41.27 -5.13
C ASN A 215 24.48 40.60 -4.49
N SER A 216 24.24 39.62 -3.60
CA SER A 216 25.34 38.92 -2.90
C SER A 216 24.85 37.59 -2.33
N PHE A 217 25.79 36.74 -1.89
CA PHE A 217 25.46 35.48 -1.19
C PHE A 217 24.72 35.77 0.13
N ASP A 218 24.85 36.98 0.68
CA ASP A 218 24.14 37.34 1.95
C ASP A 218 22.62 37.34 1.70
N ASP A 219 22.17 37.52 0.44
CA ASP A 219 20.72 37.55 0.12
C ASP A 219 20.16 36.13 0.09
N LEU A 220 21.02 35.12 0.07
CA LEU A 220 20.66 33.71 -0.23
C LEU A 220 20.00 33.09 1.00
N LYS A 221 18.83 32.45 0.85
CA LYS A 221 18.14 31.71 1.95
C LYS A 221 17.97 30.25 1.54
N ALA A 222 17.91 29.33 2.49
CA ALA A 222 17.60 27.91 2.20
C ALA A 222 16.23 27.85 1.55
N PRO A 223 16.01 26.99 0.55
CA PRO A 223 14.70 26.94 -0.08
C PRO A 223 13.70 26.31 0.89
N SER A 224 12.49 26.85 0.88
CA SER A 224 11.38 26.35 1.74
C SER A 224 10.09 26.51 0.95
N GLY A 225 9.06 25.82 1.38
CA GLY A 225 7.76 25.90 0.72
C GLY A 225 7.79 25.25 -0.66
N LYS A 226 6.66 25.35 -1.35
CA LYS A 226 6.41 24.65 -2.63
C LYS A 226 7.24 25.29 -3.74
N ILE A 227 7.65 24.48 -4.72
CA ILE A 227 8.37 24.94 -5.93
C ILE A 227 7.31 25.52 -6.86
N LYS A 228 7.43 26.80 -7.15
CA LYS A 228 6.49 27.53 -8.06
C LYS A 228 7.24 27.96 -9.31
N LEU A 229 8.55 28.16 -9.18
CA LEU A 229 9.43 28.79 -10.20
C LEU A 229 10.59 27.83 -10.48
N ARG A 230 11.16 27.93 -11.68
CA ARG A 230 12.31 27.09 -12.04
C ARG A 230 13.47 27.45 -11.11
N SER A 231 13.55 28.71 -10.66
CA SER A 231 14.62 29.10 -9.73
C SER A 231 14.45 28.35 -8.39
N ASP A 232 13.21 28.09 -7.96
CA ASP A 232 12.96 27.32 -6.72
C ASP A 232 13.39 25.84 -6.93
N TYR A 233 13.16 25.28 -8.11
CA TYR A 233 13.63 23.91 -8.44
C TYR A 233 15.15 23.86 -8.33
N CYS A 234 15.85 24.85 -8.88
CA CYS A 234 17.34 24.95 -8.87
C CYS A 234 17.82 24.96 -7.43
N ALA A 235 17.23 25.80 -6.59
CA ALA A 235 17.69 25.93 -5.18
C ALA A 235 17.49 24.58 -4.50
N TYR A 236 16.33 23.93 -4.69
CA TYR A 236 16.07 22.61 -4.05
C TYR A 236 17.03 21.55 -4.60
N PHE A 237 17.39 21.62 -5.87
CA PHE A 237 18.28 20.61 -6.45
C PHE A 237 19.62 20.69 -5.75
N ASP A 238 20.19 21.88 -5.63
CA ASP A 238 21.46 22.04 -4.89
C ASP A 238 21.26 21.70 -3.41
N PHE A 239 20.10 21.93 -2.81
CA PHE A 239 19.80 21.51 -1.41
C PHE A 239 19.94 19.99 -1.30
N HIS A 240 19.50 19.26 -2.32
CA HIS A 240 19.68 17.79 -2.39
C HIS A 240 21.16 17.46 -2.50
N LEU A 241 21.89 18.11 -3.40
CA LEU A 241 23.34 17.83 -3.51
C LEU A 241 24.00 18.10 -2.16
N PHE A 242 23.64 19.20 -1.51
CA PHE A 242 24.19 19.56 -0.20
C PHE A 242 23.94 18.46 0.82
N PHE A 243 22.72 17.92 0.94
CA PHE A 243 22.43 16.88 1.95
C PHE A 243 23.29 15.65 1.69
N ARG A 244 23.61 15.33 0.44
CA ARG A 244 24.53 14.19 0.15
C ARG A 244 25.94 14.48 0.68
N GLU A 245 26.44 15.72 0.54
CA GLU A 245 27.75 16.13 1.14
C GLU A 245 27.64 16.10 2.66
N TYR A 246 26.51 16.57 3.17
CA TYR A 246 26.25 16.67 4.62
C TYR A 246 26.34 15.27 5.24
N TYR A 247 25.70 14.27 4.62
CA TYR A 247 25.76 12.87 5.15
C TYR A 247 27.18 12.33 5.01
N ASN A 248 27.90 12.70 3.94
CA ASN A 248 29.31 12.32 3.81
C ASN A 248 30.12 12.97 4.95
N LYS A 249 29.90 14.24 5.28
CA LYS A 249 30.64 14.95 6.36
C LYS A 249 30.40 14.18 7.68
N TYR A 250 29.13 13.83 7.97
CA TYR A 250 28.77 13.13 9.22
C TYR A 250 29.51 11.77 9.28
N ILE A 251 29.40 10.96 8.26
CA ILE A 251 29.97 9.59 8.34
C ILE A 251 31.51 9.71 8.32
N SER A 252 32.08 10.71 7.65
CA SER A 252 33.55 10.96 7.67
C SER A 252 34.01 11.28 9.11
N ILE A 253 33.29 12.16 9.82
CA ILE A 253 33.58 12.53 11.23
C ILE A 253 33.54 11.25 12.09
N LEU A 254 32.51 10.40 11.96
CA LEU A 254 32.47 9.16 12.75
C LEU A 254 33.66 8.27 12.40
N LYS A 255 33.89 8.05 11.10
CA LYS A 255 34.97 7.12 10.63
C LYS A 255 36.31 7.62 11.13
N ASN A 256 36.61 8.91 11.03
CA ASN A 256 37.93 9.40 11.45
C ASN A 256 38.09 9.17 12.96
N LYS A 257 37.02 9.40 13.72
CA LYS A 257 37.06 9.19 15.18
C LYS A 257 37.31 7.70 15.45
N ILE A 258 36.59 6.79 14.78
CA ILE A 258 36.80 5.33 14.94
C ILE A 258 38.24 4.93 14.60
N ARG A 259 38.75 5.41 13.48
CA ARG A 259 40.11 5.01 13.03
C ARG A 259 41.15 5.45 14.08
N SER A 260 40.88 6.54 14.78
CA SER A 260 41.82 7.10 15.81
C SER A 260 42.05 6.10 16.94
N PHE A 261 41.18 5.11 17.13
CA PHE A 261 41.34 4.05 18.15
C PHE A 261 42.10 2.84 17.60
N GLY A 262 42.63 2.91 16.39
CA GLY A 262 43.30 1.79 15.72
C GLY A 262 42.33 0.70 15.27
N ILE A 263 41.05 1.04 15.06
CA ILE A 263 40.07 0.07 14.52
C ILE A 263 40.24 0.01 13.00
N ASN A 264 40.77 -1.08 12.46
CA ASN A 264 41.06 -1.14 11.02
C ASN A 264 40.26 -2.24 10.36
N ILE A 265 39.25 -2.78 11.05
CA ILE A 265 38.27 -3.71 10.42
C ILE A 265 37.34 -2.96 9.46
N LYS A 266 36.57 -3.76 8.75
CA LYS A 266 35.65 -3.31 7.69
C LYS A 266 34.50 -2.53 8.34
N LEU A 267 34.23 -1.34 7.85
CA LEU A 267 33.15 -0.45 8.33
C LEU A 267 31.97 -0.65 7.39
N THR A 268 30.76 -0.60 7.93
CA THR A 268 29.53 -0.82 7.13
C THR A 268 28.53 0.30 7.33
N HIS A 269 27.57 0.32 6.41
CA HIS A 269 26.35 1.13 6.59
C HIS A 269 25.21 0.36 5.94
N ASN A 270 23.99 0.71 6.33
CA ASN A 270 22.80 -0.11 6.00
C ASN A 270 21.76 0.75 5.32
N ILE A 271 21.11 0.22 4.29
CA ILE A 271 20.23 1.04 3.41
C ILE A 271 18.77 0.73 3.74
N PRO A 272 18.01 1.77 4.13
CA PRO A 272 16.56 1.65 4.32
C PRO A 272 15.79 1.79 3.00
N GLY A 273 14.49 1.49 3.07
CA GLY A 273 13.60 1.91 2.00
C GLY A 273 12.45 0.97 1.74
N TRP A 274 12.47 -0.26 2.24
CA TRP A 274 11.27 -1.09 2.09
C TRP A 274 10.16 -0.55 2.98
N ILE A 275 8.92 -0.64 2.52
CA ILE A 275 7.72 -0.34 3.35
C ILE A 275 6.56 -1.09 2.72
N TYR A 276 5.75 -1.71 3.55
CA TYR A 276 4.57 -2.50 3.15
C TYR A 276 4.94 -3.61 2.18
N GLY A 277 6.17 -4.12 2.23
CA GLY A 277 6.60 -5.26 1.44
C GLY A 277 7.04 -4.92 0.04
N ASN A 278 7.23 -3.64 -0.28
CA ASN A 278 7.90 -3.30 -1.58
C ASN A 278 8.95 -2.22 -1.32
N ALA A 279 9.78 -2.01 -2.30
CA ALA A 279 11.01 -1.21 -2.12
C ALA A 279 11.14 -0.16 -3.23
N SER A 280 10.04 0.30 -3.81
CA SER A 280 10.10 1.28 -4.92
C SER A 280 10.73 2.60 -4.46
N GLU A 281 10.79 2.93 -3.18
CA GLU A 281 11.41 4.18 -2.71
C GLU A 281 12.85 3.91 -2.29
N LEU A 282 13.28 2.66 -2.17
CA LEU A 282 14.66 2.39 -1.70
C LEU A 282 15.66 3.05 -2.64
N PRO A 283 15.45 3.13 -3.98
CA PRO A 283 16.45 3.82 -4.81
C PRO A 283 16.64 5.30 -4.48
N MET A 284 15.58 5.98 -4.04
CA MET A 284 15.69 7.37 -3.57
C MET A 284 16.65 7.39 -2.36
N LEU A 285 16.49 6.50 -1.40
CA LEU A 285 17.27 6.50 -0.15
C LEU A 285 18.71 6.12 -0.48
N ILE A 286 18.94 5.16 -1.36
CA ILE A 286 20.36 4.80 -1.66
C ILE A 286 20.99 6.00 -2.36
N SER A 287 20.25 6.80 -3.13
CA SER A 287 20.80 7.97 -3.86
C SER A 287 21.29 9.00 -2.85
N THR A 288 20.78 9.00 -1.62
CA THR A 288 21.23 9.98 -0.60
C THR A 288 22.64 9.64 -0.12
N TYR A 289 23.15 8.45 -0.40
CA TYR A 289 24.51 8.02 -0.02
C TYR A 289 25.50 8.18 -1.18
N SER A 290 25.13 8.87 -2.26
CA SER A 290 25.98 8.98 -3.47
C SER A 290 27.39 9.52 -3.13
N GLU A 291 27.50 10.55 -2.29
CA GLU A 291 28.83 11.14 -1.98
C GLU A 291 29.58 10.24 -1.00
N ILE A 292 28.87 9.57 -0.08
CA ILE A 292 29.59 8.62 0.81
C ILE A 292 30.28 7.56 -0.04
N MET A 293 29.56 6.95 -0.96
CA MET A 293 30.05 5.82 -1.78
C MET A 293 31.19 6.28 -2.69
N LYS A 294 31.15 7.53 -3.14
CA LYS A 294 32.20 8.05 -4.04
C LYS A 294 33.48 8.27 -3.23
N ASN A 295 33.36 8.72 -1.98
CA ASN A 295 34.51 9.20 -1.18
C ASN A 295 35.04 8.14 -0.21
N HIS A 296 34.32 7.05 0.03
CA HIS A 296 34.73 6.02 1.01
C HIS A 296 34.56 4.62 0.44
N PRO A 297 35.51 4.16 -0.39
CA PRO A 297 35.41 2.83 -0.97
C PRO A 297 35.68 1.76 0.09
N ASP A 298 36.10 2.16 1.30
CA ASP A 298 36.36 1.23 2.42
C ASP A 298 35.08 0.98 3.26
N ILE A 299 33.97 1.68 3.01
CA ILE A 299 32.71 1.47 3.78
C ILE A 299 31.77 0.63 2.90
N ILE A 300 31.39 -0.56 3.38
CA ILE A 300 30.53 -1.48 2.58
C ILE A 300 29.09 -1.20 2.98
N PHE A 301 28.30 -0.77 2.03
CA PHE A 301 26.84 -0.63 2.24
C PHE A 301 26.17 -1.98 2.03
N GLY A 302 25.21 -2.29 2.87
CA GLY A 302 24.37 -3.49 2.68
C GLY A 302 22.91 -3.11 2.71
N LEU A 303 22.07 -3.95 2.16
CA LEU A 303 20.62 -3.63 2.04
C LEU A 303 19.84 -4.11 3.27
N ASP A 304 18.76 -3.39 3.62
CA ASP A 304 17.84 -3.82 4.69
C ASP A 304 16.57 -4.29 4.00
N HIS A 305 16.47 -5.59 3.72
CA HIS A 305 15.37 -6.16 2.93
C HIS A 305 14.22 -6.59 3.84
N ILE A 306 13.03 -5.98 3.66
CA ILE A 306 11.80 -6.29 4.43
C ILE A 306 10.67 -6.65 3.48
N PRO A 307 10.70 -7.84 2.83
CA PRO A 307 9.66 -8.23 1.86
C PRO A 307 8.27 -8.52 2.45
N GLU A 308 8.19 -8.97 3.71
CA GLU A 308 6.93 -9.27 4.45
C GLU A 308 6.22 -10.49 3.90
N PHE A 309 6.17 -10.69 2.59
CA PHE A 309 5.60 -11.87 1.94
C PHE A 309 6.44 -12.12 0.70
N VAL A 310 6.16 -13.14 -0.07
CA VAL A 310 6.94 -13.46 -1.30
C VAL A 310 5.98 -13.86 -2.42
N SER A 311 5.64 -12.92 -3.28
CA SER A 311 4.69 -13.24 -4.38
C SER A 311 4.98 -12.37 -5.57
N PHE A 312 4.20 -12.56 -6.63
CA PHE A 312 4.37 -11.70 -7.82
C PHE A 312 4.16 -10.24 -7.45
N ARG A 313 3.39 -9.97 -6.38
CA ARG A 313 3.13 -8.57 -5.96
C ARG A 313 4.44 -7.85 -5.60
N ASN A 314 5.48 -8.57 -5.12
CA ASN A 314 6.74 -7.87 -4.77
C ASN A 314 8.00 -8.56 -5.28
N ALA A 315 7.88 -9.46 -6.22
CA ALA A 315 8.99 -10.32 -6.71
C ALA A 315 10.13 -9.44 -7.20
N HIS A 316 9.82 -8.32 -7.81
CA HIS A 316 10.84 -7.51 -8.52
C HIS A 316 11.59 -6.58 -7.56
N SER A 317 11.07 -6.35 -6.37
CA SER A 317 11.70 -5.36 -5.48
C SER A 317 13.15 -5.78 -5.13
N ASP A 318 13.38 -7.00 -4.67
CA ASP A 318 14.73 -7.35 -4.15
C ASP A 318 15.75 -7.39 -5.29
N LEU A 319 15.37 -7.90 -6.47
CA LEU A 319 16.31 -7.90 -7.61
C LEU A 319 16.68 -6.46 -7.98
N ALA A 320 15.68 -5.59 -8.20
CA ALA A 320 15.98 -4.21 -8.58
C ALA A 320 16.90 -3.52 -7.56
N CYS A 321 16.66 -3.71 -6.26
CA CYS A 321 17.47 -3.10 -5.19
C CYS A 321 18.89 -3.69 -5.25
N ASN A 322 19.03 -4.99 -5.43
CA ASN A 322 20.35 -5.64 -5.48
C ASN A 322 21.12 -5.08 -6.67
N LYS A 323 20.44 -4.88 -7.80
CA LYS A 323 21.09 -4.42 -9.05
C LYS A 323 21.53 -2.97 -8.89
N ILE A 324 20.71 -2.14 -8.24
CA ILE A 324 21.04 -0.73 -7.99
C ILE A 324 22.22 -0.64 -7.02
N LEU A 325 22.28 -1.50 -6.02
CA LEU A 325 23.43 -1.47 -5.09
C LEU A 325 24.68 -1.83 -5.89
N GLU A 326 24.63 -2.86 -6.69
CA GLU A 326 25.77 -3.23 -7.58
C GLU A 326 26.20 -2.03 -8.42
N ALA A 327 25.26 -1.27 -8.97
CA ALA A 327 25.60 -0.10 -9.83
C ALA A 327 26.35 0.94 -9.03
N MET A 328 25.88 1.22 -7.82
CA MET A 328 26.52 2.26 -6.96
C MET A 328 27.77 1.73 -6.25
N GLN A 329 27.93 0.42 -6.12
CA GLN A 329 29.01 -0.18 -5.30
C GLN A 329 29.55 -1.39 -6.03
N PRO A 330 30.18 -1.22 -7.21
CA PRO A 330 30.60 -2.34 -8.05
C PRO A 330 31.77 -3.16 -7.52
N GLU A 331 32.49 -2.61 -6.55
CA GLU A 331 33.77 -3.19 -6.07
C GLU A 331 33.56 -3.91 -4.75
N ALA A 332 32.33 -4.05 -4.27
CA ALA A 332 32.08 -4.78 -3.00
C ALA A 332 30.95 -5.75 -3.25
N PRO A 333 30.88 -6.83 -2.48
CA PRO A 333 29.77 -7.78 -2.64
C PRO A 333 28.42 -7.10 -2.32
N VAL A 334 27.39 -7.56 -2.99
CA VAL A 334 25.98 -7.18 -2.66
C VAL A 334 25.60 -8.04 -1.48
N TRP A 335 25.16 -7.43 -0.41
CA TRP A 335 24.80 -8.19 0.81
C TRP A 335 23.68 -7.45 1.52
N ALA A 336 22.98 -8.19 2.37
CA ALA A 336 21.87 -7.63 3.16
C ALA A 336 22.35 -7.50 4.61
N ALA A 337 22.59 -6.28 5.07
CA ALA A 337 22.88 -5.98 6.49
C ALA A 337 21.72 -6.41 7.40
N GLU A 338 20.48 -6.25 6.93
CA GLU A 338 19.28 -6.75 7.64
C GLU A 338 18.45 -7.54 6.66
N PHE A 339 18.24 -8.81 6.93
CA PHE A 339 17.70 -9.75 5.94
C PHE A 339 16.53 -10.42 6.61
N GLN A 340 15.31 -10.06 6.24
CA GLN A 340 14.16 -10.36 7.08
C GLN A 340 14.15 -11.80 7.57
N ALA A 341 13.98 -11.94 8.87
CA ALA A 341 13.71 -13.17 9.61
C ALA A 341 12.67 -12.77 10.67
N GLY A 342 11.53 -13.47 10.67
CA GLY A 342 10.40 -13.03 11.50
C GLY A 342 9.88 -11.69 11.03
N THR A 343 9.16 -11.00 11.88
CA THR A 343 8.46 -9.74 11.58
C THR A 343 8.64 -8.76 12.74
N ARG A 344 8.92 -7.52 12.39
CA ARG A 344 8.93 -6.43 13.37
C ARG A 344 7.53 -6.13 13.94
N GLU A 345 6.47 -6.60 13.28
CA GLU A 345 5.10 -6.14 13.59
C GLU A 345 4.21 -7.36 13.77
N HIS A 346 3.62 -7.57 14.95
CA HIS A 346 2.84 -8.81 15.23
C HIS A 346 1.77 -9.05 14.16
N HIS A 347 1.11 -7.97 13.72
CA HIS A 347 -0.03 -8.02 12.77
C HIS A 347 0.42 -8.18 11.33
N VAL A 348 1.72 -8.22 11.05
CA VAL A 348 2.26 -8.38 9.69
C VAL A 348 3.03 -9.68 9.67
N LYS A 349 2.36 -10.76 9.32
CA LYS A 349 2.93 -12.09 9.51
C LYS A 349 4.14 -12.29 8.57
N ALA A 350 5.09 -13.08 9.04
CA ALA A 350 6.28 -13.52 8.31
C ALA A 350 6.31 -15.04 8.36
N TYR A 351 5.87 -15.68 7.28
CA TYR A 351 5.74 -17.15 7.22
C TYR A 351 7.09 -17.76 6.89
N ALA A 352 7.50 -18.77 7.63
CA ALA A 352 8.73 -19.50 7.31
C ALA A 352 8.75 -19.93 5.84
N LYS A 353 7.63 -20.46 5.32
CA LYS A 353 7.58 -20.95 3.92
C LYS A 353 7.75 -19.78 2.95
N ASP A 354 7.32 -18.58 3.32
CA ASP A 354 7.56 -17.41 2.44
C ASP A 354 9.05 -17.09 2.47
N LEU A 355 9.58 -16.89 3.67
CA LEU A 355 10.95 -16.35 3.77
C LEU A 355 11.94 -17.37 3.21
N GLU A 356 11.70 -18.67 3.37
CA GLU A 356 12.62 -19.68 2.78
C GLU A 356 12.75 -19.41 1.27
N THR A 357 11.64 -19.19 0.59
CA THR A 357 11.67 -18.87 -0.84
C THR A 357 12.40 -17.54 -1.07
N PHE A 358 12.12 -16.52 -0.27
CA PHE A 358 12.85 -15.25 -0.39
C PHE A 358 14.37 -15.47 -0.30
N TYR A 359 14.78 -16.34 0.60
CA TYR A 359 16.23 -16.57 0.79
C TYR A 359 16.83 -17.14 -0.50
N ILE A 360 16.16 -18.14 -1.06
CA ILE A 360 16.65 -18.78 -2.32
C ILE A 360 16.55 -17.79 -3.47
N ALA A 361 15.46 -17.05 -3.59
CA ALA A 361 15.35 -15.99 -4.64
C ALA A 361 16.51 -14.99 -4.52
N SER A 362 16.90 -14.65 -3.31
CA SER A 362 17.99 -13.68 -3.05
C SER A 362 19.28 -14.25 -3.63
N LEU A 363 19.53 -15.55 -3.45
CA LEU A 363 20.70 -16.19 -4.10
C LEU A 363 20.60 -16.04 -5.63
N ALA A 364 19.45 -16.40 -6.22
CA ALA A 364 19.19 -16.22 -7.67
C ALA A 364 19.52 -14.79 -8.09
N HIS A 365 19.10 -13.82 -7.27
CA HIS A 365 19.21 -12.35 -7.53
C HIS A 365 20.56 -11.77 -7.10
N GLY A 366 21.55 -12.63 -6.84
CA GLY A 366 22.95 -12.16 -6.78
C GLY A 366 23.44 -11.79 -5.40
N ILE A 367 22.73 -12.10 -4.33
CA ILE A 367 23.20 -11.73 -2.95
C ILE A 367 24.41 -12.64 -2.60
N LYS A 368 25.37 -12.05 -1.90
CA LYS A 368 26.65 -12.72 -1.59
C LYS A 368 26.80 -12.92 -0.07
N GLY A 369 25.92 -12.35 0.71
CA GLY A 369 25.97 -12.50 2.17
C GLY A 369 24.73 -11.86 2.77
N PHE A 370 24.40 -12.24 4.00
CA PHE A 370 23.24 -11.61 4.67
C PHE A 370 23.29 -11.89 6.16
N ASN A 371 22.51 -11.10 6.88
CA ASN A 371 22.39 -11.08 8.34
C ASN A 371 20.92 -11.22 8.64
N TYR A 372 20.50 -12.40 9.05
CA TYR A 372 19.09 -12.67 9.43
C TYR A 372 18.70 -11.71 10.54
N TYR A 373 17.69 -10.89 10.27
CA TYR A 373 17.27 -9.80 11.15
C TYR A 373 15.75 -9.98 11.31
N MET A 374 15.26 -10.60 12.39
CA MET A 374 15.94 -11.02 13.60
C MET A 374 16.06 -12.51 13.65
N PHE A 375 17.27 -13.04 13.85
CA PHE A 375 17.43 -14.48 14.11
C PHE A 375 16.77 -14.85 15.44
N SER A 376 17.07 -14.09 16.47
CA SER A 376 16.53 -14.23 17.83
C SER A 376 15.63 -13.03 18.12
N GLN A 377 14.45 -13.35 18.60
CA GLN A 377 13.53 -12.41 19.25
C GLN A 377 14.21 -11.77 20.48
N GLY A 378 13.72 -10.63 20.88
CA GLY A 378 14.17 -10.01 22.14
C GLY A 378 13.02 -9.67 23.04
N ILE A 379 13.30 -9.50 24.32
CA ILE A 379 12.38 -8.87 25.29
C ILE A 379 13.00 -7.55 25.68
N ASN A 380 12.31 -6.45 25.46
CA ASN A 380 12.80 -5.11 25.85
C ASN A 380 12.95 -5.10 27.37
N PRO A 381 14.13 -4.70 27.89
CA PRO A 381 14.32 -4.61 29.33
C PRO A 381 13.61 -3.33 29.77
N GLU A 382 13.20 -3.29 31.03
CA GLU A 382 12.89 -2.04 31.78
C GLU A 382 12.20 -0.99 30.90
N GLY A 383 11.16 -1.34 30.13
CA GLY A 383 10.36 -0.37 29.37
C GLY A 383 11.15 0.35 28.26
N LYS A 384 12.26 -0.20 27.80
CA LYS A 384 13.19 0.53 26.87
C LYS A 384 12.82 0.22 25.42
N GLY A 385 11.78 -0.57 25.19
CA GLY A 385 11.19 -0.80 23.86
C GLY A 385 10.47 0.47 23.44
N PHE A 386 10.62 0.85 22.18
CA PHE A 386 9.88 1.99 21.59
C PHE A 386 8.39 1.64 21.65
N TYR A 387 8.06 0.39 21.33
CA TYR A 387 6.70 -0.15 21.24
C TYR A 387 6.50 -0.96 22.53
N GLY A 388 6.07 -2.19 22.43
CA GLY A 388 5.66 -3.01 23.58
C GLY A 388 6.83 -3.75 24.18
N LYS A 389 6.53 -4.83 24.86
CA LYS A 389 7.53 -5.64 25.60
C LYS A 389 8.37 -6.46 24.63
N THR A 390 7.82 -6.92 23.52
CA THR A 390 8.47 -7.95 22.69
C THR A 390 9.07 -7.33 21.43
N PHE A 391 10.28 -7.76 21.09
CA PHE A 391 10.98 -7.25 19.90
C PHE A 391 11.06 -8.39 18.90
N TYR A 392 10.29 -8.25 17.83
CA TYR A 392 10.14 -9.21 16.71
C TYR A 392 9.35 -10.45 17.13
N PHE A 393 8.78 -11.08 16.11
CA PHE A 393 7.92 -12.26 16.21
C PHE A 393 8.23 -13.25 15.08
N GLN A 394 7.90 -14.54 15.28
CA GLN A 394 8.05 -15.57 14.23
C GLN A 394 9.49 -15.62 13.71
N THR A 395 10.42 -15.43 14.62
CA THR A 395 11.87 -15.42 14.33
C THR A 395 12.37 -16.87 14.28
N ALA A 396 13.69 -17.10 14.17
CA ALA A 396 14.26 -18.48 14.23
C ALA A 396 14.22 -19.02 15.67
N LEU A 397 14.55 -18.16 16.61
CA LEU A 397 14.49 -18.45 18.06
C LEU A 397 13.63 -17.41 18.73
N ASP A 398 12.81 -17.82 19.69
CA ASP A 398 12.15 -16.82 20.56
C ASP A 398 13.16 -16.28 21.58
N ALA A 399 12.77 -15.31 22.42
CA ALA A 399 13.71 -14.58 23.29
C ALA A 399 14.32 -15.56 24.29
N ALA A 400 13.63 -16.66 24.62
CA ALA A 400 14.12 -17.70 25.56
C ALA A 400 14.88 -18.79 24.83
N SER A 401 15.19 -18.60 23.55
CA SER A 401 15.95 -19.55 22.68
C SER A 401 15.13 -20.77 22.31
N ASN A 402 13.82 -20.75 22.45
CA ASN A 402 12.97 -21.82 21.86
C ASN A 402 13.09 -21.77 20.33
N LYS A 403 13.33 -22.91 19.72
CA LYS A 403 13.26 -23.04 18.25
C LYS A 403 11.83 -22.80 17.76
N LEU A 404 11.69 -22.02 16.69
CA LEU A 404 10.39 -21.74 16.03
C LEU A 404 10.49 -22.28 14.61
N ALA A 405 9.40 -22.25 13.86
CA ALA A 405 9.31 -22.86 12.50
C ALA A 405 10.46 -22.35 11.60
N LEU A 406 10.81 -21.07 11.67
CA LEU A 406 11.81 -20.48 10.74
C LEU A 406 13.17 -21.17 10.93
N TYR A 407 13.50 -21.63 12.14
CA TYR A 407 14.83 -22.25 12.43
C TYR A 407 15.17 -23.32 11.37
N ASP A 408 14.25 -24.25 11.13
CA ASP A 408 14.53 -25.37 10.20
C ASP A 408 14.65 -24.87 8.75
N SER A 409 13.92 -23.83 8.38
CA SER A 409 14.04 -23.21 7.02
C SER A 409 15.44 -22.63 6.87
N ILE A 410 15.92 -21.94 7.88
CA ILE A 410 17.27 -21.30 7.86
C ILE A 410 18.33 -22.39 7.84
N LYS A 411 18.16 -23.44 8.62
CA LYS A 411 19.15 -24.54 8.61
C LYS A 411 19.21 -25.15 7.19
N LYS A 412 18.07 -25.41 6.59
CA LYS A 412 18.00 -25.95 5.22
C LYS A 412 18.73 -25.04 4.21
N VAL A 413 18.36 -23.76 4.15
CA VAL A 413 18.96 -22.80 3.19
C VAL A 413 20.48 -22.74 3.43
N ASN A 414 20.87 -22.61 4.70
CA ASN A 414 22.30 -22.47 5.07
C ASN A 414 23.06 -23.71 4.60
N ARG A 415 22.51 -24.92 4.73
CA ARG A 415 23.16 -26.18 4.28
C ARG A 415 23.37 -26.17 2.77
N PHE A 416 22.38 -25.70 2.00
CA PHE A 416 22.55 -25.57 0.55
C PHE A 416 23.66 -24.55 0.26
N ILE A 417 23.65 -23.42 0.99
CA ILE A 417 24.65 -22.35 0.75
C ILE A 417 26.03 -22.94 1.01
N ARG A 418 26.21 -23.59 2.14
CA ARG A 418 27.58 -24.10 2.46
C ARG A 418 28.02 -25.14 1.45
N LYS A 419 27.11 -25.96 0.95
CA LYS A 419 27.45 -27.01 -0.05
C LYS A 419 27.91 -26.35 -1.35
N GLU A 420 27.35 -25.20 -1.73
CA GLU A 420 27.49 -24.65 -3.09
C GLU A 420 28.35 -23.39 -3.13
N GLN A 421 28.67 -22.76 -1.99
CA GLN A 421 29.20 -21.39 -1.96
C GLN A 421 30.45 -21.24 -2.84
N LYS A 422 31.38 -22.19 -2.82
CA LYS A 422 32.66 -21.97 -3.55
C LYS A 422 32.38 -21.73 -5.03
N ASP A 423 31.40 -22.40 -5.60
CA ASP A 423 31.09 -22.26 -7.05
C ASP A 423 30.02 -21.16 -7.21
N LEU A 424 28.96 -21.23 -6.44
CA LEU A 424 27.83 -20.25 -6.58
C LEU A 424 28.33 -18.80 -6.46
N LEU A 425 29.22 -18.48 -5.54
CA LEU A 425 29.66 -17.09 -5.34
C LEU A 425 30.44 -16.54 -6.53
N ARG A 426 30.99 -17.43 -7.35
CA ARG A 426 31.82 -17.06 -8.53
C ARG A 426 30.94 -17.07 -9.79
N THR A 427 29.62 -17.17 -9.64
CA THR A 427 28.71 -17.18 -10.82
C THR A 427 28.09 -15.80 -11.02
N ASN A 428 27.80 -15.53 -12.28
CA ASN A 428 27.05 -14.32 -12.66
C ASN A 428 26.03 -14.69 -13.72
N VAL A 429 25.07 -13.81 -13.93
CA VAL A 429 24.09 -13.95 -15.03
C VAL A 429 24.75 -13.32 -16.26
N ASN A 430 24.30 -13.72 -17.43
CA ASN A 430 24.82 -13.18 -18.69
C ASN A 430 23.86 -12.05 -19.12
N SER A 431 24.16 -10.82 -18.73
CA SER A 431 23.29 -9.67 -19.07
C SER A 431 23.73 -9.07 -20.41
N GLU A 432 22.85 -9.01 -21.38
CA GLU A 432 23.09 -8.32 -22.67
C GLU A 432 22.31 -7.01 -22.71
N ILE A 433 21.53 -6.74 -21.65
CA ILE A 433 20.75 -5.49 -21.47
C ILE A 433 21.35 -4.70 -20.34
N CYS A 434 21.59 -3.43 -20.54
CA CYS A 434 21.98 -2.51 -19.47
C CYS A 434 20.87 -1.48 -19.31
N VAL A 435 20.56 -1.14 -18.08
CA VAL A 435 19.54 -0.11 -17.77
C VAL A 435 20.25 1.02 -17.04
N GLY A 436 20.10 2.22 -17.55
CA GLY A 436 20.76 3.37 -16.94
C GLY A 436 20.11 3.78 -15.64
N PHE A 437 20.94 4.11 -14.66
CA PHE A 437 20.57 4.73 -13.36
C PHE A 437 21.05 6.17 -13.42
N TYR A 438 20.11 7.09 -13.63
CA TYR A 438 20.39 8.55 -13.69
C TYR A 438 20.04 9.14 -12.33
N LYS A 439 21.04 9.32 -11.48
CA LYS A 439 20.83 9.61 -10.04
C LYS A 439 20.00 10.86 -9.80
N PRO A 440 20.16 11.95 -10.60
CA PRO A 440 19.39 13.16 -10.33
C PRO A 440 17.87 13.01 -10.32
N TYR A 441 17.35 12.00 -11.01
CA TYR A 441 15.90 11.74 -11.01
C TYR A 441 15.48 11.27 -9.63
N PHE A 442 16.41 10.76 -8.82
CA PHE A 442 16.13 10.15 -7.49
C PHE A 442 16.32 11.19 -6.38
N PHE A 443 16.88 12.37 -6.68
CA PHE A 443 17.28 13.40 -5.69
C PHE A 443 16.05 14.25 -5.38
N THR A 444 15.00 13.65 -4.80
CA THR A 444 13.73 14.38 -4.52
C THR A 444 13.25 14.18 -3.09
N GLU A 445 14.07 13.66 -2.18
CA GLU A 445 13.56 13.31 -0.83
C GLU A 445 13.09 14.58 -0.08
N LEU A 446 13.57 15.78 -0.45
CA LEU A 446 13.17 17.07 0.17
C LEU A 446 11.84 17.55 -0.43
N ILE A 447 11.39 17.03 -1.59
CA ILE A 447 10.29 17.70 -2.35
C ILE A 447 9.24 16.71 -2.86
N SER A 448 9.53 15.42 -2.98
CA SER A 448 8.56 14.45 -3.55
C SER A 448 8.97 13.04 -3.18
N SER A 449 8.17 12.38 -2.35
CA SER A 449 8.38 10.97 -1.98
C SER A 449 7.08 10.41 -1.44
N GLN A 450 7.06 9.11 -1.25
CA GLN A 450 5.92 8.38 -0.65
C GLN A 450 5.75 8.81 0.81
N LEU A 451 6.79 9.35 1.50
CA LEU A 451 6.70 9.65 2.97
C LEU A 451 6.61 11.17 3.23
N LEU A 452 6.93 12.02 2.25
CA LEU A 452 7.01 13.48 2.48
C LEU A 452 5.59 14.01 2.78
N LYS A 453 5.46 14.82 3.84
CA LYS A 453 4.12 15.25 4.36
C LYS A 453 3.44 16.16 3.32
N GLU A 454 4.18 17.10 2.74
CA GLU A 454 3.61 17.97 1.66
C GLU A 454 4.45 17.78 0.40
N LYS A 455 3.81 17.50 -0.73
CA LYS A 455 4.47 17.49 -2.07
C LYS A 455 4.92 18.92 -2.42
N LYS A 456 6.21 19.17 -2.54
CA LYS A 456 6.70 20.50 -2.93
C LYS A 456 6.89 20.55 -4.44
N LEU A 457 6.99 19.40 -5.12
CA LEU A 457 7.32 19.36 -6.57
C LEU A 457 6.06 19.06 -7.38
N ASN A 458 5.64 20.03 -8.18
CA ASN A 458 4.53 19.87 -9.15
C ASN A 458 5.07 20.31 -10.50
N VAL A 459 5.54 19.37 -11.33
CA VAL A 459 6.35 19.73 -12.53
C VAL A 459 5.53 20.58 -13.52
N GLU A 460 4.19 20.49 -13.52
CA GLU A 460 3.32 21.27 -14.46
C GLU A 460 3.51 22.76 -14.15
N GLU A 461 3.80 23.13 -12.90
CA GLU A 461 4.08 24.54 -12.54
C GLU A 461 5.38 25.04 -13.17
N LEU A 462 6.27 24.14 -13.62
CA LEU A 462 7.57 24.47 -14.23
C LEU A 462 7.49 24.36 -15.75
N GLY A 463 6.31 24.12 -16.32
CA GLY A 463 6.19 23.92 -17.76
C GLY A 463 6.68 22.56 -18.22
N LEU A 464 6.68 21.57 -17.32
CA LEU A 464 7.10 20.17 -17.60
C LEU A 464 5.89 19.26 -17.44
N TYR A 465 5.99 18.02 -17.94
CA TYR A 465 4.92 17.03 -17.72
C TYR A 465 5.45 15.69 -17.23
N ILE A 466 6.74 15.42 -17.29
CA ILE A 466 7.26 14.12 -16.80
C ILE A 466 7.85 14.29 -15.41
N ASP A 467 7.11 13.80 -14.42
CA ASP A 467 7.60 13.91 -13.02
C ASP A 467 8.67 12.83 -12.80
N PRO A 468 9.83 13.19 -12.22
CA PRO A 468 10.95 12.25 -12.11
C PRO A 468 10.59 11.10 -11.15
N ARG A 469 9.77 11.35 -10.14
CA ARG A 469 9.44 10.27 -9.18
C ARG A 469 8.44 9.31 -9.85
N PHE A 470 7.47 9.80 -10.60
CA PHE A 470 6.58 8.95 -11.37
C PHE A 470 7.44 8.11 -12.32
N LEU A 471 8.34 8.77 -13.05
CA LEU A 471 9.19 8.06 -14.02
C LEU A 471 9.93 6.93 -13.31
N ARG A 472 10.63 7.24 -12.22
CA ARG A 472 11.58 6.25 -11.65
C ARG A 472 10.80 5.16 -10.91
N GLU A 473 9.61 5.44 -10.40
CA GLU A 473 8.80 4.43 -9.67
C GLU A 473 7.96 3.58 -10.63
N GLU A 474 7.22 4.21 -11.57
CA GLU A 474 6.21 3.46 -12.35
C GLU A 474 6.76 3.03 -13.71
N ILE A 475 7.58 3.87 -14.34
CA ILE A 475 8.10 3.55 -15.69
C ILE A 475 9.35 2.66 -15.53
N LEU A 476 10.23 2.97 -14.57
CA LEU A 476 11.48 2.19 -14.33
C LEU A 476 11.22 1.03 -13.36
N PHE A 477 10.98 1.29 -12.09
CA PHE A 477 11.08 0.22 -11.05
C PHE A 477 9.97 -0.80 -11.21
N ASN A 478 8.72 -0.34 -11.25
CA ASN A 478 7.53 -1.23 -11.37
C ASN A 478 7.18 -1.49 -12.82
N GLY A 479 7.88 -0.87 -13.76
CA GLY A 479 7.59 -1.01 -15.19
C GLY A 479 8.68 -1.83 -15.83
N LEU A 480 9.71 -1.17 -16.34
CA LEU A 480 10.74 -1.87 -17.13
C LEU A 480 11.46 -2.96 -16.31
N LEU A 481 11.92 -2.65 -15.10
CA LEU A 481 12.68 -3.64 -14.30
C LEU A 481 11.76 -4.83 -13.98
N ARG A 482 10.52 -4.54 -13.56
CA ARG A 482 9.55 -5.63 -13.27
C ARG A 482 9.29 -6.42 -14.55
N GLY A 483 9.10 -5.75 -15.69
CA GLY A 483 8.80 -6.45 -16.94
C GLY A 483 9.95 -7.35 -17.38
N LEU A 484 11.19 -6.84 -17.35
CA LEU A 484 12.34 -7.68 -17.75
C LEU A 484 12.44 -8.93 -16.86
N GLN A 485 12.30 -8.74 -15.55
CA GLN A 485 12.35 -9.88 -14.60
C GLN A 485 11.25 -10.89 -14.93
N THR A 486 10.05 -10.41 -15.15
CA THR A 486 8.88 -11.26 -15.41
C THR A 486 9.10 -12.03 -16.71
N LEU A 487 9.73 -11.38 -17.70
CA LEU A 487 10.01 -11.97 -19.04
C LEU A 487 11.28 -12.85 -18.98
N ASN A 488 11.97 -12.88 -17.86
CA ASN A 488 13.21 -13.68 -17.67
C ASN A 488 14.33 -13.22 -18.60
N TYR A 489 14.45 -11.92 -18.79
CA TYR A 489 15.61 -11.32 -19.47
C TYR A 489 16.54 -10.74 -18.41
N ASN A 490 17.77 -11.19 -18.41
CA ASN A 490 18.81 -10.61 -17.54
C ASN A 490 18.99 -9.14 -17.88
N TYR A 491 19.14 -8.30 -16.89
CA TYR A 491 19.67 -6.92 -17.04
C TYR A 491 20.71 -6.64 -15.97
N ASP A 492 21.55 -5.69 -16.29
CA ASP A 492 22.43 -5.01 -15.32
C ASP A 492 22.02 -3.54 -15.27
N VAL A 493 22.27 -2.91 -14.13
CA VAL A 493 22.07 -1.45 -13.96
C VAL A 493 23.44 -0.81 -13.93
N VAL A 494 23.60 0.30 -14.62
CA VAL A 494 24.88 1.06 -14.55
C VAL A 494 24.62 2.50 -14.12
N ASP A 495 25.38 2.99 -13.15
CA ASP A 495 25.32 4.40 -12.72
C ASP A 495 25.89 5.26 -13.85
N LEU A 496 25.10 6.17 -14.39
CA LEU A 496 25.56 6.95 -15.56
C LEU A 496 26.59 8.01 -15.13
N GLU A 497 26.72 8.29 -13.85
CA GLU A 497 27.62 9.39 -13.39
C GLU A 497 29.09 8.98 -13.54
N ASN A 498 29.88 9.81 -14.23
CA ASN A 498 31.32 9.55 -14.48
C ASN A 498 31.49 8.19 -15.14
N CYS A 499 30.48 7.72 -15.88
CA CYS A 499 30.43 6.35 -16.43
C CYS A 499 31.40 6.22 -17.61
N ASP A 500 32.20 5.15 -17.62
CA ASP A 500 33.15 4.80 -18.71
C ASP A 500 32.37 4.38 -19.97
N LEU A 501 32.61 5.03 -21.12
CA LEU A 501 32.04 4.57 -22.41
C LEU A 501 32.35 3.07 -22.57
N LYS A 502 33.56 2.68 -22.20
CA LYS A 502 34.10 1.30 -22.33
C LYS A 502 33.20 0.32 -21.59
N SER A 503 32.59 0.72 -20.47
CA SER A 503 31.70 -0.13 -19.63
C SER A 503 30.33 -0.35 -20.28
N LEU A 504 29.87 0.56 -21.14
CA LEU A 504 28.57 0.40 -21.82
C LEU A 504 28.70 -0.50 -23.05
N THR A 505 29.88 -0.61 -23.67
CA THR A 505 30.04 -1.22 -25.02
C THR A 505 29.86 -2.73 -24.97
N ALA A 506 29.98 -3.40 -23.82
CA ALA A 506 29.81 -4.87 -23.68
C ALA A 506 28.34 -5.26 -23.90
N TYR A 507 27.41 -4.34 -23.69
CA TYR A 507 25.97 -4.66 -23.71
C TYR A 507 25.46 -4.51 -25.15
N LYS A 508 24.51 -5.36 -25.54
CA LYS A 508 23.82 -5.28 -26.85
C LYS A 508 22.76 -4.18 -26.87
N GLN A 509 22.24 -3.75 -25.71
CA GLN A 509 21.25 -2.64 -25.65
C GLN A 509 21.47 -1.87 -24.34
N LEU A 510 21.38 -0.56 -24.41
CA LEU A 510 21.28 0.34 -23.27
C LEU A 510 19.87 0.93 -23.25
N TRP A 511 19.17 0.77 -22.16
CA TRP A 511 17.82 1.33 -22.01
C TRP A 511 17.92 2.55 -21.12
N ILE A 512 17.38 3.68 -21.58
CA ILE A 512 17.38 4.93 -20.79
C ILE A 512 15.93 5.39 -20.64
N THR A 513 15.43 5.39 -19.42
CA THR A 513 14.14 6.02 -19.05
C THR A 513 14.44 7.49 -18.74
N SER A 514 14.00 8.41 -19.62
CA SER A 514 14.45 9.82 -19.61
C SER A 514 13.25 10.73 -19.34
N ALA A 515 13.44 11.71 -18.47
CA ALA A 515 12.54 12.87 -18.32
C ALA A 515 12.96 13.96 -19.33
N GLU A 516 12.43 15.17 -19.17
CA GLU A 516 12.71 16.28 -20.12
C GLU A 516 14.07 16.90 -19.78
N PHE A 517 14.71 16.49 -18.67
CA PHE A 517 16.00 17.08 -18.24
C PHE A 517 17.02 15.97 -18.05
N MET A 518 18.25 16.31 -18.41
CA MET A 518 19.41 15.40 -18.32
C MET A 518 20.68 16.24 -18.49
N ASP A 519 21.68 16.02 -17.65
CA ASP A 519 22.89 16.87 -17.71
C ASP A 519 23.68 16.64 -19.01
N ALA A 520 24.50 17.64 -19.34
CA ALA A 520 25.31 17.66 -20.56
C ALA A 520 26.21 16.43 -20.56
N GLU A 521 26.84 16.08 -19.42
CA GLU A 521 27.81 14.97 -19.40
C GLU A 521 27.07 13.68 -19.83
N THR A 522 25.84 13.46 -19.34
CA THR A 522 25.09 12.22 -19.65
C THR A 522 24.59 12.28 -21.10
N GLN A 523 24.13 13.43 -21.55
CA GLN A 523 23.73 13.59 -22.96
C GLN A 523 24.90 13.25 -23.89
N ASN A 524 26.07 13.78 -23.55
CA ASN A 524 27.32 13.55 -24.33
C ASN A 524 27.65 12.06 -24.28
N LEU A 525 27.56 11.42 -23.09
CA LEU A 525 27.88 9.98 -22.93
C LEU A 525 27.00 9.15 -23.87
N LEU A 526 25.69 9.41 -23.87
CA LEU A 526 24.72 8.62 -24.65
C LEU A 526 24.95 8.88 -26.14
N SER A 527 25.31 10.11 -26.49
CA SER A 527 25.63 10.50 -27.89
C SER A 527 26.80 9.66 -28.40
N GLU A 528 27.89 9.65 -27.65
CA GLU A 528 29.12 8.88 -28.00
C GLU A 528 28.79 7.38 -28.02
N PHE A 529 28.00 6.91 -27.08
CA PHE A 529 27.59 5.48 -27.03
C PHE A 529 27.03 5.02 -28.37
N VAL A 530 26.03 5.76 -28.91
CA VAL A 530 25.38 5.35 -30.18
C VAL A 530 26.36 5.58 -31.35
N LEU A 531 27.01 6.75 -31.41
CA LEU A 531 27.88 7.09 -32.59
C LEU A 531 28.93 5.99 -32.77
N ASN A 532 29.37 5.39 -31.67
CA ASN A 532 30.51 4.43 -31.64
C ASN A 532 30.03 2.99 -31.86
N GLY A 533 28.73 2.77 -32.01
CA GLY A 533 28.16 1.44 -32.34
C GLY A 533 27.15 0.89 -31.36
N GLY A 534 26.78 1.64 -30.35
CA GLY A 534 25.84 1.11 -29.34
C GLY A 534 24.40 1.20 -29.83
N ASN A 535 23.52 0.40 -29.23
CA ASN A 535 22.07 0.34 -29.53
C ASN A 535 21.32 0.90 -28.34
N LEU A 536 20.67 2.05 -28.52
CA LEU A 536 20.05 2.80 -27.42
C LEU A 536 18.54 2.72 -27.59
N ILE A 537 17.85 2.40 -26.50
CA ILE A 537 16.38 2.50 -26.39
C ILE A 537 16.10 3.62 -25.40
N LEU A 538 15.39 4.63 -25.84
CA LEU A 538 15.18 5.83 -25.02
C LEU A 538 13.71 6.23 -25.04
N TYR A 539 13.12 6.41 -23.86
CA TYR A 539 11.71 6.82 -23.72
C TYR A 539 11.53 7.31 -22.30
N PRO A 540 10.47 8.06 -21.96
CA PRO A 540 9.48 8.58 -22.90
C PRO A 540 9.81 9.91 -23.59
N ALA A 541 10.97 10.47 -23.28
CA ALA A 541 11.28 11.81 -23.85
C ALA A 541 12.75 11.91 -24.23
N VAL A 542 13.02 12.47 -25.39
CA VAL A 542 14.32 13.11 -25.69
C VAL A 542 14.41 14.30 -24.76
N PRO A 543 15.44 14.40 -23.90
CA PRO A 543 15.55 15.54 -22.98
C PRO A 543 15.96 16.79 -23.74
N THR A 544 15.56 17.95 -23.24
CA THR A 544 15.91 19.25 -23.87
C THR A 544 16.43 20.23 -22.83
N LEU A 545 16.56 19.83 -21.56
CA LEU A 545 16.96 20.71 -20.44
C LEU A 545 18.09 19.98 -19.69
N ASP A 546 18.89 20.73 -18.93
CA ASP A 546 19.87 20.15 -17.98
C ASP A 546 19.22 20.04 -16.60
N ASN A 547 20.01 19.69 -15.61
CA ASN A 547 19.49 19.50 -14.24
C ASN A 547 18.99 20.81 -13.62
N TYR A 548 19.32 21.97 -14.19
CA TYR A 548 18.85 23.28 -13.69
C TYR A 548 17.73 23.79 -14.60
N LEU A 549 17.26 22.91 -15.48
CA LEU A 549 16.14 23.22 -16.39
C LEU A 549 16.55 24.37 -17.30
N ASN A 550 17.85 24.46 -17.62
CA ASN A 550 18.37 25.38 -18.64
C ASN A 550 18.47 24.59 -19.94
N ARG A 551 18.36 25.25 -21.10
CA ARG A 551 18.34 24.53 -22.38
C ARG A 551 19.59 23.64 -22.51
N CYS A 552 19.42 22.38 -22.92
CA CYS A 552 20.52 21.44 -23.20
C CYS A 552 19.97 20.38 -24.13
N GLU A 553 20.33 20.47 -25.42
CA GLU A 553 19.77 19.66 -26.51
C GLU A 553 20.88 18.92 -27.21
N ILE A 554 21.92 18.54 -26.49
CA ILE A 554 23.08 17.82 -27.08
C ILE A 554 22.63 16.54 -27.74
N LEU A 555 21.93 15.68 -26.99
CA LEU A 555 21.53 14.35 -27.50
C LEU A 555 20.61 14.55 -28.71
N LYS A 556 19.61 15.40 -28.56
CA LYS A 556 18.62 15.72 -29.60
C LYS A 556 19.34 16.17 -30.89
N ASN A 557 20.23 17.15 -30.78
CA ASN A 557 20.91 17.68 -32.00
C ASN A 557 21.86 16.64 -32.59
N ASN A 558 22.65 15.96 -31.76
CA ASN A 558 23.62 14.95 -32.23
C ASN A 558 22.91 13.84 -32.99
N PHE A 559 21.65 13.53 -32.64
CA PHE A 559 20.88 12.44 -33.26
C PHE A 559 19.95 12.96 -34.36
N GLY A 560 19.97 14.26 -34.63
CA GLY A 560 19.16 14.83 -35.72
C GLY A 560 17.67 14.66 -35.47
N ILE A 561 17.27 14.79 -34.21
CA ILE A 561 15.86 14.63 -33.81
C ILE A 561 15.14 15.97 -33.82
N GLU A 562 13.94 15.95 -34.35
CA GLU A 562 12.99 17.07 -34.20
C GLU A 562 11.66 16.53 -33.69
N PHE A 563 11.01 17.27 -32.81
CA PHE A 563 9.69 16.89 -32.29
C PHE A 563 8.88 18.12 -31.90
N ILE A 564 7.59 17.89 -31.86
CA ILE A 564 6.56 18.77 -31.27
C ILE A 564 5.86 17.94 -30.19
N THR A 565 5.58 18.54 -29.05
CA THR A 565 4.81 17.88 -27.97
C THR A 565 3.34 18.15 -28.24
N LYS A 566 2.54 17.10 -28.40
CA LYS A 566 1.09 17.22 -28.75
C LYS A 566 0.26 16.27 -27.88
N ASP A 567 -0.95 16.71 -27.56
CA ASP A 567 -1.97 15.95 -26.81
C ASP A 567 -2.65 14.91 -27.69
N SER A 568 -2.83 13.69 -27.21
CA SER A 568 -3.56 12.59 -27.89
C SER A 568 -4.08 11.61 -26.85
N SER A 569 -4.93 10.68 -27.27
CA SER A 569 -5.48 9.59 -26.45
C SER A 569 -4.30 8.93 -25.75
N HIS A 570 -4.52 8.37 -24.56
CA HIS A 570 -3.47 7.62 -23.85
C HIS A 570 -2.98 6.39 -24.64
N LYS A 571 -3.80 5.76 -25.47
CA LYS A 571 -3.34 4.54 -26.16
C LYS A 571 -2.60 4.87 -27.44
N VAL A 572 -1.53 4.14 -27.69
CA VAL A 572 -0.77 4.20 -28.96
C VAL A 572 -0.68 2.80 -29.56
N SER A 573 -0.23 2.69 -30.82
CA SER A 573 0.24 1.42 -31.40
C SER A 573 1.76 1.53 -31.51
N ALA A 574 2.44 0.41 -31.28
CA ALA A 574 3.93 0.38 -31.35
C ALA A 574 4.36 -0.99 -31.84
N PHE A 575 5.16 -1.03 -32.90
CA PHE A 575 5.65 -2.30 -33.49
C PHE A 575 4.48 -3.24 -33.82
N GLY A 576 3.34 -2.69 -34.25
CA GLY A 576 2.16 -3.49 -34.62
C GLY A 576 1.32 -3.94 -33.44
N ILE A 577 1.72 -3.55 -32.23
CA ILE A 577 0.91 -3.85 -31.02
C ILE A 577 -0.10 -2.73 -30.87
N GLU A 578 -1.38 -3.04 -30.96
CA GLU A 578 -2.48 -2.06 -30.83
C GLU A 578 -2.76 -1.88 -29.33
N ASP A 579 -3.28 -0.71 -28.95
CA ASP A 579 -3.86 -0.47 -27.62
C ASP A 579 -2.79 -0.61 -26.52
N VAL A 580 -1.64 0.00 -26.75
CA VAL A 580 -0.59 0.19 -25.73
C VAL A 580 -0.96 1.40 -24.89
N PHE A 581 -1.36 1.16 -23.63
CA PHE A 581 -1.75 2.27 -22.75
C PHE A 581 -0.49 3.03 -22.32
N THR A 582 -0.53 4.33 -22.42
CA THR A 582 0.60 5.21 -22.03
C THR A 582 0.16 6.20 -20.96
N ALA A 583 1.12 6.69 -20.18
CA ALA A 583 0.83 7.46 -18.97
C ALA A 583 0.32 8.88 -19.28
N PHE A 584 0.71 9.51 -20.37
CA PHE A 584 0.44 10.95 -20.63
C PHE A 584 -0.33 11.16 -21.93
N SER A 585 -1.27 12.13 -21.92
CA SER A 585 -1.83 12.68 -23.19
C SER A 585 -0.71 13.32 -24.01
N LYS A 586 0.16 14.11 -23.38
CA LYS A 586 1.27 14.78 -24.12
C LYS A 586 2.26 13.72 -24.61
N LYS A 587 2.63 13.78 -25.88
CA LYS A 587 3.62 12.83 -26.44
C LYS A 587 4.53 13.63 -27.37
N GLN A 588 5.73 13.11 -27.55
CA GLN A 588 6.68 13.65 -28.55
C GLN A 588 6.29 13.08 -29.93
N ILE A 589 6.02 13.99 -30.88
CA ILE A 589 5.71 13.61 -32.28
C ILE A 589 6.91 13.96 -33.15
N TYR A 590 7.56 12.93 -33.70
CA TYR A 590 8.89 13.05 -34.33
C TYR A 590 8.77 13.29 -35.83
N ASN A 591 9.64 14.19 -36.29
CA ASN A 591 10.01 14.29 -37.72
C ASN A 591 10.66 12.97 -38.13
N ASP A 592 10.27 12.37 -39.25
CA ASP A 592 10.77 11.01 -39.59
C ASP A 592 11.75 11.04 -40.74
N THR A 593 12.27 12.21 -41.13
CA THR A 593 13.32 12.23 -42.15
C THR A 593 14.45 11.31 -41.68
N ASN A 594 14.90 10.43 -42.56
CA ASN A 594 16.05 9.53 -42.28
C ASN A 594 15.74 8.63 -41.09
N SER A 595 14.48 8.33 -40.88
CA SER A 595 14.03 7.53 -39.71
C SER A 595 12.98 6.53 -40.16
N LYS A 596 12.76 5.49 -39.38
CA LYS A 596 11.66 4.55 -39.64
C LYS A 596 10.60 4.76 -38.55
N PRO A 597 9.37 5.18 -38.88
CA PRO A 597 8.35 5.31 -37.87
C PRO A 597 7.93 3.94 -37.35
N ILE A 598 7.82 3.78 -36.03
CA ILE A 598 7.47 2.45 -35.42
C ILE A 598 6.38 2.59 -34.35
N ALA A 599 5.89 3.79 -34.08
CA ALA A 599 4.78 3.93 -33.13
C ALA A 599 3.93 5.13 -33.55
N PHE A 600 2.64 5.01 -33.28
CA PHE A 600 1.64 5.95 -33.82
C PHE A 600 0.53 6.23 -32.81
N THR A 601 0.13 7.47 -32.76
CA THR A 601 -1.01 7.90 -31.92
C THR A 601 -2.31 7.41 -32.57
N GLN A 602 -3.44 7.65 -31.91
CA GLN A 602 -4.76 7.22 -32.41
C GLN A 602 -5.08 7.96 -33.73
N GLU A 603 -4.50 9.14 -33.96
CA GLU A 603 -4.65 9.95 -35.21
C GLU A 603 -3.49 9.65 -36.19
N ASN A 604 -2.68 8.64 -35.92
CA ASN A 604 -1.61 8.16 -36.83
C ASN A 604 -0.44 9.16 -36.89
N GLU A 605 -0.25 9.98 -35.86
CA GLU A 605 0.96 10.83 -35.75
C GLU A 605 2.10 9.95 -35.24
N ILE A 606 3.31 10.25 -35.65
CA ILE A 606 4.48 9.41 -35.33
C ILE A 606 5.00 9.74 -33.95
N CYS A 607 4.89 8.80 -33.01
CA CYS A 607 5.38 9.01 -31.62
C CYS A 607 6.46 7.97 -31.29
N GLY A 608 7.10 7.38 -32.28
CA GLY A 608 8.32 6.61 -32.07
C GLY A 608 9.03 6.36 -33.37
N ILE A 609 10.35 6.36 -33.35
CA ILE A 609 11.16 6.16 -34.56
C ILE A 609 12.36 5.28 -34.24
N ARG A 610 12.89 4.65 -35.27
CA ARG A 610 14.21 4.00 -35.24
C ARG A 610 15.08 4.70 -36.28
N LYS A 611 16.36 4.70 -36.00
CA LYS A 611 17.31 5.47 -36.83
C LYS A 611 18.71 4.90 -36.69
N LYS A 612 19.50 4.97 -37.76
CA LYS A 612 20.95 4.67 -37.68
C LYS A 612 21.68 5.99 -37.44
N ILE A 613 22.55 6.04 -36.45
CA ILE A 613 23.41 7.20 -36.13
C ILE A 613 24.85 6.69 -36.00
N GLY A 614 25.75 7.21 -36.84
CA GLY A 614 27.13 6.65 -36.84
C GLY A 614 27.07 5.15 -37.04
N LYS A 615 27.78 4.41 -36.20
CA LYS A 615 27.86 2.93 -36.29
C LYS A 615 26.71 2.30 -35.48
N GLY A 616 25.90 3.11 -34.78
CA GLY A 616 24.91 2.54 -33.85
C GLY A 616 23.45 2.73 -34.26
N GLU A 617 22.54 2.41 -33.33
CA GLU A 617 21.09 2.34 -33.57
C GLU A 617 20.39 3.07 -32.44
N LEU A 618 19.34 3.81 -32.81
CA LEU A 618 18.50 4.54 -31.85
C LEU A 618 17.06 4.07 -32.01
N THR A 619 16.39 3.79 -30.90
CA THR A 619 14.95 3.58 -30.82
C THR A 619 14.45 4.61 -29.83
N ILE A 620 13.63 5.56 -30.28
CA ILE A 620 13.06 6.56 -29.35
C ILE A 620 11.54 6.41 -29.33
N LEU A 621 10.96 6.27 -28.15
CA LEU A 621 9.49 6.28 -27.99
C LEU A 621 9.11 7.55 -27.22
N GLY A 622 8.22 8.33 -27.82
CA GLY A 622 7.77 9.61 -27.27
C GLY A 622 6.58 9.45 -26.34
N PHE A 623 6.51 8.32 -25.63
CA PHE A 623 5.38 8.00 -24.73
C PHE A 623 5.92 7.14 -23.59
N ALA A 624 5.19 7.12 -22.49
CA ALA A 624 5.58 6.46 -21.23
C ALA A 624 4.68 5.26 -21.00
N PHE A 625 5.27 4.08 -20.88
CA PHE A 625 4.53 2.85 -20.51
C PHE A 625 5.28 2.19 -19.38
N GLY A 626 4.55 1.64 -18.44
CA GLY A 626 5.18 0.80 -17.40
C GLY A 626 4.80 -0.63 -17.64
N TYR A 627 4.33 -1.31 -16.60
CA TYR A 627 3.80 -2.67 -16.79
C TYR A 627 2.45 -2.76 -16.12
N THR A 628 1.38 -2.48 -16.84
CA THR A 628 0.00 -2.63 -16.30
C THR A 628 -0.93 -3.35 -17.28
N SER A 629 -0.40 -3.90 -18.38
CA SER A 629 -1.14 -4.73 -19.32
C SER A 629 -0.21 -5.77 -19.91
N ASP A 630 -0.80 -6.77 -20.59
CA ASP A 630 -0.02 -7.75 -21.37
C ASP A 630 0.60 -7.06 -22.58
N GLU A 631 0.00 -6.01 -23.10
CA GLU A 631 0.63 -5.28 -24.22
C GLU A 631 1.99 -4.72 -23.78
N HIS A 632 2.12 -4.30 -22.53
CA HIS A 632 3.41 -3.74 -22.07
C HIS A 632 4.50 -4.82 -22.11
N LEU A 633 4.18 -6.04 -21.68
CA LEU A 633 5.19 -7.12 -21.76
C LEU A 633 5.49 -7.39 -23.23
N GLU A 634 4.48 -7.33 -24.09
CA GLU A 634 4.70 -7.62 -25.51
C GLU A 634 5.65 -6.57 -26.10
N LEU A 635 5.49 -5.32 -25.69
CA LEU A 635 6.31 -4.19 -26.22
C LEU A 635 7.75 -4.36 -25.73
N ILE A 636 7.93 -4.67 -24.44
CA ILE A 636 9.30 -4.87 -23.90
C ILE A 636 9.95 -6.03 -24.66
N ASP A 637 9.21 -7.11 -24.85
CA ASP A 637 9.74 -8.29 -25.59
C ASP A 637 10.12 -7.89 -27.02
N LYS A 638 9.27 -7.15 -27.71
CA LYS A 638 9.57 -6.68 -29.09
C LYS A 638 10.84 -5.84 -29.08
N LEU A 639 10.98 -4.96 -28.11
CA LEU A 639 12.15 -4.07 -28.06
C LEU A 639 13.43 -4.88 -27.82
N VAL A 640 13.42 -5.81 -26.88
CA VAL A 640 14.60 -6.66 -26.61
C VAL A 640 14.95 -7.39 -27.90
N LYS A 641 13.94 -7.89 -28.62
CA LYS A 641 14.21 -8.72 -29.82
C LYS A 641 14.73 -7.88 -30.98
N LEU A 642 14.71 -6.54 -30.91
CA LEU A 642 15.26 -5.74 -32.02
C LEU A 642 16.75 -6.04 -32.20
N ASN A 643 17.46 -6.45 -31.15
CA ASN A 643 18.90 -6.80 -31.22
C ASN A 643 19.10 -8.28 -30.90
N LYS A 644 18.08 -9.09 -31.20
CA LYS A 644 18.12 -10.56 -31.25
C LYS A 644 18.64 -11.12 -29.93
N ILE A 645 18.29 -10.45 -28.83
CA ILE A 645 18.60 -10.94 -27.45
C ILE A 645 17.62 -12.07 -27.13
N LYS A 646 18.17 -13.17 -26.61
CA LYS A 646 17.43 -14.43 -26.31
C LYS A 646 17.47 -14.65 -24.79
N ARG A 647 16.40 -15.20 -24.24
CA ARG A 647 16.40 -15.77 -22.86
C ARG A 647 17.38 -16.94 -22.84
N GLU A 648 17.96 -17.24 -21.67
CA GLU A 648 18.92 -18.38 -21.50
C GLU A 648 18.18 -19.72 -21.57
N LEU A 649 16.89 -19.78 -21.30
CA LEU A 649 16.12 -21.03 -21.31
C LEU A 649 14.81 -20.82 -22.03
N PHE A 650 14.28 -21.91 -22.56
CA PHE A 650 12.86 -22.07 -22.94
C PHE A 650 12.13 -22.84 -21.84
N VAL A 651 11.15 -22.20 -21.22
CA VAL A 651 10.34 -22.77 -20.10
C VAL A 651 8.89 -22.73 -20.54
N SER A 652 8.17 -23.83 -20.40
CA SER A 652 6.86 -24.01 -21.07
C SER A 652 5.82 -23.11 -20.40
N ASP A 653 6.02 -22.76 -19.11
CA ASP A 653 5.05 -21.96 -18.32
C ASP A 653 5.67 -20.56 -18.20
N LYS A 654 5.06 -19.54 -18.81
CA LYS A 654 5.66 -18.20 -18.89
C LYS A 654 5.63 -17.52 -17.51
N ASP A 655 4.87 -18.07 -16.56
CA ASP A 655 4.74 -17.44 -15.23
C ASP A 655 5.75 -18.04 -14.24
N ILE A 656 6.61 -18.94 -14.70
CA ILE A 656 7.78 -19.40 -13.90
C ILE A 656 8.92 -18.42 -14.15
N GLN A 657 9.46 -17.89 -13.09
CA GLN A 657 10.68 -17.07 -13.17
C GLN A 657 11.91 -17.98 -13.06
N PHE A 658 12.93 -17.63 -13.82
CA PHE A 658 14.19 -18.38 -13.68
C PHE A 658 15.33 -17.39 -13.77
N VAL A 659 16.43 -17.80 -13.16
CA VAL A 659 17.73 -17.13 -13.24
C VAL A 659 18.77 -18.22 -13.51
N VAL A 660 19.52 -18.02 -14.57
CA VAL A 660 20.68 -18.89 -14.89
C VAL A 660 21.94 -18.15 -14.43
N ARG A 661 22.69 -18.78 -13.53
CA ARG A 661 23.97 -18.21 -13.03
C ARG A 661 25.07 -19.19 -13.45
N GLU A 662 26.14 -18.65 -14.02
CA GLU A 662 27.19 -19.52 -14.58
C GLU A 662 28.55 -18.94 -14.27
N ASN A 663 29.57 -19.82 -14.30
CA ASN A 663 30.98 -19.41 -14.50
C ASN A 663 31.54 -20.35 -15.56
N ASN A 664 32.86 -20.51 -15.70
CA ASN A 664 33.42 -21.34 -16.80
C ASN A 664 32.95 -22.80 -16.65
N LYS A 665 32.81 -23.35 -15.44
CA LYS A 665 32.55 -24.80 -15.31
C LYS A 665 31.16 -25.12 -14.74
N SER A 666 30.49 -24.20 -14.02
CA SER A 666 29.27 -24.54 -13.26
C SER A 666 28.09 -23.69 -13.78
N ARG A 667 26.91 -24.28 -13.78
CA ARG A 667 25.66 -23.54 -14.04
C ARG A 667 24.68 -23.88 -12.92
N TYR A 668 24.02 -22.86 -12.38
CA TYR A 668 22.85 -22.99 -11.47
C TYR A 668 21.64 -22.41 -12.16
N ILE A 669 20.58 -23.18 -12.22
CA ILE A 669 19.26 -22.68 -12.72
C ILE A 669 18.36 -22.59 -11.50
N PHE A 670 17.94 -21.38 -11.16
CA PHE A 670 17.01 -21.11 -10.05
C PHE A 670 15.64 -20.92 -10.67
N PHE A 671 14.69 -21.80 -10.33
CA PHE A 671 13.30 -21.66 -10.76
C PHE A 671 12.51 -21.15 -9.56
N LEU A 672 11.69 -20.13 -9.79
CA LEU A 672 10.95 -19.46 -8.71
C LEU A 672 9.49 -19.37 -9.11
N ASN A 673 8.65 -19.89 -8.24
CA ASN A 673 7.20 -19.82 -8.42
C ASN A 673 6.60 -18.80 -7.45
N TYR A 674 6.33 -17.60 -7.95
CA TYR A 674 5.82 -16.47 -7.17
C TYR A 674 4.28 -16.47 -7.05
N HIS A 675 3.65 -17.59 -7.39
CA HIS A 675 2.20 -17.67 -7.61
C HIS A 675 1.55 -18.69 -6.67
N ASN A 676 0.28 -18.49 -6.35
CA ASN A 676 -0.42 -19.44 -5.46
C ASN A 676 -1.05 -20.55 -6.32
N GLU A 677 -0.20 -21.35 -6.95
CA GLU A 677 -0.65 -22.39 -7.91
C GLU A 677 0.47 -23.42 -7.90
N ARG A 678 0.16 -24.69 -7.84
CA ARG A 678 1.17 -25.73 -8.12
C ARG A 678 1.42 -25.69 -9.62
N LYS A 679 2.67 -25.53 -10.08
CA LYS A 679 2.94 -25.43 -11.54
C LYS A 679 3.82 -26.59 -11.99
N THR A 680 3.47 -27.21 -13.11
CA THR A 680 4.26 -28.30 -13.74
C THR A 680 4.71 -27.76 -15.08
N PHE A 681 6.00 -27.90 -15.40
CA PHE A 681 6.52 -27.34 -16.66
C PHE A 681 7.75 -28.12 -17.12
N ASN A 682 8.17 -27.83 -18.33
CA ASN A 682 9.46 -28.33 -18.84
C ASN A 682 10.33 -27.15 -19.31
N TYR A 683 11.62 -27.40 -19.42
CA TYR A 683 12.59 -26.38 -19.84
C TYR A 683 13.63 -27.06 -20.73
N ARG A 684 14.28 -26.22 -21.54
CA ARG A 684 15.47 -26.64 -22.32
C ARG A 684 16.27 -25.39 -22.62
N LYS A 685 17.49 -25.52 -23.11
CA LYS A 685 18.30 -24.36 -23.55
C LYS A 685 17.60 -23.65 -24.71
N GLU A 695 12.79 -33.56 -18.45
CA GLU A 695 13.08 -32.11 -18.32
C GLU A 695 11.81 -31.43 -17.79
N GLU A 696 10.97 -32.17 -17.03
CA GLU A 696 9.61 -31.84 -16.53
C GLU A 696 9.60 -31.75 -14.99
N ILE A 697 9.25 -30.58 -14.46
CA ILE A 697 9.45 -30.22 -13.02
C ILE A 697 8.10 -29.74 -12.44
N SER A 698 7.81 -30.10 -11.19
CA SER A 698 6.61 -29.58 -10.49
C SER A 698 7.07 -28.71 -9.32
N ILE A 699 6.55 -27.48 -9.16
CA ILE A 699 6.97 -26.59 -8.04
C ILE A 699 5.69 -26.16 -7.31
N ALA A 700 5.72 -26.23 -5.99
CA ALA A 700 4.62 -25.85 -5.12
C ALA A 700 4.39 -24.34 -5.19
N PRO A 701 3.22 -23.86 -4.74
CA PRO A 701 2.96 -22.42 -4.62
C PRO A 701 4.07 -21.73 -3.83
N PHE A 702 4.48 -20.54 -4.27
CA PHE A 702 5.38 -19.66 -3.51
C PHE A 702 6.66 -20.42 -3.13
N SER A 703 7.21 -21.14 -4.10
CA SER A 703 8.32 -22.07 -3.83
C SER A 703 9.37 -22.00 -4.94
N TYR A 704 10.32 -22.92 -4.90
CA TYR A 704 11.56 -22.82 -5.69
C TYR A 704 12.04 -24.23 -6.02
N LYS A 705 12.89 -24.29 -7.04
CA LYS A 705 13.72 -25.48 -7.31
C LYS A 705 15.03 -24.99 -7.87
N VAL A 706 16.14 -25.58 -7.46
CA VAL A 706 17.49 -25.25 -8.01
C VAL A 706 18.05 -26.49 -8.71
N ILE A 707 18.53 -26.29 -9.92
CA ILE A 707 19.11 -27.34 -10.80
C ILE A 707 20.56 -26.97 -11.07
N LYS A 708 21.47 -27.95 -11.00
CA LYS A 708 22.88 -27.78 -11.39
C LYS A 708 23.17 -28.41 -12.75
N GLU A 709 23.97 -27.72 -13.56
CA GLU A 709 24.39 -28.26 -14.88
C GLU A 709 25.90 -28.05 -14.95
N ASN A 710 26.68 -29.13 -15.11
CA ASN A 710 28.14 -29.02 -15.29
C ASN A 710 28.36 -28.54 -16.71
N LYS A 711 29.21 -27.53 -16.94
CA LYS A 711 29.62 -27.19 -18.32
C LYS A 711 30.96 -27.89 -18.60
N SER B 1 -35.57 -13.35 11.44
CA SER B 1 -34.21 -12.87 11.82
C SER B 1 -33.35 -12.58 10.57
N GLU B 2 -32.87 -13.61 9.83
CA GLU B 2 -31.91 -13.37 8.71
C GLU B 2 -32.61 -12.70 7.53
N LYS B 3 -31.85 -11.91 6.78
CA LYS B 3 -32.32 -11.33 5.49
C LYS B 3 -31.68 -12.13 4.38
N TYR B 4 -32.45 -12.61 3.45
CA TYR B 4 -31.95 -13.39 2.32
C TYR B 4 -32.92 -13.22 1.18
N PHE B 5 -32.45 -13.49 -0.04
CA PHE B 5 -33.29 -13.52 -1.23
C PHE B 5 -34.18 -14.76 -1.15
N VAL B 6 -35.35 -14.63 -1.78
CA VAL B 6 -36.33 -15.75 -1.74
C VAL B 6 -36.75 -16.05 -3.18
N LYS B 7 -36.94 -17.32 -3.50
CA LYS B 7 -37.53 -17.71 -4.79
C LYS B 7 -38.54 -18.84 -4.50
N ASN B 8 -39.75 -18.70 -5.03
CA ASN B 8 -40.84 -19.69 -4.87
C ASN B 8 -41.06 -19.93 -3.38
N GLY B 9 -41.11 -18.85 -2.59
CA GLY B 9 -41.30 -18.86 -1.12
C GLY B 9 -40.24 -19.60 -0.32
N GLN B 10 -39.07 -19.95 -0.90
CA GLN B 10 -37.97 -20.63 -0.17
C GLN B 10 -36.71 -19.74 -0.20
N PRO B 11 -35.80 -19.86 0.78
CA PRO B 11 -34.55 -19.11 0.73
C PRO B 11 -33.85 -19.52 -0.56
N HIS B 12 -33.23 -18.58 -1.24
CA HIS B 12 -32.53 -18.83 -2.51
C HIS B 12 -31.26 -17.99 -2.51
N PHE B 13 -30.13 -18.66 -2.73
CA PHE B 13 -28.84 -17.94 -2.84
C PHE B 13 -28.76 -17.30 -4.22
N LEU B 14 -28.56 -15.98 -4.31
CA LEU B 14 -28.44 -15.33 -5.64
C LEU B 14 -27.04 -15.68 -6.12
N ILE B 15 -26.92 -16.46 -7.17
CA ILE B 15 -25.60 -16.77 -7.84
C ILE B 15 -25.65 -16.24 -9.27
N SER B 16 -24.97 -15.14 -9.50
CA SER B 16 -24.86 -14.49 -10.83
C SER B 16 -23.42 -14.60 -11.31
N GLY B 17 -23.25 -14.58 -12.63
CA GLY B 17 -21.94 -14.35 -13.23
C GLY B 17 -22.00 -13.25 -14.26
N GLU B 18 -20.96 -12.42 -14.28
CA GLU B 18 -20.87 -11.28 -15.21
C GLU B 18 -20.33 -11.78 -16.55
N VAL B 19 -21.05 -11.52 -17.61
CA VAL B 19 -20.71 -11.93 -19.00
C VAL B 19 -20.99 -10.74 -19.89
N HIS B 20 -19.96 -10.07 -20.40
CA HIS B 20 -20.13 -8.83 -21.22
C HIS B 20 -20.31 -9.20 -22.69
N TYR B 21 -21.56 -9.21 -23.13
CA TYR B 21 -21.92 -9.62 -24.51
C TYR B 21 -21.10 -8.79 -25.50
N PHE B 22 -20.86 -7.52 -25.18
CA PHE B 22 -20.25 -6.53 -26.09
C PHE B 22 -18.75 -6.84 -26.33
N ARG B 23 -18.18 -7.73 -25.51
CA ARG B 23 -16.76 -8.12 -25.52
C ARG B 23 -16.59 -9.58 -25.83
N ILE B 24 -17.63 -10.24 -26.35
CA ILE B 24 -17.59 -11.68 -26.68
C ILE B 24 -18.16 -11.84 -28.08
N ASN B 25 -17.49 -12.66 -28.88
CA ASN B 25 -17.99 -13.03 -30.22
C ASN B 25 -19.43 -13.51 -30.07
N PRO B 26 -20.42 -12.88 -30.74
CA PRO B 26 -21.80 -13.29 -30.51
C PRO B 26 -22.11 -14.73 -30.91
N LYS B 27 -21.31 -15.32 -31.79
CA LYS B 27 -21.48 -16.76 -32.12
C LYS B 27 -21.14 -17.62 -30.90
N LEU B 28 -20.48 -17.07 -29.88
CA LEU B 28 -20.10 -17.81 -28.64
C LEU B 28 -20.97 -17.39 -27.44
N TRP B 29 -21.93 -16.48 -27.60
CA TRP B 29 -22.74 -16.04 -26.43
C TRP B 29 -23.44 -17.22 -25.79
N ARG B 30 -24.06 -18.06 -26.59
CA ARG B 30 -24.85 -19.17 -26.02
C ARG B 30 -23.92 -20.08 -25.23
N ASN B 31 -22.75 -20.39 -25.74
CA ASN B 31 -21.84 -21.29 -25.03
C ASN B 31 -21.46 -20.66 -23.67
N HIS B 32 -21.16 -19.36 -23.62
CA HIS B 32 -20.85 -18.70 -22.31
C HIS B 32 -22.04 -18.90 -21.37
N LEU B 33 -23.26 -18.62 -21.84
CA LEU B 33 -24.45 -18.73 -20.96
C LEU B 33 -24.66 -20.18 -20.49
N GLN B 34 -24.50 -21.18 -21.37
CA GLN B 34 -24.65 -22.61 -21.01
C GLN B 34 -23.64 -23.03 -19.95
N LEU B 35 -22.37 -22.64 -20.14
CA LEU B 35 -21.33 -23.00 -19.18
C LEU B 35 -21.52 -22.26 -17.85
N LEU B 36 -22.06 -21.04 -17.86
CA LEU B 36 -22.38 -20.35 -16.58
C LEU B 36 -23.52 -21.09 -15.88
N LYS B 37 -24.58 -21.44 -16.62
CA LYS B 37 -25.72 -22.17 -16.01
C LYS B 37 -25.23 -23.50 -15.45
N GLN B 38 -24.29 -24.16 -16.11
CA GLN B 38 -23.80 -25.49 -15.69
C GLN B 38 -23.05 -25.38 -14.36
N THR B 39 -22.64 -24.19 -13.93
CA THR B 39 -22.03 -24.05 -12.60
C THR B 39 -23.08 -23.96 -11.50
N GLY B 40 -24.37 -23.89 -11.85
CA GLY B 40 -25.44 -23.76 -10.85
C GLY B 40 -25.83 -22.31 -10.68
N ALA B 41 -25.22 -21.38 -11.42
CA ALA B 41 -25.61 -19.95 -11.42
C ALA B 41 -27.05 -19.83 -11.92
N ASP B 42 -27.83 -18.91 -11.36
CA ASP B 42 -29.25 -18.67 -11.76
C ASP B 42 -29.38 -17.40 -12.60
N THR B 43 -28.40 -16.49 -12.51
CA THR B 43 -28.44 -15.14 -13.08
C THR B 43 -27.15 -14.86 -13.87
N VAL B 44 -27.30 -14.07 -14.89
CA VAL B 44 -26.16 -13.46 -15.60
C VAL B 44 -26.29 -11.95 -15.50
N SER B 45 -25.17 -11.25 -15.54
CA SER B 45 -25.16 -9.78 -15.31
C SER B 45 -24.29 -9.11 -16.36
N THR B 46 -24.72 -7.96 -16.87
CA THR B 46 -23.91 -7.21 -17.87
C THR B 46 -24.21 -5.73 -17.81
N TYR B 47 -23.20 -4.97 -18.18
CA TYR B 47 -23.41 -3.57 -18.56
C TYR B 47 -24.02 -3.52 -19.96
N ILE B 48 -24.76 -2.44 -20.21
CA ILE B 48 -25.22 -2.03 -21.56
C ILE B 48 -24.55 -0.70 -21.82
N PRO B 49 -23.41 -0.65 -22.50
CA PRO B 49 -22.62 0.58 -22.61
C PRO B 49 -23.23 1.60 -23.58
N TRP B 50 -23.42 2.78 -23.04
CA TRP B 50 -23.92 3.93 -23.86
C TRP B 50 -23.05 4.16 -25.08
N ASP B 51 -21.74 4.18 -24.91
CA ASP B 51 -20.82 4.40 -26.05
C ASP B 51 -21.02 3.30 -27.10
N TRP B 52 -21.34 2.08 -26.69
CA TRP B 52 -21.39 0.93 -27.61
C TRP B 52 -22.64 0.98 -28.50
N HIS B 53 -23.74 1.52 -27.98
CA HIS B 53 -25.06 1.49 -28.65
C HIS B 53 -25.47 2.83 -29.25
N GLU B 54 -25.00 3.98 -28.75
CA GLU B 54 -25.27 5.29 -29.43
C GLU B 54 -23.98 5.57 -30.18
N ILE B 55 -23.86 4.98 -31.36
CA ILE B 55 -22.58 4.86 -32.10
C ILE B 55 -22.12 6.25 -32.59
N GLU B 56 -23.06 7.14 -32.89
CA GLU B 56 -22.86 8.57 -33.16
C GLU B 56 -24.04 9.26 -32.51
N GLU B 57 -24.02 10.56 -32.38
CA GLU B 57 -25.14 11.26 -31.72
C GLU B 57 -26.43 10.91 -32.47
N ASP B 58 -27.44 10.43 -31.73
CA ASP B 58 -28.78 10.09 -32.21
C ASP B 58 -28.75 8.97 -33.23
N ASP B 59 -27.71 8.12 -33.25
CA ASP B 59 -27.66 6.90 -34.10
C ASP B 59 -27.50 5.68 -33.18
N PHE B 60 -28.56 4.91 -33.00
CA PHE B 60 -28.61 3.81 -32.03
C PHE B 60 -28.61 2.47 -32.75
N ASP B 61 -27.89 1.50 -32.19
CA ASP B 61 -27.91 0.12 -32.70
C ASP B 61 -28.00 -0.81 -31.50
N PHE B 62 -29.13 -1.48 -31.32
CA PHE B 62 -29.30 -2.55 -30.30
C PHE B 62 -29.55 -3.91 -30.95
N GLU B 63 -29.43 -4.00 -32.27
CA GLU B 63 -29.86 -5.19 -33.04
C GLU B 63 -28.69 -5.79 -33.83
N GLY B 64 -27.50 -5.25 -33.70
CA GLY B 64 -26.30 -5.71 -34.40
C GLY B 64 -26.33 -5.36 -35.88
N LYS B 65 -26.98 -4.25 -36.24
CA LYS B 65 -27.02 -3.76 -37.63
C LYS B 65 -25.64 -3.23 -38.04
N THR B 66 -24.80 -2.73 -37.12
CA THR B 66 -23.51 -2.10 -37.49
C THR B 66 -22.32 -2.90 -36.96
N HIS B 67 -22.54 -3.75 -35.95
CA HIS B 67 -21.52 -4.67 -35.38
C HIS B 67 -22.31 -5.79 -34.75
N PRO B 68 -22.01 -7.08 -35.04
CA PRO B 68 -22.85 -8.14 -34.49
C PRO B 68 -22.96 -8.07 -32.96
N ALA B 69 -21.94 -7.57 -32.26
CA ALA B 69 -22.00 -7.57 -30.76
C ALA B 69 -22.76 -6.35 -30.23
N ARG B 70 -23.35 -5.52 -31.08
CA ARG B 70 -24.37 -4.53 -30.65
C ARG B 70 -25.76 -5.15 -30.56
N ASN B 71 -25.93 -6.44 -30.79
CA ASN B 71 -27.25 -7.10 -30.79
C ASN B 71 -27.64 -7.45 -29.34
N LEU B 72 -27.88 -6.42 -28.56
CA LEU B 72 -28.40 -6.57 -27.18
C LEU B 72 -29.69 -7.42 -27.18
N ILE B 73 -30.59 -7.15 -28.13
CA ILE B 73 -31.89 -7.85 -28.18
C ILE B 73 -31.64 -9.36 -28.25
N ARG B 74 -30.70 -9.80 -29.07
CA ARG B 74 -30.43 -11.24 -29.21
C ARG B 74 -29.81 -11.77 -27.91
N PHE B 75 -28.93 -11.01 -27.27
CA PHE B 75 -28.37 -11.49 -26.00
C PHE B 75 -29.48 -11.71 -24.98
N ILE B 76 -30.40 -10.76 -24.89
CA ILE B 76 -31.54 -10.86 -23.93
C ILE B 76 -32.29 -12.17 -24.25
N LYS B 77 -32.54 -12.45 -25.53
CA LYS B 77 -33.35 -13.62 -25.95
C LYS B 77 -32.58 -14.88 -25.55
N LEU B 78 -31.28 -14.89 -25.73
CA LEU B 78 -30.48 -16.09 -25.36
C LEU B 78 -30.53 -16.30 -23.85
N CYS B 79 -30.49 -15.24 -23.05
CA CYS B 79 -30.54 -15.41 -21.58
C CYS B 79 -31.84 -16.16 -21.25
N LYS B 80 -32.94 -15.74 -21.88
CA LYS B 80 -34.26 -16.38 -21.64
C LYS B 80 -34.21 -17.84 -22.13
N GLU B 81 -33.66 -18.10 -23.32
CA GLU B 81 -33.57 -19.48 -23.87
C GLU B 81 -32.73 -20.35 -22.95
N GLU B 82 -31.71 -19.82 -22.30
CA GLU B 82 -30.80 -20.66 -21.48
C GLU B 82 -31.20 -20.60 -20.01
N ASN B 83 -32.40 -20.07 -19.71
CA ASN B 83 -32.98 -20.13 -18.36
C ASN B 83 -32.09 -19.43 -17.33
N LEU B 84 -31.52 -18.31 -17.71
CA LEU B 84 -30.81 -17.42 -16.76
C LEU B 84 -31.63 -16.14 -16.61
N ASP B 85 -31.81 -15.66 -15.38
CA ASP B 85 -32.33 -14.30 -15.12
C ASP B 85 -31.19 -13.34 -15.46
N LEU B 86 -31.51 -12.11 -15.77
CA LEU B 86 -30.56 -11.10 -16.27
C LEU B 86 -30.64 -9.83 -15.41
N ILE B 87 -29.46 -9.41 -14.99
CA ILE B 87 -29.18 -8.09 -14.39
C ILE B 87 -28.59 -7.20 -15.48
N VAL B 88 -29.25 -6.07 -15.77
CA VAL B 88 -28.80 -5.09 -16.77
C VAL B 88 -28.30 -3.81 -16.06
N LYS B 89 -27.26 -3.20 -16.63
CA LYS B 89 -26.59 -2.05 -15.99
C LYS B 89 -26.26 -1.04 -17.06
N PRO B 90 -27.24 -0.21 -17.45
CA PRO B 90 -27.04 0.71 -18.57
C PRO B 90 -26.42 2.07 -18.27
N GLY B 91 -25.94 2.27 -17.07
CA GLY B 91 -25.14 3.47 -16.79
C GLY B 91 -26.02 4.63 -16.38
N PRO B 92 -25.67 5.88 -16.71
CA PRO B 92 -24.79 6.26 -17.82
C PRO B 92 -23.31 5.86 -17.64
N TYR B 93 -22.75 6.02 -16.45
CA TYR B 93 -21.39 5.49 -16.24
C TYR B 93 -21.44 3.99 -16.00
N ILE B 94 -20.44 3.27 -16.53
CA ILE B 94 -20.28 1.83 -16.21
C ILE B 94 -18.89 1.54 -15.67
N LEU B 95 -17.89 2.40 -15.93
CA LEU B 95 -16.47 2.11 -15.55
C LEU B 95 -16.01 0.95 -16.44
N ALA B 96 -15.98 -0.28 -15.92
CA ALA B 96 -15.90 -1.53 -16.73
C ALA B 96 -14.61 -1.57 -17.53
N GLU B 97 -13.56 -0.83 -17.16
CA GLU B 97 -12.30 -0.71 -17.94
C GLU B 97 -12.63 -0.39 -19.39
N TYR B 98 -13.69 0.40 -19.62
CA TYR B 98 -14.18 0.78 -20.97
C TYR B 98 -13.74 2.21 -21.21
N GLU B 99 -13.33 2.54 -22.44
CA GLU B 99 -12.86 3.91 -22.77
C GLU B 99 -13.88 4.90 -22.23
N ASN B 100 -13.38 5.97 -21.63
CA ASN B 100 -14.20 7.08 -21.12
C ASN B 100 -15.23 6.58 -20.12
N GLN B 101 -14.95 5.49 -19.42
CA GLN B 101 -15.84 4.93 -18.36
C GLN B 101 -17.22 4.56 -18.94
N GLY B 102 -17.35 4.39 -20.27
CA GLY B 102 -18.58 3.99 -20.95
C GLY B 102 -19.30 5.16 -21.61
N LEU B 103 -18.86 6.41 -21.37
CA LEU B 103 -19.53 7.56 -22.02
C LEU B 103 -19.06 7.61 -23.46
N PRO B 104 -19.95 8.02 -24.39
CA PRO B 104 -19.55 8.11 -25.79
C PRO B 104 -18.45 9.16 -26.02
N SER B 105 -17.47 8.85 -26.88
CA SER B 105 -16.46 9.83 -27.29
C SER B 105 -17.14 11.06 -27.87
N TRP B 106 -18.18 10.86 -28.68
CA TRP B 106 -18.88 11.99 -29.35
C TRP B 106 -19.45 12.92 -28.29
N LEU B 107 -19.93 12.37 -27.18
CA LEU B 107 -20.55 13.18 -26.12
C LEU B 107 -19.47 14.05 -25.48
N LEU B 108 -18.37 13.43 -25.07
CA LEU B 108 -17.33 14.17 -24.32
C LEU B 108 -16.70 15.24 -25.21
N LYS B 109 -16.68 15.04 -26.53
CA LYS B 109 -16.13 16.09 -27.44
C LYS B 109 -17.12 17.24 -27.56
N LYS B 110 -18.40 16.96 -27.46
CA LYS B 110 -19.46 18.00 -27.69
C LYS B 110 -19.75 18.82 -26.43
N LEU B 111 -19.75 18.18 -25.26
CA LEU B 111 -20.16 18.83 -24.00
C LEU B 111 -19.38 20.13 -23.79
N SER B 112 -20.03 21.16 -23.25
CA SER B 112 -19.35 22.40 -22.80
C SER B 112 -18.57 22.17 -21.52
N LYS B 113 -17.72 23.12 -21.18
CA LYS B 113 -16.84 22.99 -20.00
C LYS B 113 -17.68 22.83 -18.74
N ASN B 114 -18.84 23.47 -18.66
CA ASN B 114 -19.68 23.41 -17.43
C ASN B 114 -20.38 22.05 -17.24
N ALA B 115 -20.22 21.11 -18.16
CA ALA B 115 -20.71 19.73 -17.95
C ALA B 115 -19.70 18.93 -17.11
N PHE B 116 -18.48 19.42 -16.94
CA PHE B 116 -17.37 18.63 -16.35
C PHE B 116 -17.23 18.97 -14.86
N ALA B 117 -16.73 18.03 -14.07
CA ALA B 117 -16.26 18.30 -12.72
C ALA B 117 -15.08 19.26 -12.83
N LEU B 118 -15.12 20.32 -12.02
CA LEU B 118 -14.10 21.39 -12.04
C LEU B 118 -13.41 21.47 -10.68
N ASP B 119 -12.12 21.81 -10.71
CA ASP B 119 -11.37 22.01 -9.45
C ASP B 119 -11.65 23.42 -8.86
N GLU B 120 -11.02 23.73 -7.72
CA GLU B 120 -11.10 25.05 -7.02
C GLU B 120 -10.79 26.21 -7.98
N ASN B 121 -9.98 26.01 -9.02
CA ASN B 121 -9.59 27.05 -10.01
C ASN B 121 -10.53 27.13 -11.22
N GLY B 122 -11.53 26.25 -11.33
CA GLY B 122 -12.39 26.22 -12.52
C GLY B 122 -11.80 25.41 -13.64
N ASN B 123 -10.80 24.57 -13.39
CA ASN B 123 -10.19 23.72 -14.43
C ASN B 123 -10.82 22.31 -14.41
N VAL B 124 -10.96 21.74 -15.60
CA VAL B 124 -11.52 20.37 -15.82
C VAL B 124 -10.62 19.37 -15.11
N ILE B 125 -11.17 18.55 -14.20
CA ILE B 125 -10.37 17.56 -13.43
C ILE B 125 -9.94 16.43 -14.35
N SER B 126 -10.86 15.91 -15.16
CA SER B 126 -10.58 14.80 -16.08
C SER B 126 -11.50 14.88 -17.28
N PRO B 127 -11.01 14.55 -18.50
CA PRO B 127 -11.85 14.67 -19.68
C PRO B 127 -12.99 13.65 -19.80
N ASP B 128 -13.05 12.66 -18.91
CA ASP B 128 -14.21 11.74 -18.85
C ASP B 128 -14.99 11.88 -17.56
N LEU B 129 -14.77 12.95 -16.79
CA LEU B 129 -15.42 13.08 -15.47
C LEU B 129 -16.40 14.25 -15.53
N VAL B 130 -17.69 13.91 -15.59
CA VAL B 130 -18.78 14.90 -15.69
C VAL B 130 -19.17 15.31 -14.28
N SER B 131 -19.90 16.42 -14.19
CA SER B 131 -20.55 16.86 -12.96
C SER B 131 -21.96 16.25 -12.99
N TYR B 132 -22.30 15.46 -11.98
CA TYR B 132 -23.50 14.57 -12.04
C TYR B 132 -24.77 15.36 -12.36
N LEU B 133 -24.94 16.55 -11.82
CA LEU B 133 -26.23 17.28 -12.00
C LEU B 133 -26.09 18.31 -13.11
N SER B 134 -25.05 18.23 -13.92
CA SER B 134 -24.90 19.03 -15.16
C SER B 134 -26.18 18.96 -15.99
N ASP B 135 -26.73 20.10 -16.37
CA ASP B 135 -27.93 20.07 -17.22
C ASP B 135 -27.66 19.33 -18.52
N GLU B 136 -26.51 19.59 -19.14
CA GLU B 136 -26.19 18.97 -20.46
C GLU B 136 -25.96 17.46 -20.24
N PHE B 137 -25.24 17.08 -19.22
CA PHE B 137 -25.03 15.64 -18.95
C PHE B 137 -26.37 14.92 -18.79
N LEU B 138 -27.28 15.47 -17.98
CA LEU B 138 -28.57 14.78 -17.70
C LEU B 138 -29.45 14.86 -18.95
N GLU B 139 -29.29 15.86 -19.81
CA GLU B 139 -30.09 15.88 -21.06
C GLU B 139 -29.66 14.68 -21.92
N TYR B 140 -28.34 14.48 -22.12
CA TYR B 140 -27.87 13.40 -22.98
C TYR B 140 -28.13 12.04 -22.31
N THR B 141 -27.94 11.94 -21.00
CA THR B 141 -28.28 10.71 -20.25
C THR B 141 -29.75 10.36 -20.51
N PHE B 142 -30.63 11.34 -20.49
CA PHE B 142 -32.08 11.04 -20.64
C PHE B 142 -32.31 10.54 -22.06
N LYS B 143 -31.65 11.14 -23.06
CA LYS B 143 -31.79 10.70 -24.49
C LYS B 143 -31.29 9.25 -24.65
N TRP B 144 -30.25 8.88 -23.90
CA TRP B 144 -29.77 7.47 -23.85
C TRP B 144 -30.84 6.57 -23.21
N TYR B 145 -31.37 6.97 -22.05
CA TYR B 145 -32.46 6.24 -21.36
C TYR B 145 -33.67 6.09 -22.27
N ASP B 146 -33.99 7.14 -23.05
CA ASP B 146 -35.15 7.08 -23.96
C ASP B 146 -35.04 5.90 -24.92
N LYS B 147 -33.83 5.46 -25.31
CA LYS B 147 -33.64 4.34 -26.27
C LYS B 147 -33.39 3.02 -25.56
N VAL B 148 -32.64 3.00 -24.45
CA VAL B 148 -32.34 1.67 -23.84
C VAL B 148 -33.47 1.27 -22.89
N MET B 149 -34.14 2.20 -22.24
CA MET B 149 -35.14 1.80 -21.21
C MET B 149 -36.38 1.14 -21.80
N PRO B 150 -36.90 1.51 -22.99
CA PRO B 150 -38.02 0.75 -23.53
C PRO B 150 -37.69 -0.74 -23.75
N ILE B 151 -36.44 -1.03 -24.12
CA ILE B 151 -35.95 -2.42 -24.38
C ILE B 151 -35.94 -3.15 -23.05
N ILE B 152 -35.36 -2.54 -22.03
CA ILE B 152 -35.34 -3.13 -20.68
C ILE B 152 -36.76 -3.37 -20.22
N SER B 153 -37.65 -2.40 -20.40
CA SER B 153 -39.03 -2.52 -19.90
C SER B 153 -39.75 -3.69 -20.57
N LYS B 154 -39.55 -3.85 -21.86
CA LYS B 154 -40.23 -4.90 -22.66
C LYS B 154 -39.79 -6.27 -22.16
N HIS B 155 -38.55 -6.39 -21.67
CA HIS B 155 -37.93 -7.71 -21.40
C HIS B 155 -37.85 -7.97 -19.90
N GLN B 156 -38.58 -7.22 -19.07
CA GLN B 156 -38.67 -7.52 -17.64
C GLN B 156 -39.38 -8.85 -17.40
N LYS B 157 -39.13 -9.42 -16.23
CA LYS B 157 -39.78 -10.67 -15.76
C LYS B 157 -41.31 -10.54 -15.84
N GLU B 158 -41.89 -9.38 -15.51
CA GLU B 158 -43.38 -9.25 -15.52
C GLU B 158 -43.92 -9.31 -16.96
N HIS B 159 -43.09 -9.17 -18.00
CA HIS B 159 -43.51 -9.40 -19.41
C HIS B 159 -42.93 -10.73 -19.91
N TYR B 160 -42.65 -11.67 -19.00
CA TYR B 160 -42.09 -13.01 -19.23
C TYR B 160 -40.69 -12.95 -19.81
N GLY B 161 -40.00 -11.81 -19.65
CA GLY B 161 -38.60 -11.69 -20.08
C GLY B 161 -37.67 -12.14 -18.95
N PRO B 162 -36.34 -12.12 -19.19
CA PRO B 162 -35.38 -12.58 -18.19
C PRO B 162 -34.90 -11.47 -17.21
N ILE B 163 -35.26 -10.21 -17.43
CA ILE B 163 -34.62 -9.10 -16.68
C ILE B 163 -35.27 -8.99 -15.29
N THR B 164 -34.50 -9.21 -14.23
CA THR B 164 -34.99 -9.16 -12.83
C THR B 164 -34.48 -7.98 -12.04
N MET B 165 -33.37 -7.39 -12.45
CA MET B 165 -32.75 -6.30 -11.67
C MET B 165 -32.06 -5.35 -12.62
N MET B 166 -31.92 -4.10 -12.19
CA MET B 166 -31.15 -3.13 -12.97
C MET B 166 -30.34 -2.24 -12.01
N GLN B 167 -29.07 -2.05 -12.34
CA GLN B 167 -28.20 -1.13 -11.59
C GLN B 167 -28.35 0.27 -12.16
N LEU B 168 -28.46 1.26 -11.28
CA LEU B 168 -28.48 2.67 -11.69
C LEU B 168 -27.02 3.18 -11.68
N CYS B 169 -26.51 3.62 -12.81
CA CYS B 169 -25.18 4.21 -12.98
C CYS B 169 -24.20 3.17 -12.43
N ASN B 170 -23.13 3.61 -11.79
CA ASN B 170 -22.07 2.68 -11.29
C ASN B 170 -21.24 3.39 -10.25
N GLU B 171 -21.22 2.85 -9.05
CA GLU B 171 -20.36 3.33 -7.94
C GLU B 171 -20.33 4.86 -7.90
N ILE B 172 -21.48 5.47 -7.60
CA ILE B 172 -21.55 6.94 -7.63
C ILE B 172 -20.42 7.50 -6.77
N GLY B 173 -19.75 8.49 -7.32
CA GLY B 173 -18.61 9.17 -6.68
C GLY B 173 -17.29 8.46 -6.86
N VAL B 174 -17.22 7.29 -7.48
CA VAL B 174 -15.90 6.58 -7.54
C VAL B 174 -14.91 7.36 -8.42
N PHE B 175 -15.39 7.98 -9.50
CA PHE B 175 -14.50 8.67 -10.46
C PHE B 175 -13.94 9.88 -9.75
N GLN B 176 -14.82 10.60 -9.08
CA GLN B 176 -14.39 11.77 -8.27
C GLN B 176 -13.36 11.36 -7.22
N TRP B 177 -13.59 10.29 -6.48
CA TRP B 177 -12.68 9.77 -5.45
C TRP B 177 -11.32 9.44 -6.07
N LEU B 178 -11.29 8.67 -7.16
CA LEU B 178 -10.01 8.24 -7.75
C LEU B 178 -9.27 9.44 -8.33
N SER B 179 -9.96 10.51 -8.75
CA SER B 179 -9.28 11.69 -9.32
C SER B 179 -8.47 12.38 -8.23
N GLY B 180 -8.83 12.21 -6.96
CA GLY B 180 -8.13 12.89 -5.85
C GLY B 180 -8.52 14.33 -5.66
N LYS B 181 -9.62 14.78 -6.30
CA LYS B 181 -10.13 16.17 -6.21
C LYS B 181 -11.65 16.14 -6.12
N SER B 182 -12.23 17.10 -5.43
CA SER B 182 -13.71 17.19 -5.35
C SER B 182 -14.21 18.20 -6.39
N ASP B 183 -15.49 18.10 -6.67
CA ASP B 183 -16.18 18.89 -7.73
C ASP B 183 -16.60 20.25 -7.19
N TYR B 184 -16.08 21.31 -7.80
CA TYR B 184 -16.48 22.72 -7.57
C TYR B 184 -17.15 23.30 -8.83
N ASN B 185 -17.79 22.44 -9.66
CA ASN B 185 -18.67 22.91 -10.77
C ASN B 185 -19.64 23.99 -10.24
N PRO B 186 -20.00 25.00 -11.05
CA PRO B 186 -20.98 26.01 -10.61
C PRO B 186 -22.33 25.45 -10.17
N LYS B 187 -22.79 24.35 -10.75
CA LYS B 187 -24.05 23.70 -10.29
C LYS B 187 -23.88 23.27 -8.85
N VAL B 188 -22.73 22.68 -8.52
CA VAL B 188 -22.44 22.29 -7.12
C VAL B 188 -22.46 23.54 -6.23
N ILE B 189 -21.77 24.61 -6.65
CA ILE B 189 -21.62 25.83 -5.82
C ILE B 189 -23.02 26.38 -5.56
N ASN B 190 -23.84 26.44 -6.61
CA ASN B 190 -25.17 27.09 -6.48
C ASN B 190 -26.11 26.20 -5.68
N LEU B 191 -26.11 24.89 -5.92
CA LEU B 191 -26.98 24.01 -5.12
C LEU B 191 -26.50 24.04 -3.66
N TYR B 192 -25.19 24.12 -3.42
CA TYR B 192 -24.68 24.19 -2.04
C TYR B 192 -25.22 25.45 -1.33
N LYS B 193 -25.21 26.58 -2.02
CA LYS B 193 -25.71 27.85 -1.41
C LYS B 193 -27.19 27.70 -1.07
N GLU B 194 -27.99 27.06 -1.93
CA GLU B 194 -29.43 26.85 -1.63
C GLU B 194 -29.56 25.96 -0.39
N PHE B 195 -28.73 24.92 -0.28
CA PHE B 195 -28.72 23.98 0.86
C PHE B 195 -28.47 24.76 2.17
N ILE B 196 -27.46 25.62 2.16
CA ILE B 196 -27.03 26.35 3.38
C ILE B 196 -28.15 27.32 3.80
N ILE B 197 -28.79 28.00 2.83
CA ILE B 197 -29.88 28.98 3.16
C ILE B 197 -31.05 28.21 3.77
N GLN B 198 -31.39 27.08 3.16
CA GLN B 198 -32.48 26.24 3.67
C GLN B 198 -32.14 25.72 5.08
N ARG B 199 -30.88 25.40 5.32
CA ARG B 199 -30.44 24.72 6.55
C ARG B 199 -30.47 25.72 7.70
N TYR B 200 -29.98 26.96 7.49
CA TYR B 200 -29.73 27.94 8.57
C TYR B 200 -30.78 29.04 8.61
N LYS B 201 -31.42 29.33 7.49
CA LYS B 201 -32.56 30.28 7.33
C LYS B 201 -32.06 31.73 7.42
N THR B 202 -31.23 32.07 8.39
CA THR B 202 -30.68 33.44 8.52
C THR B 202 -29.17 33.35 8.65
N ILE B 203 -28.51 34.43 8.24
CA ILE B 203 -27.03 34.45 8.36
C ILE B 203 -26.66 34.52 9.86
N GLU B 204 -27.47 35.16 10.70
CA GLU B 204 -27.18 35.20 12.15
C GLU B 204 -27.10 33.77 12.71
N LYS B 205 -28.02 32.89 12.32
CA LYS B 205 -28.04 31.48 12.81
C LYS B 205 -26.79 30.74 12.33
N LEU B 206 -26.42 30.91 11.08
CA LEU B 206 -25.17 30.29 10.58
C LEU B 206 -23.97 30.84 11.36
N ASN B 207 -23.89 32.16 11.57
CA ASN B 207 -22.74 32.76 12.27
C ASN B 207 -22.67 32.21 13.71
N SER B 208 -23.81 31.97 14.34
CA SER B 208 -23.86 31.48 15.73
C SER B 208 -23.28 30.08 15.81
N VAL B 209 -23.51 29.22 14.81
CA VAL B 209 -22.95 27.85 14.78
C VAL B 209 -21.49 27.88 14.40
N TYR B 210 -21.15 28.66 13.38
CA TYR B 210 -19.77 28.61 12.83
C TYR B 210 -18.81 29.51 13.61
N SER B 211 -19.33 30.47 14.36
CA SER B 211 -18.57 31.60 14.95
C SER B 211 -17.94 32.46 13.85
N THR B 212 -18.70 32.76 12.81
CA THR B 212 -18.27 33.67 11.72
C THR B 212 -19.01 35.00 11.90
N ASN B 213 -18.65 35.94 11.04
CA ASN B 213 -19.18 37.32 11.09
C ASN B 213 -19.70 37.72 9.71
N TYR B 214 -20.32 36.83 8.94
CA TYR B 214 -20.81 37.20 7.60
C TYR B 214 -21.94 38.24 7.74
N ASN B 215 -22.02 39.15 6.78
CA ASN B 215 -23.12 40.14 6.73
C ASN B 215 -24.37 39.55 6.04
N SER B 216 -24.17 38.61 5.11
CA SER B 216 -25.28 38.01 4.33
C SER B 216 -24.86 36.66 3.77
N PHE B 217 -25.83 35.86 3.39
CA PHE B 217 -25.55 34.59 2.66
C PHE B 217 -24.74 34.85 1.38
N ASP B 218 -24.81 36.05 0.80
CA ASP B 218 -24.05 36.35 -0.45
C ASP B 218 -22.54 36.38 -0.16
N ASP B 219 -22.12 36.49 1.11
CA ASP B 219 -20.67 36.56 1.45
C ASP B 219 -20.05 35.17 1.53
N LEU B 220 -20.88 34.14 1.64
CA LEU B 220 -20.49 32.76 1.99
C LEU B 220 -20.29 32.02 0.67
N LYS B 221 -19.21 31.25 0.53
CA LYS B 221 -18.92 30.45 -0.69
C LYS B 221 -18.71 28.99 -0.24
N ALA B 222 -18.98 28.00 -1.09
CA ALA B 222 -18.55 26.61 -0.83
C ALA B 222 -17.10 26.70 -0.39
N PRO B 223 -16.73 26.02 0.71
CA PRO B 223 -15.38 26.07 1.25
C PRO B 223 -14.36 25.43 0.31
N SER B 224 -13.21 26.09 0.19
CA SER B 224 -12.07 25.63 -0.63
C SER B 224 -10.80 25.78 0.22
N GLY B 225 -9.73 25.10 -0.15
CA GLY B 225 -8.49 25.29 0.60
C GLY B 225 -8.52 24.58 1.96
N LYS B 226 -7.39 24.63 2.65
CA LYS B 226 -7.14 23.87 3.90
C LYS B 226 -8.00 24.42 5.04
N ILE B 227 -8.37 23.55 5.98
CA ILE B 227 -9.07 23.94 7.23
C ILE B 227 -8.06 24.54 8.21
N LYS B 228 -8.20 25.83 8.48
CA LYS B 228 -7.31 26.52 9.44
C LYS B 228 -8.08 26.91 10.70
N LEU B 229 -9.40 27.09 10.63
CA LEU B 229 -10.22 27.52 11.78
C LEU B 229 -11.35 26.51 12.01
N ARG B 230 -11.93 26.48 13.20
CA ARG B 230 -13.10 25.60 13.44
C ARG B 230 -14.22 26.03 12.49
N SER B 231 -14.32 27.31 12.12
CA SER B 231 -15.37 27.77 11.18
C SER B 231 -15.18 27.14 9.80
N ASP B 232 -13.93 26.86 9.40
CA ASP B 232 -13.68 26.17 8.10
C ASP B 232 -14.13 24.71 8.24
N TYR B 233 -13.85 24.07 9.39
CA TYR B 233 -14.33 22.69 9.64
C TYR B 233 -15.87 22.64 9.49
N CYS B 234 -16.58 23.56 10.15
CA CYS B 234 -18.06 23.67 10.10
C CYS B 234 -18.51 23.76 8.64
N ALA B 235 -17.94 24.65 7.87
CA ALA B 235 -18.28 24.82 6.43
C ALA B 235 -18.10 23.50 5.69
N TYR B 236 -16.97 22.82 5.87
CA TYR B 236 -16.74 21.53 5.21
C TYR B 236 -17.72 20.46 5.72
N PHE B 237 -18.07 20.47 6.99
CA PHE B 237 -19.04 19.48 7.52
C PHE B 237 -20.35 19.58 6.75
N ASP B 238 -20.89 20.80 6.65
CA ASP B 238 -22.12 21.05 5.89
C ASP B 238 -21.91 20.68 4.43
N PHE B 239 -20.72 20.92 3.89
CA PHE B 239 -20.43 20.58 2.48
C PHE B 239 -20.52 19.06 2.31
N HIS B 240 -20.07 18.27 3.30
CA HIS B 240 -20.21 16.80 3.26
C HIS B 240 -21.70 16.44 3.32
N LEU B 241 -22.47 17.08 4.20
CA LEU B 241 -23.94 16.80 4.30
C LEU B 241 -24.58 17.08 2.93
N PHE B 242 -24.19 18.18 2.35
CA PHE B 242 -24.69 18.58 1.02
C PHE B 242 -24.39 17.51 -0.02
N PHE B 243 -23.17 16.97 -0.04
CA PHE B 243 -22.81 15.98 -1.09
C PHE B 243 -23.66 14.73 -0.94
N ARG B 244 -24.03 14.35 0.27
CA ARG B 244 -24.92 13.19 0.46
C ARG B 244 -26.30 13.48 -0.12
N GLU B 245 -26.80 14.68 0.06
CA GLU B 245 -28.09 15.11 -0.55
C GLU B 245 -27.91 15.19 -2.07
N TYR B 246 -26.75 15.62 -2.56
CA TYR B 246 -26.45 15.76 -4.01
C TYR B 246 -26.48 14.39 -4.68
N TYR B 247 -25.85 13.39 -4.07
CA TYR B 247 -25.87 12.05 -4.68
C TYR B 247 -27.27 11.45 -4.59
N ASN B 248 -28.00 11.75 -3.53
CA ASN B 248 -29.42 11.33 -3.45
C ASN B 248 -30.24 12.01 -4.55
N LYS B 249 -29.97 13.25 -4.86
CA LYS B 249 -30.72 13.93 -5.96
C LYS B 249 -30.37 13.26 -7.29
N TYR B 250 -29.08 12.95 -7.51
CA TYR B 250 -28.69 12.29 -8.77
C TYR B 250 -29.47 10.97 -8.93
N ILE B 251 -29.34 10.06 -7.96
CA ILE B 251 -29.95 8.73 -8.13
C ILE B 251 -31.48 8.84 -8.19
N SER B 252 -32.08 9.79 -7.47
CA SER B 252 -33.56 10.05 -7.49
C SER B 252 -33.99 10.45 -8.91
N ILE B 253 -33.20 11.30 -9.56
CA ILE B 253 -33.51 11.76 -10.94
C ILE B 253 -33.45 10.54 -11.87
N LEU B 254 -32.41 9.70 -11.78
CA LEU B 254 -32.36 8.50 -12.64
C LEU B 254 -33.52 7.59 -12.35
N LYS B 255 -33.79 7.36 -11.08
CA LYS B 255 -34.87 6.41 -10.69
C LYS B 255 -36.23 6.91 -11.22
N ASN B 256 -36.53 8.18 -11.04
CA ASN B 256 -37.84 8.70 -11.48
C ASN B 256 -37.95 8.57 -12.99
N LYS B 257 -36.87 8.86 -13.71
CA LYS B 257 -36.79 8.70 -15.19
C LYS B 257 -37.07 7.23 -15.54
N ILE B 258 -36.40 6.27 -14.92
CA ILE B 258 -36.60 4.86 -15.36
C ILE B 258 -38.01 4.38 -15.02
N ARG B 259 -38.57 4.82 -13.90
CA ARG B 259 -39.91 4.31 -13.49
C ARG B 259 -40.93 4.76 -14.56
N SER B 260 -40.70 5.87 -15.23
CA SER B 260 -41.62 6.45 -16.25
C SER B 260 -41.74 5.51 -17.44
N PHE B 261 -40.80 4.57 -17.64
CA PHE B 261 -40.87 3.57 -18.74
C PHE B 261 -41.64 2.32 -18.33
N GLY B 262 -42.25 2.28 -17.15
CA GLY B 262 -42.97 1.07 -16.78
C GLY B 262 -42.02 -0.01 -16.26
N ILE B 263 -40.83 0.39 -15.79
CA ILE B 263 -39.81 -0.55 -15.24
C ILE B 263 -40.10 -0.71 -13.74
N ASN B 264 -40.56 -1.89 -13.34
CA ASN B 264 -40.92 -2.17 -11.93
C ASN B 264 -39.93 -3.14 -11.26
N ILE B 265 -38.90 -3.60 -11.96
CA ILE B 265 -37.93 -4.56 -11.35
C ILE B 265 -37.13 -3.89 -10.24
N LYS B 266 -36.39 -4.72 -9.55
CA LYS B 266 -35.57 -4.30 -8.41
C LYS B 266 -34.41 -3.46 -8.93
N LEU B 267 -34.20 -2.32 -8.31
CA LEU B 267 -33.10 -1.40 -8.67
C LEU B 267 -31.97 -1.61 -7.68
N THR B 268 -30.74 -1.51 -8.17
CA THR B 268 -29.53 -1.79 -7.40
C THR B 268 -28.55 -0.62 -7.53
N HIS B 269 -27.60 -0.61 -6.61
CA HIS B 269 -26.39 0.23 -6.76
C HIS B 269 -25.25 -0.56 -6.15
N ASN B 270 -24.04 -0.18 -6.51
CA ASN B 270 -22.84 -0.98 -6.16
C ASN B 270 -21.83 -0.05 -5.45
N ILE B 271 -21.17 -0.62 -4.43
CA ILE B 271 -20.34 0.20 -3.52
C ILE B 271 -18.87 -0.05 -3.84
N PRO B 272 -18.11 1.03 -4.14
CA PRO B 272 -16.67 0.94 -4.35
C PRO B 272 -15.93 1.02 -3.01
N GLY B 273 -14.60 0.75 -3.08
CA GLY B 273 -13.71 1.16 -1.98
C GLY B 273 -12.54 0.23 -1.77
N TRP B 274 -12.53 -0.94 -2.37
CA TRP B 274 -11.32 -1.79 -2.24
C TRP B 274 -10.22 -1.16 -3.12
N ILE B 275 -8.99 -1.21 -2.69
CA ILE B 275 -7.83 -0.78 -3.50
C ILE B 275 -6.62 -1.51 -2.90
N TYR B 276 -5.78 -2.04 -3.76
CA TYR B 276 -4.55 -2.81 -3.41
C TYR B 276 -4.90 -3.95 -2.44
N GLY B 277 -6.13 -4.48 -2.49
CA GLY B 277 -6.49 -5.69 -1.77
C GLY B 277 -7.00 -5.41 -0.35
N ASN B 278 -7.27 -4.15 0.04
CA ASN B 278 -7.93 -3.89 1.32
C ASN B 278 -9.01 -2.82 1.15
N ALA B 279 -9.87 -2.75 2.13
CA ALA B 279 -11.13 -1.97 2.01
C ALA B 279 -11.26 -0.97 3.14
N SER B 280 -10.15 -0.49 3.71
CA SER B 280 -10.27 0.43 4.90
C SER B 280 -10.94 1.75 4.52
N GLU B 281 -10.95 2.16 3.26
CA GLU B 281 -11.63 3.41 2.83
C GLU B 281 -13.06 3.13 2.37
N LEU B 282 -13.45 1.87 2.16
CA LEU B 282 -14.83 1.59 1.72
C LEU B 282 -15.87 2.20 2.67
N PRO B 283 -15.68 2.20 3.99
CA PRO B 283 -16.67 2.82 4.88
C PRO B 283 -16.88 4.32 4.61
N MET B 284 -15.81 5.01 4.25
CA MET B 284 -15.96 6.43 3.81
C MET B 284 -16.89 6.51 2.61
N LEU B 285 -16.70 5.67 1.62
CA LEU B 285 -17.49 5.76 0.38
C LEU B 285 -18.91 5.29 0.64
N ILE B 286 -19.11 4.26 1.42
CA ILE B 286 -20.51 3.84 1.73
C ILE B 286 -21.21 4.95 2.49
N SER B 287 -20.49 5.72 3.30
CA SER B 287 -21.10 6.84 4.05
C SER B 287 -21.62 7.92 3.10
N THR B 288 -21.05 8.06 1.89
CA THR B 288 -21.54 9.09 0.96
C THR B 288 -22.93 8.69 0.44
N TYR B 289 -23.39 7.47 0.69
CA TYR B 289 -24.73 7.00 0.26
C TYR B 289 -25.76 7.09 1.38
N SER B 290 -25.43 7.76 2.49
CA SER B 290 -26.31 7.76 3.67
C SER B 290 -27.71 8.28 3.31
N GLU B 291 -27.79 9.32 2.49
CA GLU B 291 -29.13 9.91 2.21
C GLU B 291 -29.86 9.02 1.20
N ILE B 292 -29.14 8.42 0.28
CA ILE B 292 -29.83 7.50 -0.67
C ILE B 292 -30.46 6.37 0.13
N MET B 293 -29.72 5.74 1.05
CA MET B 293 -30.24 4.59 1.80
C MET B 293 -31.39 4.98 2.72
N LYS B 294 -31.42 6.21 3.22
CA LYS B 294 -32.54 6.68 4.07
C LYS B 294 -33.76 6.88 3.20
N ASN B 295 -33.60 7.37 1.98
CA ASN B 295 -34.77 7.82 1.20
C ASN B 295 -35.26 6.76 0.21
N HIS B 296 -34.48 5.74 -0.09
CA HIS B 296 -34.86 4.79 -1.15
C HIS B 296 -34.74 3.38 -0.60
N PRO B 297 -35.79 2.91 0.12
CA PRO B 297 -35.79 1.55 0.66
C PRO B 297 -35.86 0.52 -0.48
N ASP B 298 -36.16 0.96 -1.69
CA ASP B 298 -36.38 0.05 -2.84
C ASP B 298 -35.10 -0.08 -3.69
N ILE B 299 -34.00 0.59 -3.38
CA ILE B 299 -32.73 0.41 -4.13
C ILE B 299 -31.82 -0.43 -3.25
N ILE B 300 -31.42 -1.59 -3.72
CA ILE B 300 -30.58 -2.50 -2.89
C ILE B 300 -29.14 -2.24 -3.27
N PHE B 301 -28.34 -1.88 -2.27
CA PHE B 301 -26.90 -1.67 -2.45
C PHE B 301 -26.19 -2.98 -2.23
N GLY B 302 -25.25 -3.28 -3.11
CA GLY B 302 -24.33 -4.43 -2.95
C GLY B 302 -22.89 -4.00 -3.00
N LEU B 303 -22.01 -4.84 -2.46
CA LEU B 303 -20.59 -4.53 -2.30
C LEU B 303 -19.83 -4.95 -3.56
N ASP B 304 -18.77 -4.21 -3.87
CA ASP B 304 -17.80 -4.57 -4.95
C ASP B 304 -16.51 -5.05 -4.29
N HIS B 305 -16.37 -6.35 -4.07
CA HIS B 305 -15.23 -6.91 -3.31
C HIS B 305 -14.08 -7.21 -4.26
N ILE B 306 -12.92 -6.61 -4.03
CA ILE B 306 -11.70 -6.83 -4.86
C ILE B 306 -10.53 -7.16 -3.91
N PRO B 307 -10.54 -8.36 -3.31
CA PRO B 307 -9.47 -8.75 -2.35
C PRO B 307 -8.07 -8.91 -2.95
N GLU B 308 -7.95 -9.34 -4.22
CA GLU B 308 -6.70 -9.58 -4.99
C GLU B 308 -5.86 -10.75 -4.46
N PHE B 309 -5.86 -11.01 -3.18
CA PHE B 309 -5.20 -12.15 -2.53
C PHE B 309 -6.04 -12.48 -1.32
N VAL B 310 -5.72 -13.53 -0.60
CA VAL B 310 -6.51 -13.90 0.60
C VAL B 310 -5.57 -14.33 1.68
N SER B 311 -5.28 -13.43 2.62
CA SER B 311 -4.27 -13.75 3.65
C SER B 311 -4.60 -12.93 4.89
N PHE B 312 -3.81 -13.12 5.94
CA PHE B 312 -4.01 -12.29 7.13
C PHE B 312 -3.89 -10.80 6.81
N ARG B 313 -3.13 -10.44 5.76
CA ARG B 313 -2.95 -9.00 5.40
C ARG B 313 -4.28 -8.32 5.07
N ASN B 314 -5.30 -9.06 4.60
CA ASN B 314 -6.61 -8.44 4.30
C ASN B 314 -7.79 -9.27 4.78
N ALA B 315 -7.60 -10.21 5.69
CA ALA B 315 -8.69 -11.13 6.07
C ALA B 315 -9.90 -10.38 6.62
N HIS B 316 -9.66 -9.26 7.30
CA HIS B 316 -10.71 -8.51 8.06
C HIS B 316 -11.50 -7.60 7.13
N SER B 317 -11.02 -7.30 5.93
CA SER B 317 -11.68 -6.26 5.11
C SER B 317 -13.10 -6.73 4.74
N ASP B 318 -13.27 -7.97 4.27
CA ASP B 318 -14.60 -8.37 3.73
C ASP B 318 -15.61 -8.45 4.86
N LEU B 319 -15.26 -8.98 6.02
CA LEU B 319 -16.24 -9.09 7.11
C LEU B 319 -16.63 -7.69 7.59
N ALA B 320 -15.68 -6.78 7.75
CA ALA B 320 -16.00 -5.43 8.25
C ALA B 320 -16.92 -4.76 7.24
N CYS B 321 -16.63 -4.90 5.94
CA CYS B 321 -17.46 -4.27 4.91
C CYS B 321 -18.87 -4.89 4.94
N ASN B 322 -18.99 -6.20 5.02
CA ASN B 322 -20.29 -6.90 5.07
C ASN B 322 -21.10 -6.41 6.27
N LYS B 323 -20.42 -6.19 7.40
CA LYS B 323 -21.06 -5.74 8.65
C LYS B 323 -21.53 -4.29 8.51
N ILE B 324 -20.72 -3.44 7.90
CA ILE B 324 -21.06 -2.01 7.75
C ILE B 324 -22.21 -1.86 6.75
N LEU B 325 -22.23 -2.68 5.68
CA LEU B 325 -23.42 -2.64 4.77
C LEU B 325 -24.67 -3.03 5.56
N GLU B 326 -24.58 -4.07 6.37
CA GLU B 326 -25.74 -4.55 7.13
C GLU B 326 -26.20 -3.41 8.05
N ALA B 327 -25.27 -2.69 8.67
CA ALA B 327 -25.58 -1.57 9.60
C ALA B 327 -26.39 -0.52 8.85
N MET B 328 -25.99 -0.21 7.64
CA MET B 328 -26.61 0.90 6.88
C MET B 328 -27.84 0.38 6.11
N GLN B 329 -27.97 -0.94 5.91
CA GLN B 329 -29.04 -1.51 5.07
C GLN B 329 -29.55 -2.77 5.76
N PRO B 330 -30.14 -2.63 6.96
CA PRO B 330 -30.48 -3.81 7.77
C PRO B 330 -31.67 -4.61 7.28
N GLU B 331 -32.43 -4.08 6.32
CA GLU B 331 -33.68 -4.73 5.85
C GLU B 331 -33.45 -5.44 4.52
N ALA B 332 -32.23 -5.48 3.99
CA ALA B 332 -31.95 -6.20 2.73
C ALA B 332 -30.80 -7.16 2.99
N PRO B 333 -30.74 -8.24 2.20
CA PRO B 333 -29.61 -9.16 2.32
C PRO B 333 -28.29 -8.43 1.96
N VAL B 334 -27.23 -8.90 2.59
CA VAL B 334 -25.82 -8.51 2.24
C VAL B 334 -25.41 -9.31 1.00
N TRP B 335 -25.09 -8.63 -0.10
CA TRP B 335 -24.76 -9.26 -1.39
C TRP B 335 -23.57 -8.53 -2.00
N ALA B 336 -22.84 -9.23 -2.86
CA ALA B 336 -21.76 -8.60 -3.61
C ALA B 336 -22.20 -8.38 -5.05
N ALA B 337 -22.40 -7.13 -5.44
CA ALA B 337 -22.73 -6.80 -6.84
C ALA B 337 -21.57 -7.14 -7.78
N GLU B 338 -20.35 -7.02 -7.31
CA GLU B 338 -19.14 -7.43 -8.06
C GLU B 338 -18.30 -8.25 -7.08
N PHE B 339 -18.10 -9.52 -7.38
CA PHE B 339 -17.48 -10.49 -6.45
C PHE B 339 -16.29 -11.08 -7.18
N GLN B 340 -15.08 -10.71 -6.80
CA GLN B 340 -13.91 -10.90 -7.67
C GLN B 340 -13.82 -12.33 -8.23
N ALA B 341 -13.69 -12.39 -9.54
CA ALA B 341 -13.32 -13.58 -10.31
C ALA B 341 -12.31 -13.13 -11.35
N GLY B 342 -11.14 -13.73 -11.31
CA GLY B 342 -10.04 -13.22 -12.14
C GLY B 342 -9.55 -11.86 -11.68
N THR B 343 -8.79 -11.20 -12.54
CA THR B 343 -8.17 -9.89 -12.25
C THR B 343 -8.43 -8.91 -13.38
N ARG B 344 -8.76 -7.68 -12.99
CA ARG B 344 -8.92 -6.54 -13.90
C ARG B 344 -7.61 -6.09 -14.55
N GLU B 345 -6.45 -6.50 -14.04
CA GLU B 345 -5.19 -5.93 -14.58
C GLU B 345 -4.11 -6.97 -14.52
N HIS B 346 -3.42 -7.10 -15.64
CA HIS B 346 -2.51 -8.24 -15.89
C HIS B 346 -1.44 -8.38 -14.80
N HIS B 347 -0.91 -7.27 -14.28
CA HIS B 347 0.24 -7.26 -13.31
C HIS B 347 -0.20 -7.62 -11.90
N VAL B 348 -1.52 -7.74 -11.65
CA VAL B 348 -2.07 -8.09 -10.32
C VAL B 348 -2.76 -9.44 -10.47
N LYS B 349 -2.10 -10.52 -10.05
CA LYS B 349 -2.63 -11.88 -10.31
C LYS B 349 -3.81 -12.16 -9.40
N ALA B 350 -4.70 -13.02 -9.84
CA ALA B 350 -5.84 -13.53 -9.07
C ALA B 350 -5.81 -15.03 -9.16
N TYR B 351 -5.43 -15.70 -8.09
CA TYR B 351 -5.27 -17.14 -8.13
C TYR B 351 -6.56 -17.84 -7.72
N ALA B 352 -6.88 -18.91 -8.43
CA ALA B 352 -8.06 -19.70 -8.08
C ALA B 352 -8.00 -20.16 -6.63
N LYS B 353 -6.84 -20.59 -6.19
CA LYS B 353 -6.68 -21.09 -4.80
C LYS B 353 -7.12 -19.99 -3.82
N ASP B 354 -6.67 -18.76 -4.03
CA ASP B 354 -7.08 -17.63 -3.16
C ASP B 354 -8.59 -17.40 -3.26
N LEU B 355 -9.09 -17.24 -4.49
CA LEU B 355 -10.48 -16.75 -4.60
C LEU B 355 -11.44 -17.83 -4.08
N GLU B 356 -11.15 -19.12 -4.29
CA GLU B 356 -12.02 -20.19 -3.76
C GLU B 356 -12.13 -20.04 -2.24
N THR B 357 -11.03 -19.76 -1.56
CA THR B 357 -11.06 -19.50 -0.11
C THR B 357 -11.89 -18.25 0.18
N PHE B 358 -11.69 -17.19 -0.59
CA PHE B 358 -12.45 -15.92 -0.40
C PHE B 358 -13.95 -16.23 -0.50
N TYR B 359 -14.34 -17.08 -1.44
CA TYR B 359 -15.78 -17.35 -1.60
C TYR B 359 -16.34 -18.02 -0.36
N ILE B 360 -15.63 -19.01 0.17
CA ILE B 360 -16.10 -19.72 1.36
C ILE B 360 -16.07 -18.76 2.55
N ALA B 361 -15.01 -17.98 2.71
CA ALA B 361 -14.90 -16.99 3.81
C ALA B 361 -16.08 -16.01 3.75
N SER B 362 -16.51 -15.63 2.54
CA SER B 362 -17.65 -14.72 2.34
C SER B 362 -18.92 -15.37 2.88
N LEU B 363 -19.10 -16.67 2.63
CA LEU B 363 -20.24 -17.40 3.24
C LEU B 363 -20.12 -17.38 4.75
N ALA B 364 -18.95 -17.69 5.27
CA ALA B 364 -18.72 -17.62 6.74
C ALA B 364 -19.09 -16.23 7.25
N HIS B 365 -18.76 -15.20 6.48
CA HIS B 365 -18.88 -13.77 6.85
C HIS B 365 -20.26 -13.25 6.46
N GLY B 366 -21.22 -14.12 6.14
CA GLY B 366 -22.64 -13.71 6.07
C GLY B 366 -23.14 -13.27 4.71
N ILE B 367 -22.39 -13.45 3.64
CA ILE B 367 -22.88 -13.03 2.30
C ILE B 367 -24.08 -13.92 1.91
N LYS B 368 -25.06 -13.32 1.22
CA LYS B 368 -26.33 -13.99 0.90
C LYS B 368 -26.53 -14.15 -0.62
N GLY B 369 -25.64 -13.56 -1.40
CA GLY B 369 -25.74 -13.51 -2.85
C GLY B 369 -24.50 -12.88 -3.41
N PHE B 370 -24.20 -13.16 -4.65
CA PHE B 370 -23.05 -12.51 -5.29
C PHE B 370 -23.11 -12.69 -6.79
N ASN B 371 -22.33 -11.84 -7.44
CA ASN B 371 -22.17 -11.82 -8.88
C ASN B 371 -20.68 -11.94 -9.20
N TYR B 372 -20.27 -13.08 -9.69
CA TYR B 372 -18.84 -13.30 -10.00
C TYR B 372 -18.46 -12.30 -11.08
N TYR B 373 -17.46 -11.46 -10.80
CA TYR B 373 -17.04 -10.34 -11.67
C TYR B 373 -15.54 -10.48 -11.85
N MET B 374 -15.01 -11.05 -12.95
CA MET B 374 -15.70 -11.45 -14.16
C MET B 374 -15.78 -12.96 -14.27
N PHE B 375 -16.96 -13.47 -14.53
CA PHE B 375 -17.11 -14.91 -14.80
C PHE B 375 -16.44 -15.19 -16.14
N SER B 376 -16.79 -14.41 -17.15
CA SER B 376 -16.26 -14.51 -18.51
C SER B 376 -15.29 -13.36 -18.80
N GLN B 377 -14.11 -13.71 -19.30
CA GLN B 377 -13.19 -12.73 -19.90
C GLN B 377 -13.86 -12.09 -21.11
N GLY B 378 -13.38 -10.94 -21.53
CA GLY B 378 -13.83 -10.31 -22.76
C GLY B 378 -12.65 -9.85 -23.57
N ILE B 379 -12.87 -9.61 -24.86
CA ILE B 379 -11.89 -8.94 -25.76
C ILE B 379 -12.58 -7.68 -26.24
N ASN B 380 -11.98 -6.52 -26.01
CA ASN B 380 -12.63 -5.27 -26.42
C ASN B 380 -12.69 -5.25 -27.93
N PRO B 381 -13.85 -4.94 -28.56
CA PRO B 381 -13.86 -4.68 -30.00
C PRO B 381 -13.43 -3.22 -30.19
N GLU B 382 -13.04 -2.85 -31.40
CA GLU B 382 -13.09 -1.44 -31.89
C GLU B 382 -12.32 -0.52 -30.93
N GLY B 383 -11.24 -1.01 -30.32
CA GLY B 383 -10.36 -0.24 -29.40
C GLY B 383 -11.09 0.30 -28.16
N LYS B 384 -12.11 -0.36 -27.65
CA LYS B 384 -12.87 0.19 -26.50
C LYS B 384 -12.23 -0.09 -25.13
N GLY B 385 -11.13 -0.83 -25.03
CA GLY B 385 -10.51 -1.10 -23.72
C GLY B 385 -9.85 0.15 -23.17
N PHE B 386 -10.10 0.49 -21.93
CA PHE B 386 -9.46 1.70 -21.36
C PHE B 386 -7.92 1.55 -21.39
N TYR B 387 -7.42 0.36 -21.06
CA TYR B 387 -6.02 0.08 -20.69
C TYR B 387 -5.35 -0.96 -21.60
N GLY B 388 -6.04 -1.54 -22.59
CA GLY B 388 -5.51 -2.63 -23.41
C GLY B 388 -6.64 -3.39 -24.08
N LYS B 389 -6.34 -4.42 -24.84
CA LYS B 389 -7.35 -5.12 -25.65
C LYS B 389 -8.09 -6.14 -24.83
N THR B 390 -7.46 -6.77 -23.84
CA THR B 390 -8.08 -7.90 -23.12
C THR B 390 -8.77 -7.37 -21.86
N PHE B 391 -10.00 -7.81 -21.65
CA PHE B 391 -10.80 -7.40 -20.47
C PHE B 391 -10.83 -8.57 -19.50
N TYR B 392 -10.08 -8.41 -18.42
CA TYR B 392 -9.90 -9.38 -17.30
C TYR B 392 -9.05 -10.58 -17.73
N PHE B 393 -8.52 -11.23 -16.70
CA PHE B 393 -7.64 -12.41 -16.86
C PHE B 393 -7.95 -13.40 -15.75
N GLN B 394 -7.61 -14.67 -15.97
CA GLN B 394 -7.71 -15.69 -14.89
C GLN B 394 -9.16 -15.81 -14.41
N THR B 395 -10.11 -15.64 -15.33
CA THR B 395 -11.55 -15.72 -15.08
C THR B 395 -12.01 -17.19 -15.08
N ALA B 396 -13.31 -17.45 -15.00
CA ALA B 396 -13.86 -18.82 -15.06
C ALA B 396 -13.78 -19.34 -16.51
N LEU B 397 -14.13 -18.48 -17.47
CA LEU B 397 -14.08 -18.78 -18.92
C LEU B 397 -13.17 -17.74 -19.57
N ASP B 398 -12.42 -18.16 -20.56
CA ASP B 398 -11.71 -17.17 -21.39
C ASP B 398 -12.72 -16.58 -22.40
N ALA B 399 -12.30 -15.62 -23.19
CA ALA B 399 -13.23 -14.85 -24.06
C ALA B 399 -13.82 -15.83 -25.09
N ALA B 400 -13.10 -16.94 -25.34
CA ALA B 400 -13.54 -17.95 -26.34
C ALA B 400 -14.52 -18.95 -25.74
N SER B 401 -14.77 -18.90 -24.43
CA SER B 401 -15.60 -19.83 -23.64
C SER B 401 -14.85 -21.09 -23.20
N ASN B 402 -13.52 -21.20 -23.35
CA ASN B 402 -12.78 -22.31 -22.69
C ASN B 402 -12.88 -22.18 -21.17
N LYS B 403 -13.03 -23.32 -20.49
CA LYS B 403 -12.93 -23.34 -19.01
C LYS B 403 -11.46 -23.08 -18.61
N LEU B 404 -11.27 -22.19 -17.67
CA LEU B 404 -10.00 -21.94 -16.98
C LEU B 404 -10.04 -22.51 -15.55
N ALA B 405 -8.92 -22.46 -14.83
CA ALA B 405 -8.83 -23.07 -13.48
C ALA B 405 -9.96 -22.60 -12.57
N LEU B 406 -10.31 -21.33 -12.63
CA LEU B 406 -11.31 -20.80 -11.69
C LEU B 406 -12.69 -21.46 -11.87
N TYR B 407 -12.99 -21.99 -13.06
CA TYR B 407 -14.31 -22.61 -13.32
C TYR B 407 -14.59 -23.72 -12.30
N ASP B 408 -13.60 -24.55 -12.05
CA ASP B 408 -13.76 -25.71 -11.15
C ASP B 408 -13.96 -25.21 -9.72
N SER B 409 -13.31 -24.10 -9.35
CA SER B 409 -13.46 -23.54 -7.97
C SER B 409 -14.91 -23.07 -7.80
N ILE B 410 -15.43 -22.35 -8.79
CA ILE B 410 -16.80 -21.80 -8.72
C ILE B 410 -17.78 -22.97 -8.70
N LYS B 411 -17.53 -24.02 -9.52
CA LYS B 411 -18.45 -25.17 -9.52
C LYS B 411 -18.50 -25.77 -8.10
N LYS B 412 -17.34 -25.98 -7.45
CA LYS B 412 -17.26 -26.54 -6.09
C LYS B 412 -18.07 -25.69 -5.13
N VAL B 413 -17.81 -24.40 -5.14
CA VAL B 413 -18.47 -23.48 -4.18
C VAL B 413 -19.97 -23.49 -4.45
N ASN B 414 -20.39 -23.32 -5.70
CA ASN B 414 -21.82 -23.25 -6.04
C ASN B 414 -22.52 -24.57 -5.68
N ARG B 415 -21.82 -25.68 -5.84
CA ARG B 415 -22.42 -27.01 -5.51
C ARG B 415 -22.73 -27.05 -4.01
N PHE B 416 -21.80 -26.61 -3.18
CA PHE B 416 -21.99 -26.51 -1.72
C PHE B 416 -23.16 -25.58 -1.46
N ILE B 417 -23.17 -24.41 -2.08
CA ILE B 417 -24.28 -23.44 -1.85
C ILE B 417 -25.65 -24.03 -2.20
N ARG B 418 -25.75 -24.65 -3.37
CA ARG B 418 -27.04 -25.23 -3.79
C ARG B 418 -27.46 -26.33 -2.82
N LYS B 419 -26.54 -27.16 -2.35
CA LYS B 419 -26.87 -28.26 -1.43
C LYS B 419 -27.44 -27.68 -0.12
N GLU B 420 -26.86 -26.57 0.34
CA GLU B 420 -27.04 -26.12 1.73
C GLU B 420 -27.92 -24.87 1.86
N GLN B 421 -28.26 -24.18 0.77
CA GLN B 421 -28.78 -22.80 0.83
C GLN B 421 -30.04 -22.70 1.69
N LYS B 422 -30.96 -23.69 1.68
CA LYS B 422 -32.22 -23.56 2.45
C LYS B 422 -31.93 -23.48 3.95
N ASP B 423 -30.87 -24.12 4.43
CA ASP B 423 -30.49 -24.04 5.87
C ASP B 423 -29.50 -22.90 6.07
N LEU B 424 -28.42 -22.89 5.26
CA LEU B 424 -27.31 -21.93 5.45
C LEU B 424 -27.81 -20.49 5.40
N LEU B 425 -28.73 -20.14 4.51
CA LEU B 425 -29.21 -18.75 4.41
C LEU B 425 -29.96 -18.31 5.68
N ARG B 426 -30.52 -19.26 6.42
CA ARG B 426 -31.27 -18.98 7.67
C ARG B 426 -30.37 -19.01 8.91
N THR B 427 -29.08 -19.24 8.75
CA THR B 427 -28.20 -19.33 9.92
C THR B 427 -27.69 -17.95 10.30
N ASN B 428 -27.35 -17.84 11.57
CA ASN B 428 -26.77 -16.61 12.14
C ASN B 428 -25.59 -17.01 13.02
N VAL B 429 -24.72 -16.03 13.25
CA VAL B 429 -23.67 -16.18 14.28
C VAL B 429 -24.29 -15.60 15.56
N ASN B 430 -23.78 -16.01 16.69
CA ASN B 430 -24.27 -15.50 17.99
C ASN B 430 -23.36 -14.30 18.40
N SER B 431 -23.76 -13.09 18.06
CA SER B 431 -22.97 -11.87 18.40
C SER B 431 -23.43 -11.36 19.76
N GLU B 432 -22.55 -11.37 20.75
CA GLU B 432 -22.77 -10.72 22.06
C GLU B 432 -22.13 -9.34 22.11
N ILE B 433 -21.40 -8.97 21.08
CA ILE B 433 -20.66 -7.68 21.01
C ILE B 433 -21.28 -6.86 19.90
N CYS B 434 -21.59 -5.61 20.15
CA CYS B 434 -22.06 -4.66 19.12
C CYS B 434 -20.99 -3.58 19.03
N VAL B 435 -20.65 -3.18 17.83
CA VAL B 435 -19.71 -2.05 17.60
C VAL B 435 -20.49 -0.91 16.94
N GLY B 436 -20.40 0.29 17.51
CA GLY B 436 -21.09 1.48 16.98
C GLY B 436 -20.45 1.97 15.71
N PHE B 437 -21.29 2.35 14.75
CA PHE B 437 -20.89 3.05 13.51
C PHE B 437 -21.45 4.47 13.59
N TYR B 438 -20.54 5.42 13.82
CA TYR B 438 -20.85 6.85 13.96
C TYR B 438 -20.47 7.50 12.63
N LYS B 439 -21.48 7.67 11.77
CA LYS B 439 -21.23 8.02 10.36
C LYS B 439 -20.45 9.32 10.25
N PRO B 440 -20.71 10.38 11.07
CA PRO B 440 -19.97 11.63 10.85
C PRO B 440 -18.45 11.50 10.88
N TYR B 441 -17.90 10.50 11.55
CA TYR B 441 -16.42 10.34 11.51
C TYR B 441 -15.95 9.95 10.12
N PHE B 442 -16.86 9.41 9.30
CA PHE B 442 -16.57 8.95 7.92
C PHE B 442 -16.77 10.06 6.90
N PHE B 443 -17.36 11.19 7.30
CA PHE B 443 -17.74 12.27 6.37
C PHE B 443 -16.52 13.17 6.13
N THR B 444 -15.46 12.61 5.52
CA THR B 444 -14.23 13.41 5.25
C THR B 444 -13.72 13.25 3.82
N GLU B 445 -14.50 12.75 2.87
CA GLU B 445 -13.98 12.51 1.50
C GLU B 445 -13.56 13.82 0.80
N LEU B 446 -14.05 14.97 1.27
CA LEU B 446 -13.65 16.29 0.68
C LEU B 446 -12.35 16.81 1.30
N ILE B 447 -11.94 16.28 2.44
CA ILE B 447 -10.84 16.92 3.23
C ILE B 447 -9.72 15.94 3.65
N SER B 448 -10.00 14.67 3.76
CA SER B 448 -9.02 13.70 4.29
C SER B 448 -9.37 12.29 3.84
N SER B 449 -8.56 11.71 2.99
CA SER B 449 -8.76 10.31 2.54
C SER B 449 -7.45 9.78 2.02
N GLN B 450 -7.42 8.47 1.76
CA GLN B 450 -6.25 7.81 1.15
C GLN B 450 -6.03 8.32 -0.28
N LEU B 451 -7.08 8.73 -0.98
CA LEU B 451 -6.98 9.12 -2.41
C LEU B 451 -6.88 10.65 -2.57
N LEU B 452 -7.32 11.45 -1.62
CA LEU B 452 -7.45 12.93 -1.85
C LEU B 452 -6.04 13.52 -2.00
N LYS B 453 -5.82 14.32 -3.02
CA LYS B 453 -4.46 14.81 -3.35
C LYS B 453 -3.97 15.73 -2.26
N GLU B 454 -4.84 16.56 -1.72
CA GLU B 454 -4.51 17.64 -0.75
C GLU B 454 -5.03 17.18 0.60
N LYS B 455 -4.21 17.20 1.63
CA LYS B 455 -4.72 17.01 3.01
C LYS B 455 -5.28 18.34 3.53
N LYS B 456 -6.60 18.48 3.62
CA LYS B 456 -7.22 19.76 4.05
C LYS B 456 -7.47 19.74 5.55
N LEU B 457 -7.51 18.55 6.17
CA LEU B 457 -7.85 18.45 7.62
C LEU B 457 -6.60 18.14 8.43
N ASN B 458 -6.22 19.04 9.35
CA ASN B 458 -5.11 18.80 10.31
C ASN B 458 -5.68 19.17 11.68
N VAL B 459 -6.14 18.19 12.45
CA VAL B 459 -6.99 18.50 13.65
C VAL B 459 -6.21 19.31 14.68
N GLU B 460 -4.88 19.20 14.70
CA GLU B 460 -4.05 19.96 15.69
C GLU B 460 -4.26 21.46 15.51
N GLU B 461 -4.47 21.93 14.29
CA GLU B 461 -4.74 23.36 14.03
C GLU B 461 -6.06 23.81 14.67
N LEU B 462 -6.96 22.87 15.01
CA LEU B 462 -8.28 23.15 15.58
C LEU B 462 -8.24 22.98 17.10
N GLY B 463 -7.07 22.66 17.66
CA GLY B 463 -6.93 22.35 19.10
C GLY B 463 -7.43 20.96 19.46
N LEU B 464 -7.47 20.06 18.49
CA LEU B 464 -7.85 18.63 18.69
C LEU B 464 -6.62 17.76 18.55
N TYR B 465 -6.70 16.51 18.97
CA TYR B 465 -5.59 15.55 18.71
C TYR B 465 -6.11 14.23 18.14
N ILE B 466 -7.42 13.95 18.14
CA ILE B 466 -7.90 12.66 17.58
C ILE B 466 -8.50 12.90 16.18
N ASP B 467 -7.74 12.50 15.17
CA ASP B 467 -8.18 12.65 13.76
C ASP B 467 -9.23 11.57 13.46
N PRO B 468 -10.40 11.95 12.90
CA PRO B 468 -11.49 10.98 12.74
C PRO B 468 -11.14 9.89 11.71
N ARG B 469 -10.28 10.21 10.75
CA ARG B 469 -9.89 9.23 9.73
C ARG B 469 -8.87 8.26 10.36
N PHE B 470 -7.92 8.78 11.10
CA PHE B 470 -7.01 7.90 11.86
C PHE B 470 -7.83 6.98 12.78
N LEU B 471 -8.77 7.55 13.52
CA LEU B 471 -9.63 6.75 14.43
C LEU B 471 -10.33 5.64 13.62
N ARG B 472 -11.03 5.99 12.53
CA ARG B 472 -11.93 5.01 11.88
C ARG B 472 -11.08 3.98 11.09
N GLU B 473 -9.87 4.32 10.63
CA GLU B 473 -9.01 3.38 9.87
C GLU B 473 -8.22 2.48 10.81
N GLU B 474 -7.50 3.06 11.76
CA GLU B 474 -6.48 2.35 12.56
C GLU B 474 -7.09 1.87 13.88
N ILE B 475 -7.93 2.69 14.52
CA ILE B 475 -8.46 2.28 15.83
C ILE B 475 -9.65 1.32 15.63
N LEU B 476 -10.50 1.59 14.64
CA LEU B 476 -11.70 0.77 14.35
C LEU B 476 -11.42 -0.28 13.27
N PHE B 477 -11.17 0.07 12.00
CA PHE B 477 -11.24 -0.93 10.93
C PHE B 477 -10.08 -1.92 11.06
N ASN B 478 -8.87 -1.39 11.09
CA ASN B 478 -7.64 -2.23 11.16
C ASN B 478 -7.35 -2.60 12.61
N GLY B 479 -8.10 -2.06 13.58
CA GLY B 479 -7.81 -2.23 14.99
C GLY B 479 -8.81 -3.17 15.65
N LEU B 480 -9.87 -2.59 16.18
CA LEU B 480 -10.91 -3.34 16.90
C LEU B 480 -11.51 -4.42 16.02
N LEU B 481 -11.96 -4.09 14.81
CA LEU B 481 -12.71 -5.09 13.99
C LEU B 481 -11.73 -6.21 13.61
N ARG B 482 -10.51 -5.85 13.25
CA ARG B 482 -9.48 -6.85 12.91
C ARG B 482 -9.18 -7.72 14.12
N GLY B 483 -9.06 -7.10 15.29
CA GLY B 483 -8.74 -7.80 16.51
C GLY B 483 -9.84 -8.77 16.88
N LEU B 484 -11.10 -8.35 16.84
CA LEU B 484 -12.21 -9.25 17.21
C LEU B 484 -12.24 -10.43 16.25
N GLN B 485 -12.07 -10.17 14.95
CA GLN B 485 -12.10 -11.29 13.99
C GLN B 485 -10.94 -12.25 14.26
N THR B 486 -9.75 -11.73 14.53
CA THR B 486 -8.52 -12.52 14.76
C THR B 486 -8.73 -13.36 16.03
N LEU B 487 -9.40 -12.80 17.03
CA LEU B 487 -9.68 -13.47 18.32
C LEU B 487 -10.89 -14.44 18.22
N ASN B 488 -11.57 -14.45 17.06
CA ASN B 488 -12.76 -15.31 16.85
C ASN B 488 -13.89 -14.93 17.81
N TYR B 489 -14.08 -13.63 18.03
CA TYR B 489 -15.30 -13.14 18.72
C TYR B 489 -16.25 -12.55 17.66
N ASN B 490 -17.47 -13.07 17.62
CA ASN B 490 -18.52 -12.52 16.73
C ASN B 490 -18.84 -11.08 17.13
N TYR B 491 -19.01 -10.19 16.16
CA TYR B 491 -19.56 -8.84 16.44
C TYR B 491 -20.61 -8.48 15.41
N ASP B 492 -21.49 -7.57 15.80
CA ASP B 492 -22.43 -6.88 14.89
C ASP B 492 -22.03 -5.40 14.87
N VAL B 493 -22.37 -4.67 13.81
CA VAL B 493 -22.18 -3.20 13.71
C VAL B 493 -23.56 -2.59 13.61
N VAL B 494 -23.80 -1.55 14.39
CA VAL B 494 -25.11 -0.85 14.37
C VAL B 494 -24.84 0.61 14.07
N ASP B 495 -25.59 1.16 13.14
CA ASP B 495 -25.61 2.62 12.82
C ASP B 495 -26.23 3.34 14.03
N LEU B 496 -25.48 4.24 14.65
CA LEU B 496 -25.96 4.98 15.84
C LEU B 496 -27.00 6.04 15.44
N GLU B 497 -27.17 6.34 14.16
CA GLU B 497 -28.12 7.42 13.76
C GLU B 497 -29.56 6.91 13.89
N ASN B 498 -30.38 7.68 14.62
CA ASN B 498 -31.83 7.36 14.87
C ASN B 498 -31.94 5.93 15.37
N CYS B 499 -30.95 5.48 16.13
CA CYS B 499 -30.82 4.08 16.58
C CYS B 499 -31.82 3.83 17.71
N ASP B 500 -32.56 2.73 17.64
CA ASP B 500 -33.52 2.28 18.66
C ASP B 500 -32.74 1.72 19.88
N LEU B 501 -32.95 2.25 21.09
CA LEU B 501 -32.34 1.72 22.34
C LEU B 501 -32.60 0.21 22.45
N LYS B 502 -33.81 -0.24 22.10
CA LYS B 502 -34.20 -1.66 22.22
C LYS B 502 -33.32 -2.53 21.31
N SER B 503 -32.77 -2.00 20.22
CA SER B 503 -31.88 -2.77 19.30
C SER B 503 -30.42 -2.81 19.82
N LEU B 504 -30.10 -2.12 20.92
CA LEU B 504 -28.73 -2.18 21.51
C LEU B 504 -28.72 -3.12 22.72
N THR B 505 -29.86 -3.33 23.39
CA THR B 505 -29.90 -3.96 24.73
C THR B 505 -29.84 -5.49 24.60
N ALA B 506 -29.95 -6.05 23.39
CA ALA B 506 -29.71 -7.49 23.06
C ALA B 506 -28.24 -7.91 23.31
N TYR B 507 -27.30 -6.97 23.29
CA TYR B 507 -25.84 -7.31 23.32
C TYR B 507 -25.32 -7.33 24.77
N LYS B 508 -24.29 -8.10 25.07
CA LYS B 508 -23.63 -8.07 26.39
C LYS B 508 -22.73 -6.83 26.44
N GLN B 509 -22.18 -6.37 25.32
CA GLN B 509 -21.27 -5.20 25.33
C GLN B 509 -21.58 -4.35 24.09
N LEU B 510 -21.51 -3.05 24.23
CA LEU B 510 -21.44 -2.10 23.12
C LEU B 510 -20.11 -1.35 23.17
N TRP B 511 -19.38 -1.41 22.06
CA TRP B 511 -18.06 -0.77 21.90
C TRP B 511 -18.20 0.48 21.06
N ILE B 512 -17.74 1.59 21.59
CA ILE B 512 -17.76 2.89 20.85
C ILE B 512 -16.32 3.38 20.77
N THR B 513 -15.80 3.51 19.56
CA THR B 513 -14.52 4.18 19.25
C THR B 513 -14.85 5.66 19.03
N SER B 514 -14.45 6.51 20.01
CA SER B 514 -14.89 7.93 20.03
C SER B 514 -13.72 8.89 19.81
N ALA B 515 -13.96 9.94 19.02
CA ALA B 515 -13.11 11.15 18.94
C ALA B 515 -13.54 12.14 20.03
N GLU B 516 -13.05 13.38 19.94
CA GLU B 516 -13.40 14.40 20.96
C GLU B 516 -14.79 14.99 20.67
N PHE B 517 -15.39 14.68 19.51
CA PHE B 517 -16.68 15.25 19.10
C PHE B 517 -17.68 14.13 18.81
N MET B 518 -18.91 14.39 19.15
CA MET B 518 -20.07 13.47 18.99
C MET B 518 -21.34 14.28 19.19
N ASP B 519 -22.33 14.13 18.31
CA ASP B 519 -23.55 14.94 18.37
C ASP B 519 -24.33 14.64 19.66
N ALA B 520 -25.15 15.59 20.05
CA ALA B 520 -25.96 15.48 21.27
C ALA B 520 -26.85 14.24 21.25
N GLU B 521 -27.47 13.91 20.12
CA GLU B 521 -28.41 12.77 20.00
C GLU B 521 -27.67 11.48 20.37
N THR B 522 -26.44 11.31 19.87
CA THR B 522 -25.65 10.07 20.13
C THR B 522 -25.10 10.09 21.56
N GLN B 523 -24.65 11.24 22.04
CA GLN B 523 -24.27 11.33 23.47
C GLN B 523 -25.43 10.94 24.38
N ASN B 524 -26.62 11.39 24.08
CA ASN B 524 -27.84 11.05 24.87
C ASN B 524 -28.14 9.55 24.73
N LEU B 525 -28.03 8.98 23.52
CA LEU B 525 -28.37 7.56 23.31
C LEU B 525 -27.42 6.69 24.15
N LEU B 526 -26.13 6.99 24.13
CA LEU B 526 -25.17 6.12 24.86
C LEU B 526 -25.36 6.30 26.36
N SER B 527 -25.73 7.50 26.80
CA SER B 527 -26.06 7.78 28.21
C SER B 527 -27.23 6.87 28.65
N GLU B 528 -28.33 6.93 27.91
CA GLU B 528 -29.54 6.13 28.20
C GLU B 528 -29.18 4.65 28.17
N PHE B 529 -28.37 4.20 27.21
CA PHE B 529 -27.98 2.78 27.10
C PHE B 529 -27.41 2.29 28.43
N VAL B 530 -26.45 3.03 28.97
CA VAL B 530 -25.79 2.61 30.24
C VAL B 530 -26.76 2.75 31.42
N LEU B 531 -27.46 3.89 31.55
CA LEU B 531 -28.35 4.09 32.73
C LEU B 531 -29.37 2.96 32.81
N ASN B 532 -29.83 2.46 31.66
CA ASN B 532 -30.94 1.47 31.59
C ASN B 532 -30.42 0.04 31.69
N GLY B 533 -29.11 -0.18 31.80
CA GLY B 533 -28.55 -1.51 32.07
C GLY B 533 -27.54 -2.00 31.03
N GLY B 534 -27.14 -1.16 30.08
CA GLY B 534 -26.15 -1.59 29.08
C GLY B 534 -24.72 -1.55 29.60
N ASN B 535 -23.84 -2.36 29.03
CA ASN B 535 -22.38 -2.37 29.30
C ASN B 535 -21.64 -1.70 28.13
N LEU B 536 -21.03 -0.55 28.38
CA LEU B 536 -20.40 0.28 27.35
C LEU B 536 -18.89 0.25 27.55
N ILE B 537 -18.19 0.04 26.45
CA ILE B 537 -16.73 0.20 26.36
C ILE B 537 -16.46 1.37 25.43
N LEU B 538 -15.77 2.38 25.94
CA LEU B 538 -15.60 3.64 25.22
C LEU B 538 -14.14 4.09 25.30
N TYR B 539 -13.55 4.37 24.15
CA TYR B 539 -12.16 4.83 24.02
C TYR B 539 -11.98 5.40 22.63
N PRO B 540 -10.92 6.17 22.34
CA PRO B 540 -9.97 6.71 23.31
C PRO B 540 -10.37 7.99 24.05
N ALA B 541 -11.57 8.51 23.82
CA ALA B 541 -11.92 9.80 24.44
C ALA B 541 -13.38 9.79 24.85
N VAL B 542 -13.68 10.30 26.04
CA VAL B 542 -15.00 10.94 26.30
C VAL B 542 -15.07 12.17 25.42
N PRO B 543 -16.05 12.28 24.50
CA PRO B 543 -16.22 13.47 23.65
C PRO B 543 -16.70 14.66 24.47
N THR B 544 -16.36 15.87 24.05
CA THR B 544 -16.82 17.07 24.82
C THR B 544 -17.34 18.12 23.85
N LEU B 545 -17.39 17.79 22.57
CA LEU B 545 -17.81 18.73 21.49
C LEU B 545 -18.87 18.05 20.66
N ASP B 546 -19.62 18.83 19.92
CA ASP B 546 -20.62 18.31 18.95
C ASP B 546 -19.99 18.30 17.55
N ASN B 547 -20.76 17.98 16.53
CA ASN B 547 -20.19 17.79 15.17
C ASN B 547 -19.68 19.09 14.55
N TYR B 548 -20.07 20.24 15.12
CA TYR B 548 -19.58 21.59 14.73
C TYR B 548 -18.49 22.08 15.70
N LEU B 549 -18.01 21.19 16.58
CA LEU B 549 -16.86 21.42 17.47
C LEU B 549 -17.28 22.52 18.44
N ASN B 550 -18.57 22.63 18.74
CA ASN B 550 -19.08 23.47 19.85
C ASN B 550 -19.23 22.60 21.09
N ARG B 551 -19.27 23.24 22.26
CA ARG B 551 -19.34 22.50 23.54
C ARG B 551 -20.53 21.56 23.58
N CYS B 552 -20.31 20.30 23.96
CA CYS B 552 -21.40 19.33 24.21
C CYS B 552 -20.84 18.28 25.18
N GLU B 553 -21.20 18.41 26.46
CA GLU B 553 -20.60 17.59 27.54
C GLU B 553 -21.64 16.66 28.16
N ILE B 554 -22.63 16.27 27.37
CA ILE B 554 -23.77 15.47 27.85
C ILE B 554 -23.29 14.12 28.41
N LEU B 555 -22.54 13.38 27.60
CA LEU B 555 -22.10 12.02 28.01
C LEU B 555 -21.15 12.14 29.20
N LYS B 556 -20.22 13.06 29.18
CA LYS B 556 -19.31 13.32 30.30
C LYS B 556 -20.08 13.55 31.59
N ASN B 557 -21.08 14.42 31.55
CA ASN B 557 -21.86 14.81 32.75
C ASN B 557 -22.77 13.67 33.17
N ASN B 558 -23.44 13.00 32.23
CA ASN B 558 -24.34 11.87 32.59
C ASN B 558 -23.55 10.74 33.23
N PHE B 559 -22.30 10.56 32.84
CA PHE B 559 -21.44 9.48 33.40
C PHE B 559 -20.62 9.93 34.62
N GLY B 560 -20.71 11.19 35.03
CA GLY B 560 -20.02 11.70 36.23
C GLY B 560 -18.52 11.54 36.11
N ILE B 561 -17.98 11.86 34.95
CA ILE B 561 -16.54 11.78 34.63
C ILE B 561 -15.95 13.17 34.72
N GLU B 562 -14.83 13.24 35.40
CA GLU B 562 -13.91 14.40 35.41
C GLU B 562 -12.58 13.96 34.79
N PHE B 563 -12.01 14.75 33.90
CA PHE B 563 -10.71 14.40 33.29
C PHE B 563 -9.96 15.67 32.93
N ILE B 564 -8.66 15.47 32.83
CA ILE B 564 -7.71 16.47 32.27
C ILE B 564 -6.91 15.75 31.19
N THR B 565 -6.59 16.46 30.12
CA THR B 565 -5.80 15.88 29.02
C THR B 565 -4.34 16.21 29.31
N LYS B 566 -3.48 15.20 29.38
CA LYS B 566 -2.06 15.38 29.76
C LYS B 566 -1.16 14.57 28.84
N ASP B 567 0.04 15.08 28.57
CA ASP B 567 1.07 14.37 27.78
C ASP B 567 1.78 13.33 28.64
N SER B 568 2.08 12.15 28.07
CA SER B 568 2.92 11.11 28.70
C SER B 568 3.51 10.22 27.62
N SER B 569 4.39 9.32 28.01
CA SER B 569 4.87 8.19 27.19
C SER B 569 3.70 7.58 26.41
N HIS B 570 3.97 7.11 25.20
CA HIS B 570 2.97 6.32 24.42
C HIS B 570 2.56 5.07 25.19
N LYS B 571 3.41 4.49 26.04
CA LYS B 571 3.08 3.18 26.66
C LYS B 571 2.30 3.42 27.94
N VAL B 572 1.26 2.62 28.09
CA VAL B 572 0.46 2.53 29.33
C VAL B 572 0.41 1.10 29.81
N SER B 573 -0.06 0.94 31.03
CA SER B 573 -0.45 -0.40 31.51
C SER B 573 -1.97 -0.44 31.59
N ALA B 574 -2.55 -1.56 31.24
CA ALA B 574 -4.01 -1.68 31.27
C ALA B 574 -4.36 -3.10 31.68
N PHE B 575 -5.22 -3.23 32.70
CA PHE B 575 -5.67 -4.53 33.24
C PHE B 575 -4.46 -5.42 33.52
N GLY B 576 -3.34 -4.85 33.95
CA GLY B 576 -2.16 -5.63 34.36
C GLY B 576 -1.28 -6.00 33.16
N ILE B 577 -1.70 -5.64 31.94
CA ILE B 577 -0.84 -5.73 30.74
C ILE B 577 0.11 -4.52 30.70
N GLU B 578 1.42 -4.75 30.80
CA GLU B 578 2.43 -3.67 30.77
C GLU B 578 2.78 -3.32 29.31
N ASP B 579 3.27 -2.11 29.10
CA ASP B 579 3.89 -1.67 27.82
C ASP B 579 2.90 -1.85 26.67
N VAL B 580 1.65 -1.49 26.91
CA VAL B 580 0.66 -1.30 25.82
C VAL B 580 1.03 -0.02 25.07
N PHE B 581 1.43 -0.11 23.79
CA PHE B 581 1.77 1.10 23.00
C PHE B 581 0.48 1.80 22.57
N THR B 582 0.31 3.10 22.87
CA THR B 582 -0.86 3.88 22.45
C THR B 582 -0.44 4.90 21.39
N ALA B 583 -1.40 5.38 20.62
CA ALA B 583 -1.17 6.17 19.40
C ALA B 583 -0.72 7.58 19.77
N PHE B 584 -1.16 8.10 20.92
CA PHE B 584 -0.96 9.52 21.25
C PHE B 584 -0.24 9.73 22.58
N SER B 585 0.54 10.81 22.62
CA SER B 585 1.17 11.30 23.87
C SER B 585 0.08 11.82 24.82
N LYS B 586 -0.87 12.57 24.26
CA LYS B 586 -1.99 13.16 25.02
C LYS B 586 -2.94 12.03 25.43
N LYS B 587 -3.36 12.01 26.69
CA LYS B 587 -4.32 10.99 27.17
C LYS B 587 -5.33 11.68 28.07
N GLN B 588 -6.50 11.05 28.28
CA GLN B 588 -7.48 11.53 29.28
C GLN B 588 -7.12 10.91 30.63
N ILE B 589 -6.88 11.78 31.64
CA ILE B 589 -6.56 11.37 33.03
C ILE B 589 -7.81 11.59 33.88
N TYR B 590 -8.36 10.50 34.39
CA TYR B 590 -9.69 10.48 35.07
C TYR B 590 -9.52 10.56 36.57
N ASN B 591 -10.38 11.24 37.29
CA ASN B 591 -10.17 11.07 38.75
C ASN B 591 -10.92 9.79 39.16
N ASP B 592 -10.55 9.18 40.29
CA ASP B 592 -10.94 7.80 40.68
C ASP B 592 -12.28 7.74 41.44
N THR B 593 -13.08 8.79 41.37
CA THR B 593 -14.33 8.93 42.13
C THR B 593 -15.30 7.81 41.74
N ASN B 594 -15.71 7.01 42.72
CA ASN B 594 -16.77 6.01 42.52
C ASN B 594 -16.43 5.16 41.30
N SER B 595 -15.19 4.71 41.22
CA SER B 595 -14.71 3.96 40.04
C SER B 595 -13.55 3.06 40.46
N LYS B 596 -13.22 2.10 39.62
CA LYS B 596 -12.03 1.25 39.78
C LYS B 596 -11.04 1.65 38.69
N PRO B 597 -9.87 2.21 39.06
CA PRO B 597 -8.85 2.53 38.05
C PRO B 597 -8.27 1.21 37.50
N ILE B 598 -8.16 1.12 36.16
CA ILE B 598 -7.72 -0.12 35.48
C ILE B 598 -6.64 0.16 34.43
N ALA B 599 -6.17 1.37 34.29
CA ALA B 599 -5.11 1.72 33.33
C ALA B 599 -4.35 2.92 33.83
N PHE B 600 -3.04 2.89 33.63
CA PHE B 600 -2.12 3.85 34.24
C PHE B 600 -1.07 4.26 33.23
N THR B 601 -0.70 5.53 33.28
CA THR B 601 0.42 6.07 32.50
C THR B 601 1.76 5.68 33.14
N GLN B 602 2.84 6.00 32.44
CA GLN B 602 4.19 5.70 32.96
C GLN B 602 4.42 6.47 34.27
N GLU B 603 3.69 7.56 34.54
CA GLU B 603 3.80 8.31 35.83
C GLU B 603 2.72 7.84 36.82
N ASN B 604 2.03 6.75 36.48
CA ASN B 604 1.00 6.11 37.32
C ASN B 604 -0.24 7.01 37.45
N GLU B 605 -0.49 7.86 36.45
CA GLU B 605 -1.76 8.64 36.43
C GLU B 605 -2.83 7.74 35.80
N ILE B 606 -4.07 7.93 36.24
CA ILE B 606 -5.20 7.02 35.87
C ILE B 606 -5.69 7.40 34.48
N CYS B 607 -5.56 6.49 33.52
CA CYS B 607 -6.02 6.73 32.13
C CYS B 607 -7.07 5.70 31.74
N GLY B 608 -7.69 4.99 32.66
CA GLY B 608 -8.83 4.12 32.37
C GLY B 608 -9.52 3.74 33.63
N ILE B 609 -10.85 3.71 33.62
CA ILE B 609 -11.64 3.41 34.83
C ILE B 609 -12.82 2.53 34.44
N ARG B 610 -13.35 1.83 35.41
CA ARG B 610 -14.61 1.05 35.26
C ARG B 610 -15.56 1.57 36.33
N LYS B 611 -16.82 1.72 36.00
CA LYS B 611 -17.82 2.12 37.01
C LYS B 611 -19.20 1.58 36.71
N LYS B 612 -20.05 1.59 37.73
CA LYS B 612 -21.46 1.19 37.68
C LYS B 612 -22.26 2.48 37.71
N ILE B 613 -23.12 2.67 36.72
CA ILE B 613 -23.98 3.87 36.50
C ILE B 613 -25.40 3.41 36.23
N GLY B 614 -26.32 3.76 37.13
CA GLY B 614 -27.68 3.22 37.06
C GLY B 614 -27.61 1.71 37.06
N LYS B 615 -28.26 1.06 36.10
CA LYS B 615 -28.24 -0.42 36.05
C LYS B 615 -27.11 -0.95 35.15
N GLY B 616 -26.30 -0.06 34.59
CA GLY B 616 -25.28 -0.43 33.59
C GLY B 616 -23.86 -0.33 34.08
N GLU B 617 -22.94 -0.58 33.16
CA GLU B 617 -21.49 -0.61 33.43
C GLU B 617 -20.80 0.23 32.38
N LEU B 618 -19.79 0.97 32.80
CA LEU B 618 -18.97 1.76 31.88
C LEU B 618 -17.52 1.37 32.04
N THR B 619 -16.81 1.19 30.93
CA THR B 619 -15.36 1.03 30.87
C THR B 619 -14.83 2.11 29.95
N ILE B 620 -14.09 3.09 30.46
CA ILE B 620 -13.54 4.15 29.59
C ILE B 620 -12.02 4.04 29.62
N LEU B 621 -11.43 4.06 28.43
CA LEU B 621 -9.97 4.10 28.25
C LEU B 621 -9.62 5.45 27.61
N GLY B 622 -8.76 6.21 28.26
CA GLY B 622 -8.33 7.54 27.78
C GLY B 622 -7.11 7.48 26.88
N PHE B 623 -6.99 6.41 26.09
CA PHE B 623 -5.83 6.24 25.20
C PHE B 623 -6.30 5.43 24.00
N ALA B 624 -5.52 5.48 22.93
CA ALA B 624 -5.88 4.87 21.63
C ALA B 624 -4.96 3.70 21.31
N PHE B 625 -5.56 2.56 20.97
CA PHE B 625 -4.81 1.40 20.48
C PHE B 625 -5.67 0.80 19.38
N GLY B 626 -5.01 0.30 18.36
CA GLY B 626 -5.69 -0.53 17.34
C GLY B 626 -5.19 -1.95 17.50
N TYR B 627 -4.61 -2.51 16.44
CA TYR B 627 -3.95 -3.83 16.55
C TYR B 627 -2.61 -3.77 15.84
N THR B 628 -1.57 -3.33 16.56
CA THR B 628 -0.21 -3.20 16.01
C THR B 628 0.79 -3.91 16.92
N SER B 629 0.31 -4.68 17.89
CA SER B 629 1.20 -5.43 18.81
C SER B 629 0.38 -6.58 19.42
N ASP B 630 1.08 -7.54 20.00
CA ASP B 630 0.43 -8.61 20.76
C ASP B 630 -0.29 -8.06 22.02
N GLU B 631 0.22 -7.01 22.65
CA GLU B 631 -0.46 -6.42 23.83
C GLU B 631 -1.86 -5.96 23.41
N HIS B 632 -2.05 -5.48 22.18
CA HIS B 632 -3.38 -5.00 21.76
C HIS B 632 -4.39 -6.15 21.73
N LEU B 633 -4.03 -7.31 21.20
CA LEU B 633 -4.93 -8.48 21.24
C LEU B 633 -5.19 -8.88 22.69
N GLU B 634 -4.17 -8.88 23.54
CA GLU B 634 -4.35 -9.25 24.96
C GLU B 634 -5.38 -8.27 25.57
N LEU B 635 -5.30 -7.00 25.25
CA LEU B 635 -6.21 -5.99 25.85
C LEU B 635 -7.63 -6.17 25.31
N ILE B 636 -7.80 -6.39 24.01
CA ILE B 636 -9.18 -6.64 23.49
C ILE B 636 -9.76 -7.88 24.19
N ASP B 637 -8.96 -8.93 24.31
CA ASP B 637 -9.44 -10.19 24.92
C ASP B 637 -9.85 -9.93 26.36
N LYS B 638 -9.04 -9.17 27.11
CA LYS B 638 -9.37 -8.84 28.51
C LYS B 638 -10.69 -8.05 28.58
N LEU B 639 -10.88 -7.09 27.69
CA LEU B 639 -12.09 -6.26 27.66
C LEU B 639 -13.32 -7.14 27.40
N VAL B 640 -13.24 -7.99 26.40
CA VAL B 640 -14.39 -8.87 26.04
C VAL B 640 -14.72 -9.74 27.26
N LYS B 641 -13.69 -10.27 27.93
CA LYS B 641 -13.89 -11.20 29.09
C LYS B 641 -14.45 -10.47 30.32
N LEU B 642 -14.51 -9.15 30.34
CA LEU B 642 -15.13 -8.41 31.47
C LEU B 642 -16.58 -8.83 31.63
N ASN B 643 -17.27 -9.23 30.56
CA ASN B 643 -18.70 -9.62 30.62
C ASN B 643 -18.84 -11.11 30.26
N LYS B 644 -17.76 -11.87 30.44
CA LYS B 644 -17.76 -13.34 30.45
C LYS B 644 -18.20 -13.81 29.06
N ILE B 645 -17.97 -13.01 28.02
CA ILE B 645 -18.24 -13.49 26.63
C ILE B 645 -17.23 -14.58 26.28
N LYS B 646 -17.70 -15.68 25.70
CA LYS B 646 -16.89 -16.87 25.37
C LYS B 646 -16.88 -17.07 23.85
N ARG B 647 -15.76 -17.54 23.30
CA ARG B 647 -15.73 -18.03 21.89
C ARG B 647 -16.67 -19.24 21.77
N GLU B 648 -17.17 -19.54 20.56
CA GLU B 648 -18.05 -20.73 20.33
C GLU B 648 -17.21 -22.03 20.40
N LEU B 649 -15.93 -21.99 20.03
CA LEU B 649 -15.05 -23.19 20.02
C LEU B 649 -13.79 -22.89 20.81
N PHE B 650 -13.22 -23.94 21.41
CA PHE B 650 -11.82 -24.02 21.86
C PHE B 650 -11.02 -24.60 20.71
N VAL B 651 -10.07 -23.85 20.18
CA VAL B 651 -9.25 -24.26 19.02
C VAL B 651 -7.81 -24.19 19.47
N SER B 652 -7.02 -25.24 19.23
CA SER B 652 -5.66 -25.36 19.80
C SER B 652 -4.66 -24.40 19.10
N ASP B 653 -4.95 -23.91 17.90
CA ASP B 653 -4.07 -22.98 17.17
C ASP B 653 -4.79 -21.64 17.09
N LYS B 654 -4.25 -20.63 17.77
CA LYS B 654 -4.97 -19.34 17.89
C LYS B 654 -4.95 -18.63 16.52
N ASP B 655 -4.19 -19.11 15.54
CA ASP B 655 -4.08 -18.42 14.23
C ASP B 655 -5.09 -18.99 13.24
N ILE B 656 -5.89 -19.97 13.64
CA ILE B 656 -7.04 -20.47 12.83
C ILE B 656 -8.23 -19.55 13.10
N GLN B 657 -8.81 -19.02 12.05
CA GLN B 657 -10.09 -18.30 12.17
C GLN B 657 -11.22 -19.31 12.02
N PHE B 658 -12.29 -19.09 12.75
CA PHE B 658 -13.50 -19.91 12.60
C PHE B 658 -14.71 -19.01 12.70
N VAL B 659 -15.81 -19.50 12.15
CA VAL B 659 -17.15 -18.92 12.31
C VAL B 659 -18.12 -20.07 12.50
N VAL B 660 -18.92 -19.99 13.53
CA VAL B 660 -20.04 -20.96 13.75
C VAL B 660 -21.34 -20.27 13.37
N ARG B 661 -22.02 -20.79 12.36
CA ARG B 661 -23.36 -20.33 11.92
C ARG B 661 -24.38 -21.41 12.26
N GLU B 662 -25.46 -21.02 12.93
CA GLU B 662 -26.49 -22.02 13.23
C GLU B 662 -27.90 -21.47 13.17
N ASN B 663 -28.82 -22.41 13.05
CA ASN B 663 -30.27 -22.17 13.27
C ASN B 663 -30.76 -23.29 14.19
N ASN B 664 -32.06 -23.49 14.33
CA ASN B 664 -32.59 -24.58 15.21
C ASN B 664 -32.19 -25.97 14.67
N LYS B 665 -32.01 -26.14 13.36
CA LYS B 665 -31.81 -27.47 12.71
C LYS B 665 -30.33 -27.81 12.52
N SER B 666 -29.48 -26.82 12.18
CA SER B 666 -28.15 -27.07 11.57
C SER B 666 -27.08 -26.17 12.20
N ARG B 667 -25.86 -26.67 12.22
CA ARG B 667 -24.70 -25.85 12.59
C ARG B 667 -23.66 -26.01 11.49
N TYR B 668 -23.06 -24.92 11.02
CA TYR B 668 -21.93 -24.95 10.08
C TYR B 668 -20.72 -24.38 10.79
N ILE B 669 -19.62 -25.13 10.80
CA ILE B 669 -18.34 -24.60 11.33
C ILE B 669 -17.45 -24.35 10.13
N PHE B 670 -17.11 -23.09 9.91
CA PHE B 670 -16.15 -22.65 8.87
C PHE B 670 -14.80 -22.44 9.54
N PHE B 671 -13.77 -23.14 9.04
CA PHE B 671 -12.37 -22.91 9.45
C PHE B 671 -11.61 -22.28 8.29
N LEU B 672 -10.91 -21.19 8.56
CA LEU B 672 -10.19 -20.41 7.55
C LEU B 672 -8.75 -20.30 8.02
N ASN B 673 -7.85 -20.75 7.16
CA ASN B 673 -6.39 -20.59 7.39
C ASN B 673 -5.86 -19.50 6.45
N TYR B 674 -5.68 -18.31 7.00
CA TYR B 674 -5.25 -17.13 6.23
C TYR B 674 -3.73 -17.04 6.14
N HIS B 675 -3.01 -18.12 6.40
CA HIS B 675 -1.55 -18.12 6.63
C HIS B 675 -0.85 -19.07 5.68
N ASN B 676 0.41 -18.77 5.35
CA ASN B 676 1.16 -19.70 4.48
C ASN B 676 1.83 -20.74 5.37
N GLU B 677 1.03 -21.62 5.97
CA GLU B 677 1.52 -22.66 6.88
C GLU B 677 0.51 -23.80 6.81
N ARG B 678 0.96 -25.03 6.68
CA ARG B 678 0.07 -26.21 6.90
C ARG B 678 -0.17 -26.28 8.40
N LYS B 679 -1.45 -26.28 8.83
CA LYS B 679 -1.77 -26.23 10.26
C LYS B 679 -2.53 -27.48 10.62
N THR B 680 -2.02 -28.18 11.64
CA THR B 680 -2.73 -29.32 12.24
C THR B 680 -3.16 -28.90 13.64
N PHE B 681 -4.43 -28.95 13.92
CA PHE B 681 -4.95 -28.45 15.20
C PHE B 681 -6.12 -29.30 15.65
N ASN B 682 -6.59 -29.04 16.86
CA ASN B 682 -7.76 -29.76 17.40
C ASN B 682 -8.76 -28.71 17.88
N TYR B 683 -10.03 -29.09 17.97
CA TYR B 683 -11.07 -28.15 18.43
C TYR B 683 -12.19 -28.90 19.15
N ARG B 684 -12.93 -28.17 19.96
CA ARG B 684 -14.14 -28.69 20.61
C ARG B 684 -15.12 -27.54 20.81
N LYS B 685 -16.41 -27.83 20.92
CA LYS B 685 -17.38 -26.75 21.24
C LYS B 685 -17.14 -26.26 22.68
N SER B 686 -17.27 -24.97 22.94
CA SER B 686 -17.45 -24.42 24.31
C SER B 686 -18.82 -24.85 24.83
N LYS B 693 -11.50 -36.72 22.59
CA LYS B 693 -12.84 -36.12 22.38
C LYS B 693 -12.71 -34.83 21.54
N SER B 694 -11.63 -34.04 21.65
CA SER B 694 -11.40 -32.96 20.65
C SER B 694 -11.22 -33.58 19.25
N GLU B 695 -11.73 -32.93 18.21
CA GLU B 695 -11.55 -33.36 16.81
C GLU B 695 -10.24 -32.80 16.24
N GLU B 696 -9.52 -33.57 15.42
CA GLU B 696 -8.25 -33.12 14.78
C GLU B 696 -8.54 -32.74 13.33
N ILE B 697 -7.90 -31.68 12.88
CA ILE B 697 -8.06 -31.14 11.50
C ILE B 697 -6.68 -30.76 10.99
N SER B 698 -6.42 -31.05 9.72
CA SER B 698 -5.26 -30.50 8.99
C SER B 698 -5.76 -29.61 7.86
N ILE B 699 -5.23 -28.40 7.79
CA ILE B 699 -5.70 -27.40 6.80
C ILE B 699 -4.46 -26.87 6.10
N ALA B 700 -4.48 -26.91 4.77
CA ALA B 700 -3.39 -26.40 3.93
C ALA B 700 -3.30 -24.87 4.01
N PRO B 701 -2.18 -24.32 3.51
CA PRO B 701 -2.03 -22.87 3.43
C PRO B 701 -3.19 -22.24 2.66
N PHE B 702 -3.68 -21.10 3.13
CA PHE B 702 -4.68 -20.25 2.43
C PHE B 702 -5.92 -21.08 2.07
N SER B 703 -6.33 -21.97 2.96
CA SER B 703 -7.35 -23.02 2.69
C SER B 703 -8.49 -22.92 3.70
N TYR B 704 -9.50 -23.75 3.47
CA TYR B 704 -10.75 -23.73 4.27
C TYR B 704 -11.21 -25.16 4.55
N LYS B 705 -11.95 -25.29 5.63
CA LYS B 705 -12.77 -26.49 5.90
C LYS B 705 -14.15 -26.04 6.24
N VAL B 706 -15.19 -26.82 5.88
CA VAL B 706 -16.54 -26.53 6.39
C VAL B 706 -17.12 -27.83 6.93
N ILE B 707 -17.61 -27.81 8.17
CA ILE B 707 -18.19 -29.00 8.85
C ILE B 707 -19.68 -28.68 9.09
N LYS B 708 -20.59 -29.56 8.69
CA LYS B 708 -22.02 -29.40 8.94
C LYS B 708 -22.45 -30.40 10.01
N GLU B 709 -23.14 -29.93 11.03
CA GLU B 709 -23.73 -30.80 12.08
C GLU B 709 -25.25 -30.63 12.03
N ASN B 710 -25.95 -31.74 12.09
CA ASN B 710 -27.43 -31.81 12.15
C ASN B 710 -27.79 -31.82 13.65
N LYS B 711 -28.48 -30.80 14.20
CA LYS B 711 -28.64 -30.61 15.67
C LYS B 711 -29.66 -31.60 16.27
#